data_2KKE
#
_entry.id   2KKE
#
_cell.length_a   1.000
_cell.length_b   1.000
_cell.length_c   1.000
_cell.angle_alpha   90.00
_cell.angle_beta   90.00
_cell.angle_gamma   90.00
#
_symmetry.space_group_name_H-M   'P 1'
#
_entity_poly.entity_id   1
_entity_poly.type   'polypeptide(L)'
_entity_poly.pdbx_seq_one_letter_code
;MVGRRPGGGLKDTKPVVVRLYPDEIEALKSRVPANTSMSAYIRRIILNHLEDE
;
_entity_poly.pdbx_strand_id   A,B
#
# COMPACT_ATOMS: atom_id res chain seq x y z
N MET A 1 -8.98 -19.52 0.00
CA MET A 1 -8.00 -20.63 -0.21
C MET A 1 -7.25 -20.95 1.09
N VAL A 2 -6.62 -22.12 1.16
CA VAL A 2 -5.84 -22.51 2.35
C VAL A 2 -4.43 -21.87 2.34
N GLY A 3 -3.85 -21.75 1.14
CA GLY A 3 -2.52 -21.15 1.02
C GLY A 3 -2.04 -21.09 -0.43
N ARG A 4 -2.95 -20.79 -1.35
CA ARG A 4 -2.62 -20.73 -2.78
C ARG A 4 -3.33 -19.56 -3.48
N ARG A 5 -2.63 -18.90 -4.38
CA ARG A 5 -3.16 -17.73 -5.09
C ARG A 5 -3.39 -18.02 -6.59
N PRO A 6 -4.30 -17.28 -7.25
CA PRO A 6 -4.65 -17.51 -8.66
C PRO A 6 -3.44 -17.61 -9.60
N GLY A 7 -3.44 -18.62 -10.48
CA GLY A 7 -2.34 -18.83 -11.41
C GLY A 7 -2.19 -17.71 -12.44
N GLY A 8 -0.95 -17.30 -12.69
CA GLY A 8 -0.68 -16.22 -13.64
C GLY A 8 -0.29 -14.91 -12.94
N GLY A 9 1.00 -14.57 -12.99
CA GLY A 9 1.50 -13.39 -12.29
C GLY A 9 1.05 -12.06 -12.89
N LEU A 10 0.02 -12.09 -13.74
CA LEU A 10 -0.58 -10.89 -14.30
C LEU A 10 -1.94 -10.59 -13.66
N LYS A 11 -2.48 -11.58 -12.94
CA LYS A 11 -3.78 -11.44 -12.27
C LYS A 11 -3.78 -12.15 -10.91
N ASP A 12 -2.58 -12.41 -10.38
CA ASP A 12 -2.42 -13.04 -9.07
C ASP A 12 -2.86 -12.10 -7.94
N THR A 13 -2.85 -10.81 -8.24
CA THR A 13 -3.20 -9.76 -7.29
C THR A 13 -4.19 -8.77 -7.90
N LYS A 14 -5.22 -8.40 -7.14
CA LYS A 14 -6.26 -7.49 -7.61
C LYS A 14 -5.82 -6.02 -7.49
N PRO A 15 -6.19 -5.17 -8.46
CA PRO A 15 -5.78 -3.75 -8.49
C PRO A 15 -6.50 -2.89 -7.44
N VAL A 16 -5.72 -2.15 -6.65
CA VAL A 16 -6.25 -1.24 -5.64
C VAL A 16 -5.38 0.02 -5.52
N VAL A 17 -6.01 1.17 -5.35
CA VAL A 17 -5.29 2.45 -5.26
C VAL A 17 -5.01 2.87 -3.81
N VAL A 18 -3.74 3.07 -3.49
CA VAL A 18 -3.33 3.59 -2.19
C VAL A 18 -2.70 4.99 -2.34
N ARG A 19 -3.00 5.90 -1.42
CA ARG A 19 -2.52 7.28 -1.54
C ARG A 19 -1.46 7.61 -0.47
N LEU A 20 -0.26 7.97 -0.92
CA LEU A 20 0.86 8.29 -0.02
C LEU A 20 1.24 9.78 -0.12
N TYR A 21 1.90 10.30 0.91
CA TYR A 21 2.26 11.73 0.97
C TYR A 21 3.43 12.07 0.03
N PRO A 22 3.38 13.24 -0.65
CA PRO A 22 4.38 13.64 -1.67
C PRO A 22 5.84 13.54 -1.18
N ASP A 23 6.15 14.15 -0.04
CA ASP A 23 7.51 14.16 0.49
C ASP A 23 8.00 12.73 0.81
N GLU A 24 7.09 11.88 1.25
CA GLU A 24 7.40 10.48 1.54
C GLU A 24 7.67 9.70 0.24
N ILE A 25 6.87 9.95 -0.80
CA ILE A 25 7.12 9.39 -2.12
C ILE A 25 8.46 9.90 -2.69
N GLU A 26 8.77 11.16 -2.40
CA GLU A 26 10.02 11.79 -2.82
C GLU A 26 11.23 11.19 -2.10
N ALA A 27 11.05 10.82 -0.84
CA ALA A 27 12.07 10.10 -0.08
C ALA A 27 12.21 8.64 -0.57
N LEU A 28 11.09 8.07 -1.01
CA LEU A 28 11.07 6.69 -1.51
C LEU A 28 11.73 6.55 -2.89
N LYS A 29 11.37 7.43 -3.82
CA LYS A 29 11.88 7.37 -5.20
C LYS A 29 13.42 7.41 -5.26
N SER A 30 14.04 8.01 -4.24
CA SER A 30 15.50 8.13 -4.18
C SER A 30 16.18 6.78 -3.87
N ARG A 31 15.43 5.85 -3.29
CA ARG A 31 15.99 4.56 -2.85
C ARG A 31 15.32 3.36 -3.53
N VAL A 32 14.69 3.59 -4.69
CA VAL A 32 14.09 2.49 -5.46
C VAL A 32 15.09 1.87 -6.44
N PRO A 33 14.98 0.55 -6.70
CA PRO A 33 15.86 -0.15 -7.65
C PRO A 33 15.53 0.14 -9.12
N ALA A 34 16.42 -0.28 -10.02
CA ALA A 34 16.24 -0.04 -11.46
C ALA A 34 15.63 -1.26 -12.18
N ASN A 35 15.05 -2.19 -11.41
CA ASN A 35 14.45 -3.41 -11.98
C ASN A 35 12.92 -3.40 -11.84
N THR A 36 12.43 -3.51 -10.60
CA THR A 36 10.99 -3.55 -10.34
C THR A 36 10.39 -2.13 -10.24
N SER A 37 9.33 -1.87 -11.02
CA SER A 37 8.65 -0.57 -10.99
C SER A 37 7.79 -0.40 -9.72
N MET A 38 7.42 0.85 -9.42
CA MET A 38 6.74 1.19 -8.16
C MET A 38 5.49 0.31 -7.88
N SER A 39 4.55 0.29 -8.82
CA SER A 39 3.27 -0.44 -8.63
C SER A 39 3.47 -1.91 -8.25
N ALA A 40 4.57 -2.51 -8.71
CA ALA A 40 4.89 -3.90 -8.36
C ALA A 40 5.81 -3.96 -7.12
N TYR A 41 6.68 -2.97 -6.99
CA TYR A 41 7.66 -2.91 -5.90
C TYR A 41 6.98 -2.76 -4.52
N ILE A 42 5.98 -1.90 -4.46
CA ILE A 42 5.26 -1.65 -3.21
C ILE A 42 4.48 -2.89 -2.72
N ARG A 43 4.21 -3.81 -3.65
CA ARG A 43 3.42 -5.01 -3.34
C ARG A 43 4.08 -5.87 -2.25
N ARG A 44 5.42 -5.88 -2.19
CA ARG A 44 6.14 -6.64 -1.16
C ARG A 44 5.93 -6.02 0.24
N ILE A 45 5.87 -4.68 0.29
CA ILE A 45 5.74 -3.96 1.56
C ILE A 45 4.42 -4.29 2.27
N ILE A 46 3.32 -4.15 1.55
CA ILE A 46 2.00 -4.47 2.10
C ILE A 46 1.83 -5.97 2.40
N LEU A 47 2.39 -6.81 1.53
CA LEU A 47 2.32 -8.27 1.68
C LEU A 47 2.85 -8.72 3.06
N ASN A 48 3.93 -8.10 3.51
CA ASN A 48 4.54 -8.43 4.81
C ASN A 48 3.51 -8.33 5.96
N HIS A 49 2.69 -7.28 5.95
CA HIS A 49 1.68 -7.08 7.00
C HIS A 49 0.56 -8.14 6.92
N LEU A 50 0.41 -8.76 5.75
CA LEU A 50 -0.59 -9.82 5.57
C LEU A 50 -0.07 -11.18 6.07
N GLU A 51 1.00 -11.69 5.46
CA GLU A 51 1.53 -13.02 5.82
C GLU A 51 2.33 -13.02 7.13
N ASP A 52 3.28 -12.09 7.30
CA ASP A 52 4.07 -12.02 8.53
C ASP A 52 3.19 -11.63 9.72
N GLU A 53 2.40 -10.56 9.53
CA GLU A 53 1.36 -10.19 10.50
C GLU A 53 -0.01 -10.65 9.99
N MET B 1 11.37 25.18 6.87
CA MET B 1 10.13 25.21 6.11
C MET B 1 10.30 25.99 4.80
N VAL B 2 10.84 25.31 3.79
CA VAL B 2 10.98 25.88 2.44
C VAL B 2 10.19 25.04 1.41
N GLY B 3 9.37 24.12 1.91
CA GLY B 3 8.62 23.21 1.04
C GLY B 3 7.87 22.14 1.82
N ARG B 4 6.98 22.56 2.71
CA ARG B 4 6.23 21.64 3.57
C ARG B 4 4.73 21.95 3.61
N ARG B 5 3.96 20.94 4.02
CA ARG B 5 2.52 21.06 4.31
C ARG B 5 1.67 21.42 3.08
N PRO B 6 1.34 20.42 2.25
CA PRO B 6 0.34 20.56 1.19
C PRO B 6 -1.05 20.08 1.66
N GLY B 7 -1.98 19.88 0.73
CA GLY B 7 -3.27 19.28 1.07
C GLY B 7 -4.12 20.07 2.07
N GLY B 8 -3.79 19.94 3.36
CA GLY B 8 -4.52 20.64 4.41
C GLY B 8 -5.04 19.70 5.51
N GLY B 9 -4.26 18.66 5.82
CA GLY B 9 -4.66 17.69 6.84
C GLY B 9 -5.76 16.73 6.36
N LEU B 10 -5.96 16.67 5.05
CA LEU B 10 -7.03 15.85 4.44
C LEU B 10 -6.61 15.31 3.06
N LYS B 11 -6.42 16.22 2.11
CA LYS B 11 -6.10 15.85 0.72
C LYS B 11 -4.59 15.93 0.43
N ASP B 12 -3.78 15.57 1.42
CA ASP B 12 -2.31 15.67 1.33
C ASP B 12 -1.68 14.52 0.53
N THR B 13 -2.47 13.49 0.23
CA THR B 13 -1.94 12.24 -0.33
C THR B 13 -2.11 12.13 -1.85
N LYS B 14 -1.05 11.67 -2.53
CA LYS B 14 -1.06 11.46 -3.98
C LYS B 14 -1.52 10.02 -4.32
N PRO B 15 -2.28 9.83 -5.42
CA PRO B 15 -2.80 8.51 -5.82
C PRO B 15 -1.72 7.57 -6.40
N VAL B 16 -1.50 6.43 -5.73
CA VAL B 16 -0.57 5.41 -6.21
C VAL B 16 -1.29 4.06 -6.43
N VAL B 17 -1.28 3.57 -7.67
CA VAL B 17 -1.95 2.30 -8.00
C VAL B 17 -1.07 1.08 -7.68
N VAL B 18 -1.61 0.16 -6.89
CA VAL B 18 -0.87 -1.05 -6.47
C VAL B 18 -1.78 -2.31 -6.57
N ARG B 19 -1.27 -3.47 -6.16
CA ARG B 19 -2.06 -4.72 -6.19
C ARG B 19 -1.87 -5.56 -4.91
N LEU B 20 -2.92 -6.29 -4.53
CA LEU B 20 -2.86 -7.20 -3.36
C LEU B 20 -3.57 -8.54 -3.66
N TYR B 21 -3.12 -9.63 -3.02
CA TYR B 21 -3.66 -10.97 -3.29
C TYR B 21 -5.12 -11.12 -2.84
N PRO B 22 -6.03 -11.48 -3.78
CA PRO B 22 -7.49 -11.55 -3.52
C PRO B 22 -7.87 -12.37 -2.27
N ASP B 23 -7.22 -13.51 -2.10
CA ASP B 23 -7.45 -14.37 -0.94
C ASP B 23 -7.26 -13.61 0.38
N GLU B 24 -6.10 -12.98 0.53
CA GLU B 24 -5.75 -12.26 1.76
C GLU B 24 -6.52 -10.93 1.87
N ILE B 25 -7.01 -10.40 0.74
CA ILE B 25 -7.86 -9.20 0.76
C ILE B 25 -9.17 -9.47 1.53
N GLU B 26 -9.90 -10.50 1.09
CA GLU B 26 -11.17 -10.86 1.73
C GLU B 26 -10.95 -11.40 3.15
N ALA B 27 -9.80 -12.03 3.38
CA ALA B 27 -9.40 -12.46 4.72
C ALA B 27 -9.09 -11.25 5.61
N LEU B 28 -8.46 -10.23 5.02
CA LEU B 28 -8.07 -9.01 5.75
C LEU B 28 -9.30 -8.24 6.26
N LYS B 29 -10.33 -8.10 5.42
CA LYS B 29 -11.53 -7.35 5.82
C LYS B 29 -12.23 -7.98 7.04
N SER B 30 -11.94 -9.25 7.30
CA SER B 30 -12.50 -9.96 8.47
C SER B 30 -11.79 -9.55 9.77
N ARG B 31 -10.66 -8.83 9.66
CA ARG B 31 -9.88 -8.43 10.84
C ARG B 31 -9.60 -6.91 10.88
N VAL B 32 -10.24 -6.14 10.00
CA VAL B 32 -10.11 -4.68 10.00
C VAL B 32 -11.22 -4.01 10.83
N PRO B 33 -10.90 -2.91 11.54
CA PRO B 33 -11.89 -2.19 12.36
C PRO B 33 -13.06 -1.63 11.52
N ALA B 34 -14.30 -1.90 11.97
CA ALA B 34 -15.50 -1.42 11.25
C ALA B 34 -15.52 0.11 11.12
N ASN B 35 -14.81 0.80 12.01
CA ASN B 35 -14.71 2.27 11.97
C ASN B 35 -13.51 2.72 11.12
N THR B 36 -12.99 1.83 10.28
CA THR B 36 -11.88 2.15 9.39
C THR B 36 -11.97 1.37 8.07
N SER B 37 -12.12 2.09 6.96
CA SER B 37 -12.12 1.47 5.62
C SER B 37 -10.79 0.79 5.31
N MET B 38 -10.82 -0.22 4.44
CA MET B 38 -9.59 -0.94 4.06
C MET B 38 -8.56 0.00 3.43
N SER B 39 -9.03 1.00 2.69
CA SER B 39 -8.15 2.01 2.08
C SER B 39 -7.42 2.82 3.15
N ALA B 40 -8.19 3.40 4.07
CA ALA B 40 -7.63 4.13 5.21
C ALA B 40 -6.74 3.22 6.08
N TYR B 41 -7.11 1.94 6.17
CA TYR B 41 -6.31 0.96 6.91
C TYR B 41 -4.92 0.78 6.29
N ILE B 42 -4.87 0.63 4.97
CA ILE B 42 -3.58 0.50 4.28
C ILE B 42 -2.75 1.78 4.39
N ARG B 43 -3.41 2.94 4.36
CA ARG B 43 -2.70 4.23 4.44
C ARG B 43 -2.02 4.43 5.81
N ARG B 44 -2.73 4.12 6.90
CA ARG B 44 -2.16 4.23 8.24
C ARG B 44 -1.00 3.24 8.43
N ILE B 45 -1.10 2.06 7.81
CA ILE B 45 -0.01 1.07 7.84
C ILE B 45 1.27 1.61 7.19
N ILE B 46 1.16 2.08 5.96
CA ILE B 46 2.33 2.63 5.24
C ILE B 46 2.87 3.90 5.94
N LEU B 47 1.96 4.71 6.50
CA LEU B 47 2.35 5.89 7.26
C LEU B 47 3.32 5.52 8.41
N ASN B 48 2.92 4.55 9.23
CA ASN B 48 3.79 4.04 10.31
C ASN B 48 5.03 3.32 9.74
N HIS B 49 4.96 2.90 8.48
CA HIS B 49 6.09 2.23 7.83
C HIS B 49 7.15 3.25 7.38
N LEU B 50 6.73 4.41 6.89
CA LEU B 50 7.67 5.44 6.40
C LEU B 50 8.50 6.06 7.54
N GLU B 51 7.93 6.14 8.75
CA GLU B 51 8.69 6.61 9.91
C GLU B 51 9.63 5.51 10.43
N ASP B 52 9.36 4.27 10.04
CA ASP B 52 10.22 3.12 10.39
C ASP B 52 11.39 2.98 9.40
N GLU B 53 11.06 3.07 8.11
CA GLU B 53 12.07 3.03 7.03
C GLU B 53 11.66 3.96 5.86
N MET A 1 -8.66 -19.68 0.79
CA MET A 1 -7.92 -20.94 0.55
C MET A 1 -7.09 -21.37 1.78
N VAL A 2 -6.74 -22.65 1.84
CA VAL A 2 -5.95 -23.18 2.96
C VAL A 2 -4.58 -22.49 3.11
N GLY A 3 -4.05 -21.98 2.00
CA GLY A 3 -2.75 -21.31 2.02
C GLY A 3 -2.18 -21.09 0.62
N ARG A 4 -2.63 -21.90 -0.34
CA ARG A 4 -2.16 -21.79 -1.73
C ARG A 4 -2.57 -20.47 -2.37
N ARG A 5 -1.56 -19.69 -2.76
CA ARG A 5 -1.76 -18.34 -3.32
C ARG A 5 -2.04 -18.38 -4.84
N PRO A 6 -2.98 -17.54 -5.33
CA PRO A 6 -3.28 -17.44 -6.77
C PRO A 6 -2.05 -17.15 -7.64
N GLY A 7 -2.04 -17.72 -8.86
CA GLY A 7 -0.90 -17.55 -9.76
C GLY A 7 -1.21 -16.71 -10.98
N GLY A 8 -0.32 -16.72 -11.97
CA GLY A 8 -0.50 -15.94 -13.18
C GLY A 8 0.61 -14.92 -13.42
N GLY A 9 1.07 -14.28 -12.35
CA GLY A 9 2.17 -13.31 -12.45
C GLY A 9 1.71 -11.89 -12.78
N LEU A 10 0.88 -11.75 -13.82
CA LEU A 10 0.40 -10.42 -14.25
C LEU A 10 -0.94 -10.07 -13.58
N LYS A 11 -1.87 -11.01 -13.57
CA LYS A 11 -3.19 -10.81 -12.93
C LYS A 11 -3.35 -11.69 -11.68
N ASP A 12 -2.23 -12.00 -11.04
CA ASP A 12 -2.22 -12.82 -9.82
C ASP A 12 -2.83 -12.07 -8.62
N THR A 13 -2.82 -10.75 -8.72
CA THR A 13 -3.26 -9.88 -7.63
C THR A 13 -4.26 -8.81 -8.13
N LYS A 14 -5.27 -8.52 -7.31
CA LYS A 14 -6.30 -7.51 -7.66
C LYS A 14 -5.80 -6.09 -7.38
N PRO A 15 -6.08 -5.13 -8.28
CA PRO A 15 -5.63 -3.73 -8.13
C PRO A 15 -6.49 -2.91 -7.14
N VAL A 16 -5.87 -2.48 -6.04
CA VAL A 16 -6.52 -1.61 -5.05
C VAL A 16 -5.70 -0.31 -4.86
N VAL A 17 -6.39 0.83 -4.70
CA VAL A 17 -5.72 2.12 -4.58
C VAL A 17 -5.53 2.54 -3.11
N VAL A 18 -4.32 2.97 -2.76
CA VAL A 18 -4.01 3.50 -1.42
C VAL A 18 -3.35 4.88 -1.54
N ARG A 19 -3.43 5.69 -0.48
CA ARG A 19 -2.90 7.07 -0.54
C ARG A 19 -1.67 7.25 0.38
N LEU A 20 -0.64 7.92 -0.15
CA LEU A 20 0.60 8.19 0.61
C LEU A 20 1.04 9.67 0.46
N TYR A 21 1.71 10.21 1.47
CA TYR A 21 2.15 11.62 1.45
C TYR A 21 3.26 11.85 0.40
N PRO A 22 3.23 13.00 -0.32
CA PRO A 22 4.21 13.31 -1.38
C PRO A 22 5.66 13.32 -0.85
N ASP A 23 5.83 13.78 0.38
CA ASP A 23 7.15 13.76 1.05
C ASP A 23 7.72 12.34 1.04
N GLU A 24 6.87 11.37 1.39
CA GLU A 24 7.25 9.97 1.48
C GLU A 24 7.41 9.34 0.10
N ILE A 25 6.45 9.62 -0.80
CA ILE A 25 6.52 9.15 -2.18
C ILE A 25 7.86 9.54 -2.83
N GLU A 26 8.29 10.77 -2.58
CA GLU A 26 9.60 11.24 -3.05
C GLU A 26 10.74 10.53 -2.32
N ALA A 27 10.67 10.50 -0.99
CA ALA A 27 11.67 9.81 -0.16
C ALA A 27 11.71 8.29 -0.46
N LEU A 28 10.65 7.79 -1.08
CA LEU A 28 10.55 6.38 -1.47
C LEU A 28 11.17 6.13 -2.84
N LYS A 29 10.70 6.89 -3.84
CA LYS A 29 11.22 6.75 -5.22
C LYS A 29 12.73 7.00 -5.28
N SER A 30 13.24 7.78 -4.33
CA SER A 30 14.67 8.09 -4.23
C SER A 30 15.50 6.83 -3.89
N ARG A 31 14.82 5.78 -3.41
CA ARG A 31 15.50 4.55 -2.98
C ARG A 31 14.75 3.27 -3.43
N VAL A 32 14.11 3.31 -4.60
CA VAL A 32 13.44 2.13 -5.15
C VAL A 32 14.40 1.31 -6.04
N PRO A 33 14.20 -0.04 -6.11
CA PRO A 33 15.02 -0.93 -6.96
C PRO A 33 14.97 -0.57 -8.45
N ALA A 34 16.09 -0.75 -9.15
CA ALA A 34 16.17 -0.40 -10.58
C ALA A 34 15.28 -1.29 -11.46
N ASN A 35 14.98 -2.49 -10.96
CA ASN A 35 14.15 -3.45 -11.71
C ASN A 35 12.69 -3.48 -11.19
N THR A 36 12.29 -2.47 -10.43
CA THR A 36 10.95 -2.45 -9.81
C THR A 36 10.38 -1.03 -9.74
N SER A 37 9.17 -0.83 -10.29
CA SER A 37 8.48 0.47 -10.21
C SER A 37 7.76 0.62 -8.87
N MET A 38 7.13 1.77 -8.64
CA MET A 38 6.43 2.06 -7.38
C MET A 38 5.39 0.97 -7.04
N SER A 39 4.44 0.77 -7.94
CA SER A 39 3.34 -0.20 -7.73
C SER A 39 3.85 -1.59 -7.33
N ALA A 40 4.86 -2.09 -8.04
CA ALA A 40 5.43 -3.41 -7.76
C ALA A 40 6.17 -3.44 -6.41
N TYR A 41 6.84 -2.34 -6.07
CA TYR A 41 7.53 -2.23 -4.78
C TYR A 41 6.53 -2.19 -3.62
N ILE A 42 5.50 -1.36 -3.76
CA ILE A 42 4.44 -1.27 -2.75
C ILE A 42 3.74 -2.63 -2.56
N ARG A 43 3.61 -3.39 -3.65
CA ARG A 43 2.97 -4.71 -3.59
C ARG A 43 3.71 -5.65 -2.63
N ARG A 44 5.04 -5.61 -2.63
CA ARG A 44 5.83 -6.44 -1.71
C ARG A 44 5.67 -5.94 -0.26
N ILE A 45 5.50 -4.62 -0.11
CA ILE A 45 5.32 -4.01 1.22
C ILE A 45 4.04 -4.53 1.90
N ILE A 46 2.91 -4.37 1.23
CA ILE A 46 1.63 -4.86 1.78
C ILE A 46 1.62 -6.39 1.90
N LEU A 47 2.14 -7.08 0.89
CA LEU A 47 2.24 -8.54 0.91
C LEU A 47 3.04 -9.03 2.13
N ASN A 48 4.30 -8.61 2.21
CA ASN A 48 5.19 -9.01 3.32
C ASN A 48 4.69 -8.50 4.69
N HIS A 49 3.62 -7.71 4.68
CA HIS A 49 2.99 -7.24 5.92
C HIS A 49 1.72 -8.06 6.22
N LEU A 50 1.00 -8.45 5.17
CA LEU A 50 -0.24 -9.24 5.31
C LEU A 50 0.05 -10.72 5.60
N GLU A 51 0.91 -11.34 4.78
CA GLU A 51 1.31 -12.74 5.02
C GLU A 51 2.15 -12.86 6.30
N ASP A 52 2.80 -11.75 6.70
CA ASP A 52 3.50 -11.68 7.98
C ASP A 52 2.49 -11.84 9.14
N GLU A 53 1.58 -10.87 9.25
CA GLU A 53 0.45 -10.97 10.18
C GLU A 53 -0.54 -12.03 9.67
N MET B 1 9.01 26.35 7.03
CA MET B 1 8.00 25.79 6.12
C MET B 1 8.28 26.23 4.67
N VAL B 2 9.17 25.49 3.99
CA VAL B 2 9.56 25.82 2.61
C VAL B 2 9.16 24.68 1.64
N GLY B 3 8.26 23.80 2.08
CA GLY B 3 7.81 22.69 1.26
C GLY B 3 7.05 21.63 2.04
N ARG B 4 6.26 22.05 3.02
CA ARG B 4 5.49 21.13 3.85
C ARG B 4 3.99 21.45 3.82
N ARG B 5 3.18 20.43 4.13
CA ARG B 5 1.73 20.56 4.23
C ARG B 5 1.04 20.91 2.89
N PRO B 6 0.75 19.89 2.08
CA PRO B 6 -0.15 20.02 0.93
C PRO B 6 -1.62 19.78 1.34
N GLY B 7 -2.51 19.57 0.38
CA GLY B 7 -3.90 19.20 0.69
C GLY B 7 -4.61 20.18 1.64
N GLY B 8 -4.41 20.00 2.95
CA GLY B 8 -5.02 20.88 3.94
C GLY B 8 -5.37 20.19 5.25
N GLY B 9 -4.61 19.16 5.62
CA GLY B 9 -4.87 18.44 6.87
C GLY B 9 -5.66 17.15 6.70
N LEU B 10 -5.91 16.77 5.44
CA LEU B 10 -6.68 15.54 5.13
C LEU B 10 -6.23 14.94 3.79
N LYS B 11 -6.46 15.67 2.70
CA LYS B 11 -6.12 15.21 1.35
C LYS B 11 -4.63 15.47 1.01
N ASP B 12 -3.78 15.41 2.03
CA ASP B 12 -2.35 15.70 1.89
C ASP B 12 -1.58 14.53 1.26
N THR B 13 -2.28 13.65 0.54
CA THR B 13 -1.68 12.43 -0.01
C THR B 13 -2.00 12.24 -1.50
N LYS B 14 -1.14 11.52 -2.22
CA LYS B 14 -1.37 11.21 -3.64
C LYS B 14 -1.85 9.75 -3.81
N PRO B 15 -2.58 9.45 -4.91
CA PRO B 15 -3.12 8.10 -5.16
C PRO B 15 -2.06 7.11 -5.71
N VAL B 16 -1.75 6.09 -4.92
CA VAL B 16 -0.83 5.01 -5.34
C VAL B 16 -1.59 3.71 -5.59
N VAL B 17 -1.64 3.26 -6.84
CA VAL B 17 -2.34 2.03 -7.19
C VAL B 17 -1.44 0.79 -6.99
N VAL B 18 -1.89 -0.14 -6.15
CA VAL B 18 -1.14 -1.35 -5.84
C VAL B 18 -2.02 -2.60 -6.06
N ARG B 19 -1.44 -3.80 -5.92
CA ARG B 19 -2.21 -5.04 -6.09
C ARG B 19 -2.04 -5.98 -4.88
N LEU B 20 -3.10 -6.71 -4.55
CA LEU B 20 -3.08 -7.69 -3.45
C LEU B 20 -3.89 -8.94 -3.80
N TYR B 21 -3.54 -10.08 -3.21
CA TYR B 21 -4.23 -11.35 -3.50
C TYR B 21 -5.68 -11.37 -2.94
N PRO B 22 -6.65 -11.85 -3.74
CA PRO B 22 -8.08 -11.88 -3.34
C PRO B 22 -8.32 -12.43 -1.92
N ASP B 23 -7.60 -13.51 -1.58
CA ASP B 23 -7.72 -14.12 -0.24
C ASP B 23 -7.37 -13.10 0.85
N GLU B 24 -6.16 -12.54 0.77
CA GLU B 24 -5.67 -11.56 1.74
C GLU B 24 -6.55 -10.31 1.77
N ILE B 25 -7.15 -9.96 0.64
CA ILE B 25 -8.09 -8.83 0.56
C ILE B 25 -9.30 -9.05 1.49
N GLU B 26 -9.85 -10.26 1.47
CA GLU B 26 -10.97 -10.61 2.37
C GLU B 26 -10.49 -10.70 3.82
N ALA B 27 -9.36 -11.38 4.03
CA ALA B 27 -8.74 -11.47 5.36
C ALA B 27 -8.43 -10.07 5.93
N LEU B 28 -8.10 -9.14 5.03
CA LEU B 28 -7.83 -7.75 5.40
C LEU B 28 -9.10 -7.07 5.97
N LYS B 29 -10.17 -7.02 5.18
CA LYS B 29 -11.41 -6.39 5.64
C LYS B 29 -12.03 -7.16 6.82
N SER B 30 -11.57 -8.39 7.04
CA SER B 30 -11.97 -9.17 8.22
C SER B 30 -11.32 -8.66 9.50
N ARG B 31 -10.13 -8.05 9.38
CA ARG B 31 -9.38 -7.55 10.54
C ARG B 31 -9.49 -6.03 10.72
N VAL B 32 -9.77 -5.29 9.63
CA VAL B 32 -9.87 -3.83 9.70
C VAL B 32 -11.12 -3.37 10.48
N PRO B 33 -11.11 -2.16 11.06
CA PRO B 33 -12.27 -1.59 11.74
C PRO B 33 -13.32 -1.03 10.75
N ALA B 34 -14.59 -1.36 10.97
CA ALA B 34 -15.68 -0.90 10.09
C ALA B 34 -15.80 0.62 10.06
N ASN B 35 -15.18 1.29 11.03
CA ASN B 35 -15.20 2.76 11.12
C ASN B 35 -14.24 3.38 10.08
N THR B 36 -13.33 2.58 9.55
CA THR B 36 -12.33 3.06 8.57
C THR B 36 -12.22 2.11 7.37
N SER B 37 -12.28 2.65 6.16
CA SER B 37 -12.22 1.83 4.92
C SER B 37 -10.84 1.17 4.74
N MET B 38 -10.82 0.11 3.92
CA MET B 38 -9.60 -0.66 3.66
C MET B 38 -8.44 0.22 3.17
N SER B 39 -8.71 1.07 2.17
CA SER B 39 -7.68 1.95 1.60
C SER B 39 -7.12 2.92 2.65
N ALA B 40 -8.02 3.52 3.43
CA ALA B 40 -7.63 4.43 4.51
C ALA B 40 -6.84 3.69 5.61
N TYR B 41 -7.16 2.42 5.82
CA TYR B 41 -6.44 1.57 6.78
C TYR B 41 -5.00 1.30 6.31
N ILE B 42 -4.88 0.79 5.07
CA ILE B 42 -3.56 0.48 4.49
C ILE B 42 -2.64 1.71 4.50
N ARG B 43 -3.24 2.90 4.43
CA ARG B 43 -2.50 4.16 4.47
C ARG B 43 -1.54 4.23 5.68
N ARG B 44 -1.97 3.68 6.82
CA ARG B 44 -1.11 3.68 8.02
C ARG B 44 0.03 2.66 7.89
N ILE B 45 -0.23 1.57 7.16
CA ILE B 45 0.77 0.51 6.98
C ILE B 45 1.93 1.00 6.11
N ILE B 46 1.63 1.59 4.96
CA ILE B 46 2.67 2.17 4.11
C ILE B 46 3.35 3.36 4.81
N LEU B 47 2.57 4.11 5.61
CA LEU B 47 3.10 5.18 6.44
C LEU B 47 4.21 4.65 7.38
N ASN B 48 3.92 3.51 8.04
CA ASN B 48 4.91 2.87 8.91
C ASN B 48 6.16 2.44 8.15
N HIS B 49 6.00 1.98 6.90
CA HIS B 49 7.15 1.61 6.07
C HIS B 49 8.14 2.77 5.95
N LEU B 50 7.67 3.94 5.55
CA LEU B 50 8.56 5.08 5.28
C LEU B 50 9.21 5.65 6.55
N GLU B 51 8.51 5.59 7.69
CA GLU B 51 9.05 6.10 8.96
C GLU B 51 10.00 5.08 9.63
N ASP B 52 9.72 3.79 9.45
CA ASP B 52 10.51 2.73 10.09
C ASP B 52 11.62 2.19 9.16
N GLU B 53 11.26 1.88 7.92
CA GLU B 53 12.22 1.34 6.94
C GLU B 53 12.32 2.24 5.67
N MET A 1 -7.98 -20.02 1.09
CA MET A 1 -6.57 -20.39 0.81
C MET A 1 -5.73 -20.41 2.08
N VAL A 2 -5.31 -21.61 2.52
CA VAL A 2 -4.50 -21.75 3.74
C VAL A 2 -3.01 -21.41 3.46
N GLY A 3 -2.59 -21.50 2.21
CA GLY A 3 -1.21 -21.20 1.84
C GLY A 3 -1.00 -21.03 0.34
N ARG A 4 -1.70 -21.81 -0.46
CA ARG A 4 -1.58 -21.72 -1.93
C ARG A 4 -2.20 -20.41 -2.45
N ARG A 5 -1.35 -19.52 -2.96
CA ARG A 5 -1.80 -18.23 -3.47
C ARG A 5 -2.38 -18.32 -4.89
N PRO A 6 -3.24 -17.34 -5.29
CA PRO A 6 -3.92 -17.32 -6.61
C PRO A 6 -3.01 -17.70 -7.81
N GLY A 7 -3.63 -18.21 -8.88
CA GLY A 7 -2.88 -18.70 -10.02
C GLY A 7 -3.31 -18.09 -11.36
N GLY A 8 -2.45 -18.25 -12.37
CA GLY A 8 -2.74 -17.72 -13.70
C GLY A 8 -1.47 -17.29 -14.43
N GLY A 9 -0.61 -16.54 -13.74
CA GLY A 9 0.61 -16.01 -14.34
C GLY A 9 0.72 -14.49 -14.21
N LEU A 10 -0.12 -13.78 -14.95
CA LEU A 10 -0.22 -12.31 -14.84
C LEU A 10 -1.27 -11.91 -13.80
N LYS A 11 -2.38 -12.64 -13.77
CA LYS A 11 -3.45 -12.38 -12.79
C LYS A 11 -3.19 -13.15 -11.48
N ASP A 12 -2.47 -12.51 -10.56
CA ASP A 12 -2.20 -13.10 -9.24
C ASP A 12 -2.71 -12.21 -8.11
N THR A 13 -2.85 -10.91 -8.41
CA THR A 13 -3.23 -9.91 -7.41
C THR A 13 -4.23 -8.89 -7.96
N LYS A 14 -5.01 -8.27 -7.06
CA LYS A 14 -6.01 -7.26 -7.44
C LYS A 14 -5.48 -5.83 -7.22
N PRO A 15 -5.81 -4.88 -8.11
CA PRO A 15 -5.39 -3.47 -8.00
C PRO A 15 -6.17 -2.69 -6.93
N VAL A 16 -5.54 -2.45 -5.78
CA VAL A 16 -6.13 -1.64 -4.71
C VAL A 16 -5.50 -0.24 -4.69
N VAL A 17 -6.34 0.79 -4.49
CA VAL A 17 -5.87 2.18 -4.48
C VAL A 17 -5.70 2.71 -3.04
N VAL A 18 -4.57 3.35 -2.78
CA VAL A 18 -4.28 3.91 -1.45
C VAL A 18 -3.75 5.35 -1.56
N ARG A 19 -4.14 6.21 -0.61
CA ARG A 19 -3.66 7.59 -0.58
C ARG A 19 -2.61 7.80 0.51
N LEU A 20 -1.34 7.97 0.11
CA LEU A 20 -0.23 8.17 1.05
C LEU A 20 0.30 9.61 0.98
N TYR A 21 0.99 10.04 2.04
CA TYR A 21 1.55 11.40 2.10
C TYR A 21 2.71 11.57 1.11
N PRO A 22 2.79 12.73 0.41
CA PRO A 22 3.85 13.01 -0.59
C PRO A 22 5.27 12.79 -0.05
N ASP A 23 5.50 13.28 1.18
CA ASP A 23 6.79 13.12 1.86
C ASP A 23 7.32 11.68 1.77
N GLU A 24 6.48 10.74 2.18
CA GLU A 24 6.86 9.31 2.22
C GLU A 24 7.05 8.74 0.81
N ILE A 25 6.08 8.97 -0.08
CA ILE A 25 6.15 8.50 -1.46
C ILE A 25 7.45 8.96 -2.15
N GLU A 26 7.78 10.24 -1.96
CA GLU A 26 8.95 10.83 -2.61
C GLU A 26 10.26 10.44 -1.90
N ALA A 27 10.19 10.20 -0.61
CA ALA A 27 11.35 9.72 0.16
C ALA A 27 11.66 8.25 -0.15
N LEU A 28 10.62 7.47 -0.41
CA LEU A 28 10.78 6.04 -0.74
C LEU A 28 11.44 5.85 -2.11
N LYS A 29 11.01 6.61 -3.11
CA LYS A 29 11.57 6.50 -4.46
C LYS A 29 13.06 6.90 -4.50
N SER A 30 13.55 7.44 -3.39
CA SER A 30 14.97 7.82 -3.25
C SER A 30 15.88 6.58 -3.17
N ARG A 31 15.29 5.40 -2.95
CA ARG A 31 16.07 4.16 -2.80
C ARG A 31 15.50 3.00 -3.63
N VAL A 32 14.69 3.30 -4.65
CA VAL A 32 14.10 2.26 -5.50
C VAL A 32 14.98 1.99 -6.74
N PRO A 33 15.26 0.70 -7.03
CA PRO A 33 16.09 0.31 -8.20
C PRO A 33 15.50 0.78 -9.54
N ALA A 34 16.36 1.27 -10.43
CA ALA A 34 15.93 1.79 -11.75
C ALA A 34 15.28 0.71 -12.64
N ASN A 35 15.38 -0.55 -12.22
CA ASN A 35 14.79 -1.66 -12.98
C ASN A 35 13.45 -2.12 -12.36
N THR A 36 13.13 -1.61 -11.17
CA THR A 36 11.92 -2.03 -10.44
C THR A 36 10.88 -0.91 -10.39
N SER A 37 9.75 -1.13 -11.04
CA SER A 37 8.63 -0.17 -11.04
C SER A 37 7.99 -0.07 -9.65
N MET A 38 7.61 1.15 -9.27
CA MET A 38 7.00 1.39 -7.95
C MET A 38 5.70 0.57 -7.76
N SER A 39 4.90 0.44 -8.82
CA SER A 39 3.64 -0.33 -8.76
C SER A 39 3.87 -1.75 -8.21
N ALA A 40 4.94 -2.40 -8.67
CA ALA A 40 5.29 -3.73 -8.20
C ALA A 40 6.17 -3.67 -6.93
N TYR A 41 6.94 -2.59 -6.78
CA TYR A 41 7.80 -2.41 -5.62
C TYR A 41 6.99 -2.32 -4.32
N ILE A 42 5.93 -1.50 -4.33
CA ILE A 42 5.06 -1.36 -3.17
C ILE A 42 4.41 -2.71 -2.79
N ARG A 43 4.25 -3.59 -3.79
CA ARG A 43 3.59 -4.88 -3.58
C ARG A 43 4.41 -5.77 -2.61
N ARG A 44 5.75 -5.67 -2.65
CA ARG A 44 6.58 -6.43 -1.71
C ARG A 44 6.44 -5.84 -0.29
N ILE A 45 6.31 -4.51 -0.22
CA ILE A 45 6.20 -3.80 1.06
C ILE A 45 4.93 -4.21 1.82
N ILE A 46 3.80 -4.18 1.13
CA ILE A 46 2.53 -4.60 1.73
C ILE A 46 2.50 -6.12 1.98
N LEU A 47 3.00 -6.91 1.01
CA LEU A 47 3.05 -8.38 1.14
C LEU A 47 3.78 -8.80 2.43
N ASN A 48 5.00 -8.31 2.62
CA ASN A 48 5.81 -8.63 3.80
C ASN A 48 5.08 -8.28 5.11
N HIS A 49 4.06 -7.43 5.04
CA HIS A 49 3.30 -7.02 6.23
C HIS A 49 1.87 -7.58 6.22
N LEU A 50 1.45 -8.15 5.09
CA LEU A 50 0.14 -8.83 4.99
C LEU A 50 0.21 -10.25 5.59
N GLU A 51 1.23 -11.01 5.19
CA GLU A 51 1.49 -12.33 5.82
C GLU A 51 2.11 -12.15 7.22
N ASP A 52 2.28 -10.89 7.62
CA ASP A 52 2.70 -10.54 8.98
C ASP A 52 1.45 -10.23 9.84
N GLU A 53 0.58 -9.34 9.34
CA GLU A 53 -0.74 -9.11 9.93
C GLU A 53 -1.82 -9.75 9.05
N MET B 1 11.68 25.36 6.76
CA MET B 1 10.70 24.59 5.99
C MET B 1 10.74 24.99 4.50
N VAL B 2 11.33 24.13 3.68
CA VAL B 2 11.49 24.41 2.24
C VAL B 2 10.26 23.97 1.42
N GLY B 3 9.17 23.62 2.10
CA GLY B 3 7.95 23.22 1.40
C GLY B 3 7.20 22.09 2.10
N ARG B 4 6.76 22.34 3.33
CA ARG B 4 6.00 21.36 4.11
C ARG B 4 4.54 21.80 4.33
N ARG B 5 3.69 20.87 4.76
CA ARG B 5 2.26 21.13 4.94
C ARG B 5 1.58 21.52 3.61
N PRO B 6 1.20 20.51 2.79
CA PRO B 6 0.63 20.74 1.44
C PRO B 6 -0.73 21.48 1.46
N GLY B 7 -1.82 20.76 1.75
CA GLY B 7 -3.16 21.33 1.63
C GLY B 7 -3.88 21.51 2.96
N GLY B 8 -3.45 20.80 4.00
CA GLY B 8 -4.06 20.94 5.32
C GLY B 8 -4.15 19.63 6.09
N GLY B 9 -4.51 18.55 5.40
CA GLY B 9 -4.63 17.25 6.04
C GLY B 9 -5.64 16.31 5.38
N LEU B 10 -6.03 16.61 4.13
CA LEU B 10 -7.01 15.80 3.39
C LEU B 10 -6.52 15.49 1.96
N LYS B 11 -6.62 16.49 1.08
CA LYS B 11 -6.20 16.36 -0.32
C LYS B 11 -4.67 16.24 -0.45
N ASP B 12 -3.99 16.36 0.69
CA ASP B 12 -2.53 16.24 0.77
C ASP B 12 -2.04 14.87 0.26
N THR B 13 -2.82 13.84 0.55
CA THR B 13 -2.43 12.46 0.23
C THR B 13 -2.62 12.10 -1.25
N LYS B 14 -1.60 11.47 -1.85
CA LYS B 14 -1.63 11.08 -3.27
C LYS B 14 -2.20 9.66 -3.45
N PRO B 15 -3.23 9.50 -4.30
CA PRO B 15 -3.84 8.18 -4.57
C PRO B 15 -3.01 7.30 -5.53
N VAL B 16 -2.22 6.40 -4.97
CA VAL B 16 -1.40 5.48 -5.77
C VAL B 16 -2.05 4.08 -5.87
N VAL B 17 -1.95 3.46 -7.04
CA VAL B 17 -2.53 2.13 -7.26
C VAL B 17 -1.47 1.02 -7.12
N VAL B 18 -1.78 0.02 -6.31
CA VAL B 18 -0.87 -1.12 -6.09
C VAL B 18 -1.67 -2.45 -6.08
N ARG B 19 -0.99 -3.56 -6.34
CA ARG B 19 -1.64 -4.88 -6.37
C ARG B 19 -1.46 -5.66 -5.05
N LEU B 20 -2.52 -6.31 -4.59
CA LEU B 20 -2.47 -7.17 -3.41
C LEU B 20 -3.26 -8.48 -3.64
N TYR B 21 -2.85 -9.56 -2.97
CA TYR B 21 -3.47 -10.88 -3.18
C TYR B 21 -4.93 -10.92 -2.69
N PRO B 22 -5.86 -11.37 -3.57
CA PRO B 22 -7.32 -11.39 -3.26
C PRO B 22 -7.67 -12.00 -1.89
N ASP B 23 -7.14 -13.19 -1.59
CA ASP B 23 -7.45 -13.87 -0.32
C ASP B 23 -6.91 -13.08 0.88
N GLU B 24 -5.73 -12.48 0.72
CA GLU B 24 -5.14 -11.63 1.76
C GLU B 24 -5.87 -10.28 1.86
N ILE B 25 -6.51 -9.86 0.77
CA ILE B 25 -7.43 -8.72 0.80
C ILE B 25 -8.70 -9.07 1.60
N GLU B 26 -9.11 -10.34 1.47
CA GLU B 26 -10.23 -10.86 2.24
C GLU B 26 -9.89 -10.94 3.74
N ALA B 27 -8.67 -11.39 4.04
CA ALA B 27 -8.15 -11.38 5.41
C ALA B 27 -7.98 -9.94 5.92
N LEU B 28 -7.56 -9.05 5.02
CA LEU B 28 -7.43 -7.63 5.31
C LEU B 28 -8.75 -7.03 5.82
N LYS B 29 -9.79 -7.13 5.00
CA LYS B 29 -11.12 -6.58 5.34
C LYS B 29 -11.74 -7.27 6.57
N SER B 30 -11.14 -8.39 6.99
CA SER B 30 -11.57 -9.08 8.20
C SER B 30 -11.09 -8.35 9.46
N ARG B 31 -9.87 -7.80 9.40
CA ARG B 31 -9.27 -7.14 10.57
C ARG B 31 -9.43 -5.60 10.52
N VAL B 32 -10.34 -5.10 9.67
CA VAL B 32 -10.60 -3.66 9.59
C VAL B 32 -11.75 -3.23 10.52
N PRO B 33 -11.69 -2.00 11.07
CA PRO B 33 -12.78 -1.43 11.86
C PRO B 33 -13.90 -0.82 10.99
N ALA B 34 -14.96 -0.34 11.64
CA ALA B 34 -16.11 0.23 10.91
C ALA B 34 -15.78 1.60 10.27
N ASN B 35 -14.84 2.34 10.87
CA ASN B 35 -14.44 3.65 10.35
C ASN B 35 -13.37 3.53 9.25
N THR B 36 -12.19 3.04 9.63
CA THR B 36 -11.06 2.91 8.70
C THR B 36 -11.30 1.81 7.66
N SER B 37 -11.74 2.21 6.46
CA SER B 37 -11.98 1.26 5.36
C SER B 37 -10.66 0.80 4.70
N MET B 38 -10.77 -0.03 3.67
CA MET B 38 -9.61 -0.62 2.98
C MET B 38 -8.54 0.44 2.60
N SER B 39 -8.94 1.42 1.81
CA SER B 39 -8.00 2.46 1.32
C SER B 39 -7.32 3.21 2.47
N ALA B 40 -8.07 3.49 3.53
CA ALA B 40 -7.52 4.17 4.72
C ALA B 40 -6.68 3.20 5.58
N TYR B 41 -7.01 1.92 5.52
CA TYR B 41 -6.31 0.90 6.28
C TYR B 41 -4.90 0.67 5.70
N ILE B 42 -4.84 0.45 4.39
CA ILE B 42 -3.56 0.33 3.68
C ILE B 42 -2.69 1.57 3.90
N ARG B 43 -3.33 2.74 3.97
CA ARG B 43 -2.64 4.00 4.21
C ARG B 43 -1.73 3.92 5.45
N ARG B 44 -2.27 3.41 6.56
CA ARG B 44 -1.47 3.30 7.79
C ARG B 44 -0.62 2.02 7.82
N ILE B 45 -0.97 1.04 6.99
CA ILE B 45 -0.13 -0.16 6.81
C ILE B 45 1.24 0.22 6.25
N ILE B 46 1.26 1.16 5.31
CA ILE B 46 2.52 1.68 4.76
C ILE B 46 3.07 2.85 5.59
N LEU B 47 2.17 3.71 6.11
CA LEU B 47 2.57 4.80 7.02
C LEU B 47 3.42 4.26 8.18
N ASN B 48 2.88 3.25 8.88
CA ASN B 48 3.60 2.58 9.97
C ASN B 48 4.62 1.55 9.42
N HIS B 49 5.26 1.90 8.31
CA HIS B 49 6.31 1.07 7.71
C HIS B 49 7.40 1.94 7.10
N LEU B 50 7.00 3.04 6.44
CA LEU B 50 7.95 4.00 5.86
C LEU B 50 8.70 4.79 6.95
N GLU B 51 8.05 4.97 8.10
CA GLU B 51 8.72 5.61 9.25
C GLU B 51 9.76 4.66 9.85
N ASP B 52 9.60 3.36 9.58
CA ASP B 52 10.54 2.33 10.02
C ASP B 52 11.69 2.16 9.00
N GLU B 53 11.34 2.25 7.71
CA GLU B 53 12.33 2.16 6.62
C GLU B 53 12.04 3.18 5.49
N MET A 1 -7.95 -19.04 1.91
CA MET A 1 -7.08 -20.22 2.16
C MET A 1 -6.04 -19.90 3.25
N VAL A 2 -5.32 -20.93 3.70
CA VAL A 2 -4.30 -20.74 4.76
C VAL A 2 -3.08 -19.94 4.24
N GLY A 3 -2.78 -20.06 2.95
CA GLY A 3 -1.66 -19.31 2.37
C GLY A 3 -1.26 -19.78 0.98
N ARG A 4 -2.10 -19.52 -0.01
CA ARG A 4 -1.78 -19.85 -1.40
C ARG A 4 -1.93 -18.63 -2.33
N ARG A 5 -1.43 -18.77 -3.55
CA ARG A 5 -1.41 -17.67 -4.51
C ARG A 5 -2.22 -18.03 -5.77
N PRO A 6 -3.28 -17.25 -6.09
CA PRO A 6 -4.14 -17.46 -7.28
C PRO A 6 -3.36 -17.75 -8.58
N GLY A 7 -4.03 -18.45 -9.51
CA GLY A 7 -3.38 -18.88 -10.75
C GLY A 7 -3.24 -17.76 -11.78
N GLY A 8 -2.28 -17.93 -12.69
CA GLY A 8 -2.04 -16.95 -13.74
C GLY A 8 -0.58 -16.51 -13.82
N GLY A 9 -0.28 -15.37 -13.23
CA GLY A 9 1.09 -14.82 -13.29
C GLY A 9 1.10 -13.30 -13.26
N LEU A 10 0.41 -12.68 -14.23
CA LEU A 10 0.27 -11.22 -14.27
C LEU A 10 -0.90 -10.76 -13.41
N LYS A 11 -1.98 -11.53 -13.40
CA LYS A 11 -3.19 -11.22 -12.62
C LYS A 11 -3.19 -11.97 -11.27
N ASP A 12 -2.00 -12.20 -10.72
CA ASP A 12 -1.87 -12.91 -9.44
C ASP A 12 -2.38 -12.04 -8.28
N THR A 13 -2.07 -10.75 -8.35
CA THR A 13 -2.42 -9.77 -7.32
C THR A 13 -3.25 -8.62 -7.90
N LYS A 14 -4.36 -8.30 -7.25
CA LYS A 14 -5.25 -7.24 -7.73
C LYS A 14 -4.87 -5.88 -7.13
N PRO A 15 -4.86 -4.82 -7.96
CA PRO A 15 -4.38 -3.49 -7.56
C PRO A 15 -5.45 -2.60 -6.89
N VAL A 16 -5.26 -2.32 -5.61
CA VAL A 16 -6.11 -1.37 -4.88
C VAL A 16 -5.38 -0.03 -4.69
N VAL A 17 -6.11 1.08 -4.83
CA VAL A 17 -5.50 2.41 -4.71
C VAL A 17 -5.51 2.92 -3.26
N VAL A 18 -4.34 3.35 -2.80
CA VAL A 18 -4.19 3.95 -1.48
C VAL A 18 -3.40 5.28 -1.59
N ARG A 19 -3.93 6.34 -0.98
CA ARG A 19 -3.30 7.66 -1.05
C ARG A 19 -2.30 7.90 0.10
N LEU A 20 -1.06 8.20 -0.25
CA LEU A 20 0.01 8.47 0.71
C LEU A 20 0.58 9.89 0.52
N TYR A 21 1.22 10.45 1.54
CA TYR A 21 1.72 11.84 1.47
C TYR A 21 2.88 12.02 0.48
N PRO A 22 2.88 13.14 -0.30
CA PRO A 22 3.97 13.46 -1.24
C PRO A 22 5.34 13.51 -0.55
N ASP A 23 5.34 13.94 0.70
CA ASP A 23 6.54 13.95 1.56
C ASP A 23 7.28 12.61 1.47
N GLU A 24 6.52 11.53 1.56
CA GLU A 24 7.07 10.18 1.59
C GLU A 24 7.26 9.61 0.18
N ILE A 25 6.27 9.84 -0.69
CA ILE A 25 6.31 9.33 -2.07
C ILE A 25 7.47 9.93 -2.89
N GLU A 26 7.72 11.24 -2.71
CA GLU A 26 8.83 11.90 -3.39
C GLU A 26 10.18 11.36 -2.88
N ALA A 27 10.18 10.79 -1.66
CA ALA A 27 11.35 10.10 -1.12
C ALA A 27 11.40 8.64 -1.61
N LEU A 28 10.23 8.06 -1.89
CA LEU A 28 10.12 6.69 -2.40
C LEU A 28 10.85 6.55 -3.75
N LYS A 29 10.76 7.57 -4.59
CA LYS A 29 11.46 7.59 -5.88
C LYS A 29 12.96 7.92 -5.71
N SER A 30 13.44 7.82 -4.47
CA SER A 30 14.87 8.02 -4.17
C SER A 30 15.47 6.77 -3.49
N ARG A 31 14.76 5.66 -3.60
CA ARG A 31 15.15 4.42 -2.91
C ARG A 31 14.76 3.16 -3.72
N VAL A 32 13.69 3.25 -4.51
CA VAL A 32 13.26 2.13 -5.35
C VAL A 32 14.28 1.82 -6.47
N PRO A 33 14.49 0.54 -6.79
CA PRO A 33 15.45 0.13 -7.84
C PRO A 33 14.87 0.27 -9.26
N ALA A 34 15.75 0.63 -10.21
CA ALA A 34 15.35 0.81 -11.61
C ALA A 34 14.87 -0.50 -12.28
N ASN A 35 14.91 -1.60 -11.53
CA ASN A 35 14.47 -2.91 -12.03
C ASN A 35 13.01 -3.23 -11.67
N THR A 36 12.44 -2.47 -10.73
CA THR A 36 11.07 -2.75 -10.23
C THR A 36 10.20 -1.49 -10.19
N SER A 37 8.95 -1.60 -10.63
CA SER A 37 8.01 -0.47 -10.61
C SER A 37 7.57 -0.13 -9.18
N MET A 38 7.04 1.08 -8.98
CA MET A 38 6.56 1.51 -7.66
C MET A 38 5.46 0.57 -7.13
N SER A 39 4.48 0.28 -7.99
CA SER A 39 3.35 -0.61 -7.62
C SER A 39 3.82 -2.01 -7.24
N ALA A 40 4.83 -2.52 -7.94
CA ALA A 40 5.39 -3.85 -7.65
C ALA A 40 6.25 -3.84 -6.38
N TYR A 41 7.05 -2.79 -6.21
CA TYR A 41 7.95 -2.67 -5.06
C TYR A 41 7.17 -2.64 -3.73
N ILE A 42 6.14 -1.78 -3.66
CA ILE A 42 5.32 -1.68 -2.44
C ILE A 42 4.57 -2.99 -2.17
N ARG A 43 4.30 -3.76 -3.22
CA ARG A 43 3.59 -5.04 -3.10
C ARG A 43 4.35 -6.02 -2.17
N ARG A 44 5.68 -6.11 -2.34
CA ARG A 44 6.48 -7.01 -1.49
C ARG A 44 6.47 -6.53 -0.02
N ILE A 45 6.44 -5.21 0.16
CA ILE A 45 6.42 -4.60 1.50
C ILE A 45 5.15 -4.99 2.26
N ILE A 46 3.99 -4.77 1.65
CA ILE A 46 2.72 -5.14 2.28
C ILE A 46 2.58 -6.66 2.41
N LEU A 47 3.03 -7.40 1.39
CA LEU A 47 3.00 -8.86 1.40
C LEU A 47 3.70 -9.43 2.65
N ASN A 48 4.90 -8.91 2.95
CA ASN A 48 5.64 -9.31 4.15
C ASN A 48 4.82 -9.08 5.43
N HIS A 49 3.92 -8.08 5.38
CA HIS A 49 3.05 -7.78 6.53
C HIS A 49 1.71 -8.53 6.43
N LEU A 50 1.41 -9.09 5.24
CA LEU A 50 0.23 -9.95 5.06
C LEU A 50 0.51 -11.36 5.59
N GLU A 51 1.57 -12.00 5.09
CA GLU A 51 2.07 -13.24 5.69
C GLU A 51 2.73 -12.90 7.04
N ASP A 52 1.90 -12.44 7.96
CA ASP A 52 2.32 -11.84 9.24
C ASP A 52 1.06 -11.32 9.97
N GLU A 53 0.28 -10.53 9.24
CA GLU A 53 -1.04 -10.07 9.69
C GLU A 53 -2.07 -10.18 8.54
N MET B 1 9.42 25.45 5.88
CA MET B 1 8.60 24.32 5.43
C MET B 1 8.11 24.52 3.99
N VAL B 2 9.02 24.93 3.10
CA VAL B 2 8.70 25.11 1.68
C VAL B 2 8.17 23.82 1.04
N GLY B 3 8.49 22.68 1.64
CA GLY B 3 8.03 21.39 1.13
C GLY B 3 7.26 20.56 2.17
N ARG B 4 6.47 21.23 3.01
CA ARG B 4 5.65 20.56 4.03
C ARG B 4 4.33 21.30 4.28
N ARG B 5 3.42 20.64 4.99
CA ARG B 5 2.06 21.17 5.24
C ARG B 5 1.32 21.52 3.93
N PRO B 6 1.05 20.51 3.08
CA PRO B 6 0.30 20.70 1.83
C PRO B 6 -1.23 20.60 2.02
N GLY B 7 -1.95 20.45 0.90
CA GLY B 7 -3.40 20.18 0.93
C GLY B 7 -4.17 20.92 2.02
N GLY B 8 -4.28 20.29 3.19
CA GLY B 8 -5.01 20.88 4.31
C GLY B 8 -5.45 19.84 5.35
N GLY B 9 -4.82 18.67 5.33
CA GLY B 9 -5.20 17.60 6.26
C GLY B 9 -6.14 16.56 5.66
N LEU B 10 -6.39 16.65 4.35
CA LEU B 10 -7.31 15.74 3.65
C LEU B 10 -6.80 15.37 2.24
N LYS B 11 -6.84 16.33 1.31
CA LYS B 11 -6.47 16.08 -0.10
C LYS B 11 -4.94 16.14 -0.32
N ASP B 12 -4.19 16.12 0.76
CA ASP B 12 -2.72 16.23 0.73
C ASP B 12 -2.06 15.06 -0.02
N THR B 13 -2.66 13.89 0.10
CA THR B 13 -2.03 12.62 -0.33
C THR B 13 -2.13 12.36 -1.84
N LYS B 14 -1.08 11.73 -2.38
CA LYS B 14 -1.06 11.27 -3.78
C LYS B 14 -1.59 9.83 -3.88
N PRO B 15 -2.38 9.51 -4.93
CA PRO B 15 -2.93 8.16 -5.12
C PRO B 15 -1.89 7.15 -5.68
N VAL B 16 -1.59 6.12 -4.90
CA VAL B 16 -0.69 5.03 -5.32
C VAL B 16 -1.46 3.70 -5.42
N VAL B 17 -1.39 3.04 -6.57
CA VAL B 17 -2.13 1.78 -6.78
C VAL B 17 -1.24 0.55 -6.53
N VAL B 18 -1.47 -0.13 -5.41
CA VAL B 18 -0.66 -1.30 -5.03
C VAL B 18 -1.45 -2.62 -5.17
N ARG B 19 -0.76 -3.71 -5.51
CA ARG B 19 -1.41 -5.00 -5.74
C ARG B 19 -1.36 -5.92 -4.49
N LEU B 20 -2.42 -6.70 -4.29
CA LEU B 20 -2.47 -7.70 -3.21
C LEU B 20 -3.27 -8.94 -3.66
N TYR B 21 -3.01 -10.10 -3.06
CA TYR B 21 -3.70 -11.35 -3.45
C TYR B 21 -5.19 -11.35 -3.02
N PRO B 22 -6.10 -11.66 -3.96
CA PRO B 22 -7.57 -11.67 -3.72
C PRO B 22 -8.00 -12.24 -2.37
N ASP B 23 -7.47 -13.41 -2.01
CA ASP B 23 -7.83 -14.06 -0.74
C ASP B 23 -7.37 -13.22 0.47
N GLU B 24 -6.18 -12.64 0.37
CA GLU B 24 -5.65 -11.79 1.44
C GLU B 24 -6.42 -10.46 1.54
N ILE B 25 -6.88 -9.97 0.39
CA ILE B 25 -7.77 -8.79 0.36
C ILE B 25 -9.09 -9.10 1.08
N GLU B 26 -9.55 -10.34 0.94
CA GLU B 26 -10.77 -10.81 1.61
C GLU B 26 -10.52 -10.99 3.12
N ALA B 27 -9.39 -11.59 3.48
CA ALA B 27 -8.98 -11.69 4.88
C ALA B 27 -8.79 -10.29 5.49
N LEU B 28 -8.31 -9.36 4.67
CA LEU B 28 -8.13 -7.96 5.07
C LEU B 28 -9.48 -7.30 5.45
N LYS B 29 -10.44 -7.31 4.53
CA LYS B 29 -11.76 -6.70 4.77
C LYS B 29 -12.46 -7.31 6.00
N SER B 30 -12.02 -8.50 6.40
CA SER B 30 -12.56 -9.17 7.60
C SER B 30 -12.04 -8.53 8.89
N ARG B 31 -10.80 -8.04 8.88
CA ARG B 31 -10.17 -7.50 10.09
C ARG B 31 -10.18 -5.95 10.13
N VAL B 32 -10.75 -5.32 9.12
CA VAL B 32 -10.86 -3.84 9.11
C VAL B 32 -11.99 -3.35 10.04
N PRO B 33 -11.70 -2.38 10.92
CA PRO B 33 -12.70 -1.83 11.84
C PRO B 33 -13.78 -0.97 11.15
N ALA B 34 -14.97 -0.94 11.74
CA ALA B 34 -16.16 -0.31 11.14
C ALA B 34 -15.90 1.10 10.56
N ASN B 35 -15.28 1.98 11.33
CA ASN B 35 -15.11 3.38 10.92
C ASN B 35 -13.92 3.58 9.97
N THR B 36 -12.95 2.66 9.99
CA THR B 36 -11.75 2.80 9.16
C THR B 36 -11.95 2.24 7.75
N SER B 37 -11.85 3.11 6.74
CA SER B 37 -11.89 2.69 5.33
C SER B 37 -10.70 1.79 4.99
N MET B 38 -10.90 0.83 4.09
CA MET B 38 -9.84 -0.12 3.72
C MET B 38 -8.56 0.59 3.28
N SER B 39 -8.71 1.65 2.48
CA SER B 39 -7.58 2.47 2.04
C SER B 39 -6.85 3.08 3.24
N ALA B 40 -7.61 3.71 4.13
CA ALA B 40 -7.05 4.29 5.36
C ALA B 40 -6.36 3.22 6.23
N TYR B 41 -6.92 2.01 6.23
CA TYR B 41 -6.34 0.90 7.01
C TYR B 41 -4.96 0.51 6.46
N ILE B 42 -4.85 0.43 5.13
CA ILE B 42 -3.55 0.16 4.49
C ILE B 42 -2.56 1.30 4.74
N ARG B 43 -3.04 2.54 4.63
CA ARG B 43 -2.21 3.73 4.83
C ARG B 43 -1.58 3.76 6.24
N ARG B 44 -2.41 3.55 7.27
CA ARG B 44 -1.93 3.59 8.65
C ARG B 44 -0.92 2.47 8.96
N ILE B 45 -0.89 1.44 8.12
CA ILE B 45 0.09 0.35 8.24
C ILE B 45 1.41 0.70 7.52
N ILE B 46 1.32 0.99 6.21
CA ILE B 46 2.50 1.32 5.40
C ILE B 46 3.24 2.55 5.95
N LEU B 47 2.48 3.47 6.54
CA LEU B 47 3.03 4.67 7.17
C LEU B 47 4.25 4.34 8.06
N ASN B 48 4.13 3.28 8.83
CA ASN B 48 5.18 2.85 9.76
C ASN B 48 6.47 2.48 9.00
N HIS B 49 6.33 1.92 7.80
CA HIS B 49 7.49 1.47 7.02
C HIS B 49 8.29 2.64 6.45
N LEU B 50 7.60 3.68 5.97
CA LEU B 50 8.27 4.86 5.39
C LEU B 50 9.15 5.57 6.43
N GLU B 51 8.67 5.63 7.66
CA GLU B 51 9.42 6.25 8.76
C GLU B 51 10.40 5.25 9.41
N ASP B 52 10.11 3.95 9.27
CA ASP B 52 10.96 2.89 9.81
C ASP B 52 12.36 2.92 9.18
N GLU B 53 12.40 2.87 7.85
CA GLU B 53 13.66 2.95 7.11
C GLU B 53 13.77 4.26 6.32
N MET A 1 -9.67 -21.24 -0.59
CA MET A 1 -8.46 -20.57 -0.04
C MET A 1 -7.89 -21.35 1.16
N VAL A 2 -7.02 -22.32 0.88
CA VAL A 2 -6.32 -23.07 1.94
C VAL A 2 -5.00 -22.40 2.31
N GLY A 3 -4.51 -21.54 1.42
CA GLY A 3 -3.24 -20.84 1.65
C GLY A 3 -2.46 -20.61 0.36
N ARG A 4 -2.68 -21.49 -0.62
CA ARG A 4 -2.02 -21.38 -1.92
C ARG A 4 -2.56 -20.20 -2.73
N ARG A 5 -1.71 -19.19 -2.95
CA ARG A 5 -2.11 -18.00 -3.70
C ARG A 5 -2.19 -18.29 -5.21
N PRO A 6 -3.07 -17.56 -5.93
CA PRO A 6 -3.26 -17.76 -7.39
C PRO A 6 -1.98 -17.52 -8.21
N GLY A 7 -1.81 -18.29 -9.29
CA GLY A 7 -0.65 -18.14 -10.16
C GLY A 7 -0.98 -17.49 -11.49
N GLY A 8 -0.35 -16.35 -11.76
CA GLY A 8 -0.62 -15.62 -13.00
C GLY A 8 0.47 -14.64 -13.38
N GLY A 9 0.97 -13.86 -12.42
CA GLY A 9 1.98 -12.85 -12.69
C GLY A 9 1.43 -11.58 -13.35
N LEU A 10 0.56 -11.76 -14.35
CA LEU A 10 -0.09 -10.63 -15.04
C LEU A 10 -1.25 -10.07 -14.20
N LYS A 11 -2.18 -10.96 -13.82
CA LYS A 11 -3.29 -10.59 -12.94
C LYS A 11 -3.49 -11.64 -11.84
N ASP A 12 -2.38 -12.01 -11.19
CA ASP A 12 -2.39 -12.95 -10.06
C ASP A 12 -3.04 -12.31 -8.83
N THR A 13 -3.24 -11.01 -8.90
CA THR A 13 -3.70 -10.20 -7.77
C THR A 13 -4.87 -9.29 -8.15
N LYS A 14 -5.55 -8.75 -7.14
CA LYS A 14 -6.63 -7.78 -7.36
C LYS A 14 -6.11 -6.34 -7.16
N PRO A 15 -6.54 -5.40 -8.03
CA PRO A 15 -6.11 -3.99 -7.93
C PRO A 15 -6.80 -3.23 -6.79
N VAL A 16 -6.02 -2.43 -6.06
CA VAL A 16 -6.53 -1.60 -4.97
C VAL A 16 -5.72 -0.29 -4.87
N VAL A 17 -6.39 0.82 -4.61
CA VAL A 17 -5.72 2.12 -4.52
C VAL A 17 -5.62 2.62 -3.07
N VAL A 18 -4.43 3.12 -2.71
CA VAL A 18 -4.16 3.66 -1.37
C VAL A 18 -3.56 5.07 -1.44
N ARG A 19 -3.98 5.96 -0.54
CA ARG A 19 -3.50 7.35 -0.54
C ARG A 19 -2.33 7.54 0.44
N LEU A 20 -1.18 7.98 -0.07
CA LEU A 20 0.01 8.24 0.76
C LEU A 20 0.49 9.69 0.60
N TYR A 21 1.23 10.20 1.60
CA TYR A 21 1.72 11.59 1.59
C TYR A 21 2.81 11.80 0.51
N PRO A 22 2.65 12.86 -0.34
CA PRO A 22 3.58 13.14 -1.46
C PRO A 22 5.06 13.11 -1.04
N ASP A 23 5.39 13.79 0.05
CA ASP A 23 6.76 13.83 0.58
C ASP A 23 7.32 12.42 0.80
N GLU A 24 6.51 11.53 1.36
CA GLU A 24 6.95 10.17 1.67
C GLU A 24 6.96 9.28 0.42
N ILE A 25 6.04 9.53 -0.52
CA ILE A 25 6.05 8.85 -1.83
C ILE A 25 7.38 9.14 -2.55
N GLU A 26 7.75 10.41 -2.59
CA GLU A 26 9.01 10.86 -3.20
C GLU A 26 10.21 10.27 -2.46
N ALA A 27 10.18 10.32 -1.13
CA ALA A 27 11.25 9.74 -0.30
C ALA A 27 11.34 8.21 -0.48
N LEU A 28 10.23 7.59 -0.83
CA LEU A 28 10.18 6.14 -1.06
C LEU A 28 10.84 5.75 -2.39
N LYS A 29 10.39 6.37 -3.48
CA LYS A 29 10.94 6.07 -4.82
C LYS A 29 12.46 6.31 -4.88
N SER A 30 12.95 7.19 -4.01
CA SER A 30 14.39 7.49 -3.91
C SER A 30 15.23 6.22 -3.66
N ARG A 31 14.63 5.22 -3.00
CA ARG A 31 15.37 4.01 -2.63
C ARG A 31 14.71 2.71 -3.17
N VAL A 32 13.97 2.83 -4.27
CA VAL A 32 13.41 1.64 -4.93
C VAL A 32 14.35 1.16 -6.06
N PRO A 33 14.55 -0.17 -6.18
CA PRO A 33 15.46 -0.77 -7.19
C PRO A 33 15.16 -0.32 -8.63
N ALA A 34 16.22 -0.09 -9.41
CA ALA A 34 16.10 0.35 -10.81
C ALA A 34 15.31 -0.65 -11.67
N ASN A 35 15.44 -1.93 -11.37
CA ASN A 35 14.72 -2.99 -12.10
C ASN A 35 13.25 -3.10 -11.67
N THR A 36 12.91 -2.50 -10.53
CA THR A 36 11.56 -2.62 -9.95
C THR A 36 10.72 -1.37 -10.19
N SER A 37 9.41 -1.55 -10.38
CA SER A 37 8.48 -0.42 -10.51
C SER A 37 7.89 -0.07 -9.14
N MET A 38 7.39 1.15 -8.98
CA MET A 38 6.79 1.58 -7.71
C MET A 38 5.56 0.75 -7.37
N SER A 39 4.64 0.60 -8.34
CA SER A 39 3.42 -0.20 -8.12
C SER A 39 3.73 -1.65 -7.72
N ALA A 40 4.79 -2.22 -8.29
CA ALA A 40 5.24 -3.56 -7.91
C ALA A 40 5.90 -3.55 -6.51
N TYR A 41 6.70 -2.52 -6.26
CA TYR A 41 7.40 -2.38 -4.98
C TYR A 41 6.42 -2.22 -3.81
N ILE A 42 5.33 -1.47 -4.04
CA ILE A 42 4.29 -1.32 -3.02
C ILE A 42 3.65 -2.67 -2.67
N ARG A 43 3.47 -3.53 -3.68
CA ARG A 43 2.94 -4.88 -3.46
C ARG A 43 3.85 -5.66 -2.49
N ARG A 44 5.16 -5.48 -2.64
CA ARG A 44 6.13 -6.06 -1.70
C ARG A 44 5.92 -5.49 -0.27
N ILE A 45 5.86 -4.16 -0.18
CA ILE A 45 5.67 -3.47 1.11
C ILE A 45 4.44 -4.01 1.87
N ILE A 46 3.30 -4.05 1.20
CA ILE A 46 2.06 -4.53 1.83
C ILE A 46 2.10 -6.06 2.06
N LEU A 47 2.64 -6.82 1.09
CA LEU A 47 2.75 -8.28 1.23
C LEU A 47 3.53 -8.66 2.49
N ASN A 48 4.68 -8.03 2.69
CA ASN A 48 5.53 -8.28 3.87
C ASN A 48 4.82 -7.92 5.19
N HIS A 49 3.65 -7.29 5.09
CA HIS A 49 2.85 -6.96 6.28
C HIS A 49 1.53 -7.76 6.29
N LEU A 50 1.10 -8.23 5.13
CA LEU A 50 -0.09 -9.09 5.02
C LEU A 50 0.21 -10.51 5.54
N GLU A 51 1.21 -11.17 4.95
CA GLU A 51 1.65 -12.49 5.41
C GLU A 51 2.26 -12.40 6.82
N ASP A 52 2.61 -11.17 7.22
CA ASP A 52 3.09 -10.91 8.58
C ASP A 52 1.92 -10.94 9.58
N GLU A 53 0.84 -10.24 9.23
CA GLU A 53 -0.38 -10.24 10.06
C GLU A 53 -1.50 -10.99 9.34
N MET B 1 13.04 23.87 6.50
CA MET B 1 11.95 23.41 5.63
C MET B 1 12.00 24.09 4.26
N VAL B 2 12.12 23.29 3.19
CA VAL B 2 12.07 23.82 1.82
C VAL B 2 10.75 23.40 1.12
N GLY B 3 9.77 22.99 1.91
CA GLY B 3 8.47 22.57 1.38
C GLY B 3 7.54 22.04 2.46
N ARG B 4 7.07 20.80 2.29
CA ARG B 4 6.18 20.13 3.24
C ARG B 4 4.76 20.73 3.24
N ARG B 5 3.82 20.02 3.87
CA ARG B 5 2.43 20.48 4.01
C ARG B 5 1.81 20.87 2.66
N PRO B 6 1.77 19.93 1.68
CA PRO B 6 1.30 20.22 0.31
C PRO B 6 -0.20 20.54 0.22
N GLY B 7 -0.98 20.08 1.18
CA GLY B 7 -2.42 20.33 1.16
C GLY B 7 -2.94 20.92 2.47
N GLY B 8 -3.12 20.08 3.47
CA GLY B 8 -3.67 20.51 4.75
C GLY B 8 -4.53 19.44 5.42
N GLY B 9 -3.92 18.61 6.26
CA GLY B 9 -4.65 17.61 7.03
C GLY B 9 -4.80 16.26 6.32
N LEU B 10 -5.81 16.16 5.44
CA LEU B 10 -6.13 14.89 4.78
C LEU B 10 -5.90 14.95 3.26
N LYS B 11 -6.25 16.09 2.66
CA LYS B 11 -6.21 16.25 1.19
C LYS B 11 -4.79 16.13 0.60
N ASP B 12 -3.78 16.11 1.46
CA ASP B 12 -2.38 15.95 1.02
C ASP B 12 -2.16 14.62 0.29
N THR B 13 -2.71 13.55 0.85
CA THR B 13 -2.43 12.19 0.38
C THR B 13 -2.82 11.94 -1.09
N LYS B 14 -1.85 11.42 -1.87
CA LYS B 14 -2.07 11.09 -3.28
C LYS B 14 -2.43 9.60 -3.45
N PRO B 15 -3.37 9.28 -4.36
CA PRO B 15 -3.81 7.89 -4.62
C PRO B 15 -2.82 7.08 -5.48
N VAL B 16 -2.12 6.14 -4.85
CA VAL B 16 -1.21 5.21 -5.55
C VAL B 16 -1.92 3.88 -5.87
N VAL B 17 -1.77 3.39 -7.10
CA VAL B 17 -2.44 2.15 -7.52
C VAL B 17 -1.52 0.92 -7.38
N VAL B 18 -1.97 -0.06 -6.59
CA VAL B 18 -1.18 -1.27 -6.33
C VAL B 18 -2.06 -2.54 -6.46
N ARG B 19 -1.42 -3.71 -6.48
CA ARG B 19 -2.13 -4.99 -6.52
C ARG B 19 -1.84 -5.85 -5.28
N LEU B 20 -2.84 -6.58 -4.80
CA LEU B 20 -2.67 -7.49 -3.66
C LEU B 20 -3.44 -8.81 -3.88
N TYR B 21 -2.96 -9.90 -3.31
CA TYR B 21 -3.54 -11.23 -3.54
C TYR B 21 -4.96 -11.34 -2.94
N PRO B 22 -5.98 -11.73 -3.76
CA PRO B 22 -7.36 -11.87 -3.30
C PRO B 22 -7.51 -12.79 -2.07
N ASP B 23 -6.61 -13.77 -1.99
CA ASP B 23 -6.56 -14.68 -0.84
C ASP B 23 -6.32 -13.91 0.47
N GLU B 24 -5.41 -12.94 0.42
CA GLU B 24 -5.03 -12.15 1.59
C GLU B 24 -5.91 -10.90 1.78
N ILE B 25 -6.41 -10.33 0.68
CA ILE B 25 -7.33 -9.18 0.74
C ILE B 25 -8.60 -9.53 1.53
N GLU B 26 -9.14 -10.72 1.27
CA GLU B 26 -10.37 -11.17 1.93
C GLU B 26 -10.14 -11.43 3.43
N ALA B 27 -8.90 -11.78 3.79
CA ALA B 27 -8.50 -11.89 5.19
C ALA B 27 -8.28 -10.50 5.82
N LEU B 28 -7.67 -9.61 5.04
CA LEU B 28 -7.38 -8.23 5.48
C LEU B 28 -8.67 -7.48 5.88
N LYS B 29 -9.71 -7.62 5.07
CA LYS B 29 -11.00 -6.95 5.36
C LYS B 29 -11.71 -7.59 6.56
N SER B 30 -11.18 -8.69 7.08
CA SER B 30 -11.75 -9.37 8.25
C SER B 30 -11.14 -8.84 9.57
N ARG B 31 -10.19 -7.90 9.47
CA ARG B 31 -9.54 -7.33 10.66
C ARG B 31 -9.68 -5.80 10.71
N VAL B 32 -10.61 -5.25 9.92
CA VAL B 32 -10.80 -3.79 9.84
C VAL B 32 -12.10 -3.33 10.54
N PRO B 33 -12.02 -2.27 11.37
CA PRO B 33 -13.21 -1.69 12.05
C PRO B 33 -14.01 -0.74 11.14
N ALA B 34 -15.28 -0.52 11.48
CA ALA B 34 -16.17 0.34 10.69
C ALA B 34 -15.87 1.85 10.86
N ASN B 35 -14.67 2.18 11.31
CA ASN B 35 -14.25 3.57 11.48
C ASN B 35 -13.24 4.02 10.40
N THR B 36 -12.76 3.07 9.59
CA THR B 36 -11.73 3.37 8.59
C THR B 36 -11.95 2.57 7.30
N SER B 37 -11.83 3.25 6.15
CA SER B 37 -11.92 2.58 4.83
C SER B 37 -10.64 1.79 4.53
N MET B 38 -10.74 0.81 3.62
CA MET B 38 -9.59 -0.05 3.29
C MET B 38 -8.35 0.77 2.86
N SER B 39 -8.54 1.71 1.94
CA SER B 39 -7.44 2.56 1.46
C SER B 39 -6.79 3.33 2.63
N ALA B 40 -7.63 3.95 3.46
CA ALA B 40 -7.17 4.69 4.65
C ALA B 40 -6.49 3.77 5.67
N TYR B 41 -6.95 2.52 5.73
CA TYR B 41 -6.35 1.52 6.63
C TYR B 41 -4.95 1.12 6.12
N ILE B 42 -4.83 0.89 4.81
CA ILE B 42 -3.53 0.60 4.20
C ILE B 42 -2.57 1.79 4.36
N ARG B 43 -3.13 3.01 4.34
CA ARG B 43 -2.35 4.23 4.52
C ARG B 43 -1.53 4.20 5.83
N ARG B 44 -2.18 3.85 6.94
CA ARG B 44 -1.47 3.77 8.23
C ARG B 44 -0.50 2.58 8.25
N ILE B 45 -0.85 1.51 7.52
CA ILE B 45 0.03 0.34 7.39
C ILE B 45 1.36 0.71 6.72
N ILE B 46 1.27 1.28 5.51
CA ILE B 46 2.47 1.69 4.77
C ILE B 46 3.19 2.85 5.48
N LEU B 47 2.45 3.65 6.25
CA LEU B 47 3.05 4.72 7.06
C LEU B 47 4.09 4.14 8.03
N ASN B 48 3.68 3.12 8.79
CA ASN B 48 4.59 2.42 9.71
C ASN B 48 5.83 1.86 8.98
N HIS B 49 5.71 1.71 7.66
CA HIS B 49 6.85 1.33 6.82
C HIS B 49 7.74 2.56 6.54
N LEU B 50 7.14 3.63 6.02
CA LEU B 50 7.87 4.85 5.65
C LEU B 50 8.57 5.52 6.86
N GLU B 51 8.06 5.31 8.06
CA GLU B 51 8.67 5.90 9.27
C GLU B 51 9.77 5.00 9.86
N ASP B 52 10.07 3.87 9.21
CA ASP B 52 11.02 2.90 9.76
C ASP B 52 12.03 2.43 8.70
N GLU B 53 11.53 1.96 7.57
CA GLU B 53 12.37 1.36 6.52
C GLU B 53 12.08 1.97 5.12
N MET A 1 -11.37 -18.75 2.35
CA MET A 1 -10.19 -19.68 2.31
C MET A 1 -9.25 -19.44 3.50
N VAL A 2 -8.43 -20.43 3.82
CA VAL A 2 -7.41 -20.28 4.87
C VAL A 2 -6.05 -19.89 4.27
N GLY A 3 -5.87 -20.13 2.97
CA GLY A 3 -4.62 -19.76 2.30
C GLY A 3 -4.46 -20.36 0.90
N ARG A 4 -5.17 -19.79 -0.08
CA ARG A 4 -5.05 -20.20 -1.49
C ARG A 4 -5.13 -18.98 -2.42
N ARG A 5 -4.25 -18.91 -3.42
CA ARG A 5 -4.28 -17.82 -4.38
C ARG A 5 -4.29 -18.33 -5.83
N PRO A 6 -5.20 -17.81 -6.68
CA PRO A 6 -5.35 -18.26 -8.08
C PRO A 6 -4.11 -18.00 -8.96
N GLY A 7 -3.79 -18.94 -9.84
CA GLY A 7 -2.64 -18.79 -10.72
C GLY A 7 -2.92 -17.88 -11.93
N GLY A 8 -3.06 -16.58 -11.69
CA GLY A 8 -3.33 -15.64 -12.77
C GLY A 8 -2.07 -15.09 -13.40
N GLY A 9 -1.02 -14.94 -12.60
CA GLY A 9 0.25 -14.42 -13.10
C GLY A 9 0.30 -12.90 -13.17
N LEU A 10 -0.53 -12.32 -14.04
CA LEU A 10 -0.55 -10.87 -14.24
C LEU A 10 -1.92 -10.26 -13.91
N LYS A 11 -2.92 -11.09 -13.61
CA LYS A 11 -4.29 -10.60 -13.44
C LYS A 11 -5.03 -11.25 -12.24
N ASP A 12 -4.27 -11.84 -11.32
CA ASP A 12 -4.84 -12.41 -10.09
C ASP A 12 -4.92 -11.36 -8.97
N THR A 13 -3.77 -10.79 -8.60
CA THR A 13 -3.69 -9.73 -7.59
C THR A 13 -4.64 -8.56 -7.91
N LYS A 14 -5.35 -8.09 -6.88
CA LYS A 14 -6.37 -7.05 -7.07
C LYS A 14 -5.79 -5.63 -6.91
N PRO A 15 -6.07 -4.72 -7.87
CA PRO A 15 -5.60 -3.33 -7.82
C PRO A 15 -6.39 -2.47 -6.80
N VAL A 16 -5.73 -2.06 -5.74
CA VAL A 16 -6.31 -1.16 -4.73
C VAL A 16 -5.54 0.17 -4.67
N VAL A 17 -6.25 1.29 -4.73
CA VAL A 17 -5.61 2.62 -4.72
C VAL A 17 -5.52 3.20 -3.30
N VAL A 18 -4.31 3.58 -2.87
CA VAL A 18 -4.09 4.17 -1.55
C VAL A 18 -3.55 5.60 -1.67
N ARG A 19 -4.04 6.49 -0.81
CA ARG A 19 -3.61 7.90 -0.84
C ARG A 19 -2.33 8.13 -0.01
N LEU A 20 -1.20 8.23 -0.69
CA LEU A 20 0.08 8.52 -0.04
C LEU A 20 0.52 9.96 -0.33
N TYR A 21 1.33 10.53 0.56
CA TYR A 21 1.71 11.95 0.46
C TYR A 21 2.97 12.17 -0.40
N PRO A 22 3.01 13.29 -1.17
CA PRO A 22 4.07 13.57 -2.17
C PRO A 22 5.51 13.39 -1.63
N ASP A 23 5.84 14.08 -0.53
CA ASP A 23 7.16 13.96 0.09
C ASP A 23 7.57 12.49 0.32
N GLU A 24 6.64 11.71 0.84
CA GLU A 24 6.90 10.30 1.17
C GLU A 24 7.00 9.44 -0.10
N ILE A 25 6.22 9.78 -1.14
CA ILE A 25 6.32 9.12 -2.45
C ILE A 25 7.68 9.40 -3.11
N GLU A 26 8.23 10.58 -2.86
CA GLU A 26 9.57 10.93 -3.36
C GLU A 26 10.64 10.14 -2.60
N ALA A 27 10.52 10.09 -1.27
CA ALA A 27 11.36 9.21 -0.46
C ALA A 27 11.27 7.76 -0.94
N LEU A 28 10.06 7.38 -1.36
CA LEU A 28 9.81 6.05 -1.94
C LEU A 28 10.67 5.83 -3.20
N LYS A 29 10.47 6.66 -4.23
CA LYS A 29 11.21 6.50 -5.50
C LYS A 29 12.73 6.70 -5.32
N SER A 30 13.12 7.15 -4.13
CA SER A 30 14.55 7.22 -3.77
C SER A 30 15.06 5.86 -3.25
N ARG A 31 14.22 5.16 -2.48
CA ARG A 31 14.60 3.88 -1.86
C ARG A 31 14.24 2.66 -2.75
N VAL A 32 13.62 2.90 -3.89
CA VAL A 32 13.29 1.81 -4.82
C VAL A 32 14.47 1.50 -5.77
N PRO A 33 14.64 0.21 -6.15
CA PRO A 33 15.59 -0.15 -7.21
C PRO A 33 15.20 0.46 -8.56
N ALA A 34 16.16 1.05 -9.26
CA ALA A 34 15.89 1.78 -10.51
C ALA A 34 15.04 0.98 -11.52
N ASN A 35 15.19 -0.35 -11.52
CA ASN A 35 14.44 -1.22 -12.45
C ASN A 35 13.03 -1.55 -11.92
N THR A 36 12.83 -1.42 -10.62
CA THR A 36 11.55 -1.74 -9.98
C THR A 36 10.63 -0.51 -9.91
N SER A 37 9.34 -0.72 -10.13
CA SER A 37 8.36 0.38 -10.08
C SER A 37 7.90 0.66 -8.64
N MET A 38 7.32 1.85 -8.42
CA MET A 38 6.82 2.24 -7.11
C MET A 38 5.80 1.23 -6.56
N SER A 39 4.81 0.88 -7.39
CA SER A 39 3.76 -0.08 -7.01
C SER A 39 4.35 -1.46 -6.70
N ALA A 40 5.29 -1.91 -7.54
CA ALA A 40 5.95 -3.21 -7.34
C ALA A 40 6.75 -3.24 -6.03
N TYR A 41 7.32 -2.08 -5.66
CA TYR A 41 8.06 -1.97 -4.39
C TYR A 41 7.09 -1.90 -3.19
N ILE A 42 6.01 -1.13 -3.33
CA ILE A 42 4.97 -1.08 -2.29
C ILE A 42 4.41 -2.48 -2.02
N ARG A 43 4.35 -3.30 -3.06
CA ARG A 43 3.95 -4.70 -2.93
C ARG A 43 4.77 -5.42 -1.85
N ARG A 44 6.09 -5.43 -1.99
CA ARG A 44 6.96 -6.12 -1.03
C ARG A 44 6.97 -5.40 0.34
N ILE A 45 6.50 -4.16 0.38
CA ILE A 45 6.32 -3.44 1.65
C ILE A 45 5.10 -3.96 2.41
N ILE A 46 3.94 -3.96 1.75
CA ILE A 46 2.69 -4.41 2.40
C ILE A 46 2.71 -5.92 2.68
N LEU A 47 3.30 -6.71 1.77
CA LEU A 47 3.41 -8.17 1.95
C LEU A 47 4.00 -8.52 3.32
N ASN A 48 5.15 -7.95 3.64
CA ASN A 48 5.83 -8.19 4.93
C ASN A 48 4.87 -8.03 6.14
N HIS A 49 3.84 -7.20 5.97
CA HIS A 49 2.85 -6.98 7.02
C HIS A 49 1.62 -7.88 6.83
N LEU A 50 1.26 -8.15 5.58
CA LEU A 50 0.09 -8.98 5.26
C LEU A 50 0.35 -10.48 5.53
N GLU A 51 1.42 -11.02 4.95
CA GLU A 51 1.79 -12.42 5.21
C GLU A 51 2.13 -12.64 6.69
N ASP A 52 2.40 -11.54 7.40
CA ASP A 52 2.60 -11.58 8.85
C ASP A 52 1.26 -11.74 9.58
N GLU A 53 0.28 -10.93 9.20
CA GLU A 53 -1.09 -11.05 9.73
C GLU A 53 -1.92 -11.98 8.84
N MET B 1 2.34 24.06 4.58
CA MET B 1 1.63 24.31 3.32
C MET B 1 2.58 24.90 2.27
N VAL B 2 3.40 25.87 2.69
CA VAL B 2 4.42 26.47 1.80
C VAL B 2 5.79 25.80 2.02
N GLY B 3 6.07 24.76 1.23
CA GLY B 3 7.29 23.98 1.41
C GLY B 3 7.33 23.23 2.74
N ARG B 4 6.15 22.93 3.29
CA ARG B 4 6.04 22.25 4.59
C ARG B 4 5.43 20.85 4.43
N ARG B 5 4.99 20.26 5.55
CA ARG B 5 4.46 18.89 5.54
C ARG B 5 3.07 18.79 4.89
N PRO B 6 2.76 17.63 4.30
CA PRO B 6 1.39 17.25 3.94
C PRO B 6 0.70 16.51 5.11
N GLY B 7 -0.62 16.36 5.04
CA GLY B 7 -1.34 15.69 6.12
C GLY B 7 -2.79 16.15 6.29
N GLY B 8 -3.28 16.97 5.37
CA GLY B 8 -4.67 17.41 5.40
C GLY B 8 -5.63 16.27 5.07
N GLY B 9 -5.31 15.52 4.01
CA GLY B 9 -6.12 14.36 3.63
C GLY B 9 -7.01 14.61 2.41
N LEU B 10 -6.76 15.71 1.69
CA LEU B 10 -7.55 16.05 0.50
C LEU B 10 -6.65 16.22 -0.75
N LYS B 11 -6.37 17.48 -1.13
CA LYS B 11 -5.56 17.76 -2.34
C LYS B 11 -4.06 17.56 -2.09
N ASP B 12 -3.69 17.34 -0.83
CA ASP B 12 -2.29 17.12 -0.45
C ASP B 12 -1.90 15.62 -0.56
N THR B 13 -2.82 14.80 -1.08
CA THR B 13 -2.58 13.37 -1.23
C THR B 13 -2.43 12.96 -2.69
N LYS B 14 -1.67 11.90 -2.94
CA LYS B 14 -1.49 11.36 -4.29
C LYS B 14 -2.00 9.91 -4.37
N PRO B 15 -2.81 9.56 -5.39
CA PRO B 15 -3.35 8.21 -5.54
C PRO B 15 -2.33 7.19 -6.06
N VAL B 16 -1.90 6.28 -5.18
CA VAL B 16 -0.96 5.21 -5.55
C VAL B 16 -1.69 3.89 -5.83
N VAL B 17 -1.57 3.39 -7.06
CA VAL B 17 -2.21 2.13 -7.44
C VAL B 17 -1.37 0.92 -6.99
N VAL B 18 -1.84 0.22 -5.97
CA VAL B 18 -1.15 -0.95 -5.43
C VAL B 18 -1.88 -2.25 -5.84
N ARG B 19 -1.17 -3.38 -5.83
CA ARG B 19 -1.77 -4.69 -6.14
C ARG B 19 -1.43 -5.72 -5.06
N LEU B 20 -2.45 -6.28 -4.42
CA LEU B 20 -2.27 -7.26 -3.35
C LEU B 20 -2.95 -8.60 -3.70
N TYR B 21 -2.42 -9.69 -3.16
CA TYR B 21 -2.96 -11.03 -3.40
C TYR B 21 -4.37 -11.20 -2.78
N PRO B 22 -5.34 -11.72 -3.56
CA PRO B 22 -6.75 -11.83 -3.12
C PRO B 22 -6.93 -12.56 -1.77
N ASP B 23 -6.11 -13.59 -1.55
CA ASP B 23 -6.16 -14.36 -0.30
C ASP B 23 -5.72 -13.51 0.90
N GLU B 24 -4.59 -12.81 0.76
CA GLU B 24 -4.11 -11.90 1.80
C GLU B 24 -5.07 -10.72 2.00
N ILE B 25 -5.75 -10.30 0.93
CA ILE B 25 -6.79 -9.27 1.03
C ILE B 25 -7.96 -9.76 1.91
N GLU B 26 -8.31 -11.03 1.77
CA GLU B 26 -9.39 -11.62 2.57
C GLU B 26 -9.03 -11.60 4.06
N ALA B 27 -7.87 -12.19 4.40
CA ALA B 27 -7.37 -12.17 5.78
C ALA B 27 -7.26 -10.73 6.31
N LEU B 28 -6.93 -9.80 5.42
CA LEU B 28 -6.86 -8.37 5.75
C LEU B 28 -8.23 -7.81 6.19
N LYS B 29 -9.25 -8.02 5.36
CA LYS B 29 -10.58 -7.44 5.61
C LYS B 29 -11.40 -8.28 6.61
N SER B 30 -10.96 -9.50 6.88
CA SER B 30 -11.67 -10.41 7.81
C SER B 30 -11.42 -10.02 9.29
N ARG B 31 -11.60 -8.72 9.60
CA ARG B 31 -11.28 -8.20 10.93
C ARG B 31 -11.53 -6.67 11.04
N VAL B 32 -11.36 -5.96 9.92
CA VAL B 32 -11.42 -4.49 9.91
C VAL B 32 -12.78 -3.94 10.41
N PRO B 33 -12.76 -3.01 11.40
CA PRO B 33 -13.97 -2.37 11.93
C PRO B 33 -14.76 -1.55 10.88
N ALA B 34 -15.96 -1.12 11.25
CA ALA B 34 -16.89 -0.44 10.34
C ALA B 34 -16.28 0.81 9.68
N ASN B 35 -15.70 1.70 10.50
CA ASN B 35 -15.17 2.98 9.99
C ASN B 35 -13.75 2.84 9.42
N THR B 36 -13.27 1.60 9.31
CA THR B 36 -11.91 1.35 8.81
C THR B 36 -11.92 0.95 7.33
N SER B 37 -11.76 1.94 6.46
CA SER B 37 -11.71 1.69 5.01
C SER B 37 -10.38 1.02 4.62
N MET B 38 -10.43 0.12 3.64
CA MET B 38 -9.24 -0.63 3.21
C MET B 38 -8.05 0.29 2.91
N SER B 39 -8.26 1.29 2.05
CA SER B 39 -7.22 2.26 1.71
C SER B 39 -6.68 3.02 2.94
N ALA B 40 -7.55 3.20 3.94
CA ALA B 40 -7.15 3.88 5.18
C ALA B 40 -6.26 2.98 6.05
N TYR B 41 -6.66 1.71 6.18
CA TYR B 41 -5.91 0.73 6.96
C TYR B 41 -4.53 0.47 6.32
N ILE B 42 -4.48 0.39 5.00
CA ILE B 42 -3.20 0.23 4.28
C ILE B 42 -2.32 1.48 4.42
N ARG B 43 -2.94 2.66 4.45
CA ARG B 43 -2.19 3.92 4.59
C ARG B 43 -1.36 3.96 5.88
N ARG B 44 -1.94 3.53 7.01
CA ARG B 44 -1.20 3.51 8.28
C ARG B 44 -0.05 2.48 8.23
N ILE B 45 -0.29 1.36 7.55
CA ILE B 45 0.74 0.32 7.38
C ILE B 45 1.99 0.88 6.66
N ILE B 46 1.78 1.41 5.45
CA ILE B 46 2.88 1.98 4.67
C ILE B 46 3.50 3.21 5.36
N LEU B 47 2.66 4.01 6.03
CA LEU B 47 3.13 5.18 6.79
C LEU B 47 4.17 4.77 7.84
N ASN B 48 3.79 3.84 8.72
CA ASN B 48 4.69 3.35 9.77
C ASN B 48 5.98 2.75 9.19
N HIS B 49 5.85 2.08 8.05
CA HIS B 49 6.99 1.43 7.40
C HIS B 49 7.93 2.48 6.75
N LEU B 50 7.35 3.51 6.15
CA LEU B 50 8.14 4.56 5.49
C LEU B 50 8.83 5.49 6.50
N GLU B 51 8.14 5.87 7.57
CA GLU B 51 8.74 6.73 8.59
C GLU B 51 9.86 6.01 9.36
N ASP B 52 9.71 4.69 9.51
CA ASP B 52 10.74 3.86 10.17
C ASP B 52 11.80 3.36 9.16
N GLU B 53 11.48 2.27 8.47
CA GLU B 53 12.39 1.62 7.50
C GLU B 53 11.64 0.62 6.62
N MET A 1 -11.27 -18.26 3.03
CA MET A 1 -10.27 -19.17 2.43
C MET A 1 -9.10 -19.43 3.39
N VAL A 2 -8.50 -20.62 3.31
CA VAL A 2 -7.36 -20.98 4.17
C VAL A 2 -6.02 -20.63 3.52
N GLY A 3 -6.08 -19.89 2.41
CA GLY A 3 -4.86 -19.53 1.67
C GLY A 3 -4.97 -19.88 0.19
N ARG A 4 -5.17 -18.86 -0.65
CA ARG A 4 -5.37 -19.04 -2.09
C ARG A 4 -4.71 -17.93 -2.91
N ARG A 5 -3.59 -18.25 -3.56
CA ARG A 5 -2.92 -17.29 -4.44
C ARG A 5 -2.88 -17.81 -5.89
N PRO A 6 -3.83 -17.35 -6.74
CA PRO A 6 -3.93 -17.82 -8.14
C PRO A 6 -2.93 -17.12 -9.09
N GLY A 7 -1.86 -17.82 -9.44
CA GLY A 7 -0.90 -17.28 -10.41
C GLY A 7 -1.54 -17.09 -11.79
N GLY A 8 -1.89 -15.85 -12.12
CA GLY A 8 -2.59 -15.59 -13.37
C GLY A 8 -1.91 -14.57 -14.28
N GLY A 9 -0.62 -14.28 -14.01
CA GLY A 9 0.12 -13.32 -14.83
C GLY A 9 -0.40 -11.89 -14.75
N LEU A 10 -1.59 -11.67 -15.31
CA LEU A 10 -2.27 -10.37 -15.20
C LEU A 10 -3.47 -10.45 -14.24
N LYS A 11 -4.02 -11.65 -14.07
CA LYS A 11 -5.18 -11.88 -13.20
C LYS A 11 -4.77 -12.55 -11.87
N ASP A 12 -3.50 -12.38 -11.51
CA ASP A 12 -2.95 -12.97 -10.27
C ASP A 12 -3.50 -12.28 -9.00
N THR A 13 -3.15 -11.02 -8.79
CA THR A 13 -3.56 -10.27 -7.59
C THR A 13 -4.57 -9.17 -7.91
N LYS A 14 -5.22 -8.65 -6.87
CA LYS A 14 -6.27 -7.62 -7.03
C LYS A 14 -5.69 -6.21 -6.80
N PRO A 15 -6.06 -5.23 -7.67
CA PRO A 15 -5.55 -3.85 -7.56
C PRO A 15 -6.36 -2.97 -6.57
N VAL A 16 -5.66 -2.06 -5.90
CA VAL A 16 -6.29 -1.14 -4.94
C VAL A 16 -5.51 0.18 -4.86
N VAL A 17 -6.23 1.28 -4.68
CA VAL A 17 -5.60 2.61 -4.60
C VAL A 17 -5.13 2.94 -3.17
N VAL A 18 -3.85 3.24 -3.04
CA VAL A 18 -3.26 3.64 -1.75
C VAL A 18 -2.79 5.11 -1.82
N ARG A 19 -2.65 5.77 -0.67
CA ARG A 19 -2.24 7.18 -0.64
C ARG A 19 -1.08 7.43 0.34
N LEU A 20 -0.07 8.19 -0.12
CA LEU A 20 1.09 8.53 0.70
C LEU A 20 1.47 10.02 0.54
N TYR A 21 2.12 10.57 1.56
CA TYR A 21 2.51 12.00 1.56
C TYR A 21 3.72 12.25 0.63
N PRO A 22 3.62 13.23 -0.30
CA PRO A 22 4.67 13.52 -1.31
C PRO A 22 6.10 13.61 -0.73
N ASP A 23 6.28 14.35 0.37
CA ASP A 23 7.60 14.50 1.00
C ASP A 23 8.20 13.15 1.42
N GLU A 24 7.35 12.17 1.70
CA GLU A 24 7.79 10.83 2.04
C GLU A 24 7.93 9.97 0.77
N ILE A 25 7.12 10.27 -0.24
CA ILE A 25 7.27 9.66 -1.57
C ILE A 25 8.61 10.10 -2.20
N GLU A 26 9.07 11.29 -1.80
CA GLU A 26 10.37 11.82 -2.23
C GLU A 26 11.50 10.79 -2.00
N ALA A 27 11.55 10.25 -0.78
CA ALA A 27 12.51 9.21 -0.44
C ALA A 27 12.12 7.86 -1.09
N LEU A 28 10.82 7.59 -1.13
CA LEU A 28 10.30 6.35 -1.71
C LEU A 28 10.80 6.12 -3.14
N LYS A 29 10.68 7.13 -3.99
CA LYS A 29 11.09 7.01 -5.40
C LYS A 29 12.63 7.08 -5.56
N SER A 30 13.34 7.31 -4.47
CA SER A 30 14.82 7.31 -4.50
C SER A 30 15.37 5.91 -4.12
N ARG A 31 14.64 5.21 -3.26
CA ARG A 31 15.04 3.87 -2.78
C ARG A 31 14.52 2.75 -3.71
N VAL A 32 13.85 3.12 -4.80
CA VAL A 32 13.36 2.12 -5.78
C VAL A 32 14.34 1.95 -6.95
N PRO A 33 14.69 0.68 -7.28
CA PRO A 33 15.52 0.39 -8.47
C PRO A 33 14.71 0.47 -9.77
N ALA A 34 15.39 0.71 -10.89
CA ALA A 34 14.72 0.94 -12.19
C ALA A 34 13.88 -0.26 -12.65
N ASN A 35 14.22 -1.47 -12.21
CA ASN A 35 13.47 -2.68 -12.61
C ASN A 35 12.31 -2.99 -11.64
N THR A 36 12.21 -2.23 -10.56
CA THR A 36 11.12 -2.39 -9.58
C THR A 36 10.28 -1.12 -9.50
N SER A 37 9.07 -1.17 -10.06
CA SER A 37 8.18 0.01 -10.10
C SER A 37 7.71 0.41 -8.70
N MET A 38 7.21 1.64 -8.58
CA MET A 38 6.62 2.12 -7.33
C MET A 38 5.56 1.15 -6.79
N SER A 39 4.68 0.68 -7.69
CA SER A 39 3.61 -0.27 -7.32
C SER A 39 4.21 -1.61 -6.86
N ALA A 40 5.20 -2.11 -7.60
CA ALA A 40 5.86 -3.37 -7.26
C ALA A 40 6.61 -3.28 -5.91
N TYR A 41 7.21 -2.12 -5.64
CA TYR A 41 7.94 -1.90 -4.39
C TYR A 41 6.99 -1.81 -3.19
N ILE A 42 5.93 -1.01 -3.34
CA ILE A 42 4.90 -0.93 -2.29
C ILE A 42 4.25 -2.30 -2.05
N ARG A 43 4.07 -3.07 -3.14
CA ARG A 43 3.51 -4.42 -3.05
C ARG A 43 4.28 -5.31 -2.07
N ARG A 44 5.61 -5.32 -2.18
CA ARG A 44 6.43 -6.13 -1.27
C ARG A 44 6.47 -5.53 0.15
N ILE A 45 6.43 -4.20 0.25
CA ILE A 45 6.38 -3.52 1.56
C ILE A 45 5.14 -3.94 2.37
N ILE A 46 3.98 -3.89 1.73
CA ILE A 46 2.73 -4.30 2.39
C ILE A 46 2.67 -5.82 2.54
N LEU A 47 3.17 -6.55 1.53
CA LEU A 47 3.17 -8.02 1.57
C LEU A 47 3.73 -8.56 2.89
N ASN A 48 4.99 -8.26 3.18
CA ASN A 48 5.65 -8.74 4.41
C ASN A 48 4.86 -8.34 5.67
N HIS A 49 4.06 -7.28 5.58
CA HIS A 49 3.25 -6.81 6.71
C HIS A 49 1.86 -7.48 6.74
N LEU A 50 1.37 -7.92 5.58
CA LEU A 50 0.08 -8.63 5.50
C LEU A 50 0.25 -10.12 5.82
N GLU A 51 1.34 -10.73 5.37
CA GLU A 51 1.70 -12.09 5.78
C GLU A 51 2.10 -12.10 7.26
N ASP A 52 2.52 -10.93 7.76
CA ASP A 52 2.73 -10.72 9.20
C ASP A 52 1.37 -10.73 9.93
N GLU A 53 0.56 -9.69 9.69
CA GLU A 53 -0.83 -9.68 10.17
C GLU A 53 -1.69 -10.62 9.30
N MET B 1 -0.21 27.07 5.10
CA MET B 1 -1.03 26.84 3.91
C MET B 1 -0.45 27.56 2.66
N VAL B 2 0.55 28.42 2.88
CA VAL B 2 1.25 29.10 1.78
C VAL B 2 1.99 28.09 0.87
N GLY B 3 2.39 26.98 1.45
CA GLY B 3 3.16 25.97 0.71
C GLY B 3 4.01 25.10 1.63
N ARG B 4 3.34 24.45 2.58
CA ARG B 4 4.03 23.61 3.58
C ARG B 4 3.81 22.12 3.31
N ARG B 5 4.19 21.28 4.28
CA ARG B 5 4.04 19.83 4.15
C ARG B 5 2.57 19.40 4.20
N PRO B 6 2.22 18.25 3.60
CA PRO B 6 0.87 17.67 3.69
C PRO B 6 0.55 17.12 5.09
N GLY B 7 -0.74 16.98 5.41
CA GLY B 7 -1.14 16.50 6.72
C GLY B 7 -2.64 16.27 6.87
N GLY B 8 -3.18 15.36 6.06
CA GLY B 8 -4.60 15.01 6.14
C GLY B 8 -4.93 13.61 5.61
N GLY B 9 -4.91 13.47 4.29
CA GLY B 9 -5.22 12.19 3.66
C GLY B 9 -6.14 12.29 2.43
N LEU B 10 -6.48 13.52 2.03
CA LEU B 10 -7.41 13.73 0.90
C LEU B 10 -6.67 14.14 -0.40
N LYS B 11 -6.44 15.44 -0.56
CA LYS B 11 -5.74 15.96 -1.77
C LYS B 11 -4.24 16.12 -1.51
N ASP B 12 -3.85 16.04 -0.24
CA ASP B 12 -2.48 16.24 0.18
C ASP B 12 -1.63 14.97 -0.03
N THR B 13 -2.26 13.81 0.06
CA THR B 13 -1.57 12.53 -0.17
C THR B 13 -1.76 12.05 -1.62
N LYS B 14 -0.67 11.66 -2.26
CA LYS B 14 -0.71 11.24 -3.66
C LYS B 14 -1.08 9.75 -3.80
N PRO B 15 -1.96 9.40 -4.76
CA PRO B 15 -2.47 8.03 -4.92
C PRO B 15 -1.58 7.13 -5.80
N VAL B 16 -1.47 5.85 -5.41
CA VAL B 16 -0.73 4.85 -6.20
C VAL B 16 -1.54 3.53 -6.25
N VAL B 17 -1.76 3.00 -7.45
CA VAL B 17 -2.49 1.73 -7.60
C VAL B 17 -1.57 0.52 -7.36
N VAL B 18 -1.76 -0.15 -6.23
CA VAL B 18 -0.94 -1.31 -5.85
C VAL B 18 -1.78 -2.60 -5.89
N ARG B 19 -1.11 -3.74 -6.12
CA ARG B 19 -1.81 -5.04 -6.19
C ARG B 19 -1.40 -5.94 -5.01
N LEU B 20 -2.36 -6.73 -4.51
CA LEU B 20 -2.12 -7.64 -3.38
C LEU B 20 -2.94 -8.93 -3.52
N TYR B 21 -2.51 -9.99 -2.83
CA TYR B 21 -3.17 -11.30 -2.92
C TYR B 21 -4.58 -11.28 -2.30
N PRO B 22 -5.56 -11.94 -2.97
CA PRO B 22 -6.99 -11.88 -2.57
C PRO B 22 -7.28 -12.45 -1.18
N ASP B 23 -6.58 -13.52 -0.80
CA ASP B 23 -6.81 -14.17 0.50
C ASP B 23 -6.33 -13.30 1.67
N GLU B 24 -5.16 -12.67 1.50
CA GLU B 24 -4.66 -11.72 2.50
C GLU B 24 -5.59 -10.50 2.64
N ILE B 25 -6.08 -10.02 1.49
CA ILE B 25 -7.07 -8.93 1.48
C ILE B 25 -8.38 -9.36 2.18
N GLU B 26 -8.79 -10.62 1.97
CA GLU B 26 -9.97 -11.16 2.63
C GLU B 26 -9.82 -11.15 4.16
N ALA B 27 -8.71 -11.73 4.65
CA ALA B 27 -8.41 -11.75 6.09
C ALA B 27 -8.42 -10.32 6.67
N LEU B 28 -7.92 -9.37 5.89
CA LEU B 28 -7.91 -7.96 6.30
C LEU B 28 -9.35 -7.42 6.51
N LYS B 29 -10.16 -7.43 5.44
CA LYS B 29 -11.54 -6.92 5.50
C LYS B 29 -12.41 -7.76 6.46
N SER B 30 -11.89 -8.92 6.87
CA SER B 30 -12.59 -9.80 7.80
C SER B 30 -12.49 -9.31 9.25
N ARG B 31 -11.35 -8.70 9.61
CA ARG B 31 -11.12 -8.27 11.00
C ARG B 31 -11.34 -6.76 11.22
N VAL B 32 -11.10 -5.95 10.18
CA VAL B 32 -11.22 -4.49 10.29
C VAL B 32 -12.65 -4.05 10.62
N PRO B 33 -12.81 -2.95 11.40
CA PRO B 33 -14.13 -2.41 11.74
C PRO B 33 -14.86 -1.80 10.52
N ALA B 34 -16.19 -1.86 10.54
CA ALA B 34 -17.01 -1.39 9.42
C ALA B 34 -16.85 0.12 9.14
N ASN B 35 -16.17 0.83 10.06
CA ASN B 35 -15.89 2.26 9.87
C ASN B 35 -14.66 2.48 8.97
N THR B 36 -13.72 1.54 9.02
CA THR B 36 -12.47 1.65 8.25
C THR B 36 -12.65 1.19 6.79
N SER B 37 -12.69 2.14 5.87
CA SER B 37 -12.90 1.85 4.44
C SER B 37 -11.64 1.30 3.76
N MET B 38 -11.21 0.09 4.17
CA MET B 38 -10.07 -0.62 3.57
C MET B 38 -8.81 0.25 3.38
N SER B 39 -8.77 1.05 2.31
CA SER B 39 -7.60 1.88 1.98
C SER B 39 -7.15 2.77 3.16
N ALA B 40 -8.11 3.17 4.00
CA ALA B 40 -7.80 3.93 5.22
C ALA B 40 -6.82 3.15 6.13
N TYR B 41 -7.04 1.84 6.21
CA TYR B 41 -6.15 0.95 6.98
C TYR B 41 -4.80 0.80 6.27
N ILE B 42 -4.84 0.65 4.96
CA ILE B 42 -3.62 0.51 4.14
C ILE B 42 -2.74 1.77 4.20
N ARG B 43 -3.37 2.93 4.35
CA ARG B 43 -2.65 4.20 4.43
C ARG B 43 -1.55 4.18 5.50
N ARG B 44 -1.92 3.79 6.72
CA ARG B 44 -0.98 3.76 7.85
C ARG B 44 0.09 2.66 7.67
N ILE B 45 -0.24 1.59 6.95
CA ILE B 45 0.71 0.49 6.72
C ILE B 45 1.99 0.99 6.04
N ILE B 46 1.84 1.76 4.96
CA ILE B 46 3.00 2.33 4.27
C ILE B 46 3.51 3.58 4.99
N LEU B 47 2.57 4.42 5.49
CA LEU B 47 2.92 5.65 6.19
C LEU B 47 3.87 5.38 7.38
N ASN B 48 3.43 4.54 8.30
CA ASN B 48 4.26 4.17 9.46
C ASN B 48 5.61 3.58 9.04
N HIS B 49 5.64 2.92 7.88
CA HIS B 49 6.86 2.30 7.37
C HIS B 49 7.84 3.33 6.78
N LEU B 50 7.31 4.33 6.06
CA LEU B 50 8.16 5.38 5.46
C LEU B 50 8.84 6.25 6.54
N GLU B 51 8.24 6.31 7.72
CA GLU B 51 8.86 6.99 8.87
C GLU B 51 9.53 5.99 9.82
N ASP B 52 9.74 4.76 9.35
CA ASP B 52 10.37 3.71 10.16
C ASP B 52 11.58 3.09 9.44
N GLU B 53 11.31 2.38 8.35
CA GLU B 53 12.39 1.78 7.53
C GLU B 53 12.24 2.14 6.03
N MET A 1 -12.42 -17.65 3.34
CA MET A 1 -11.40 -18.71 3.13
C MET A 1 -10.24 -18.57 4.13
N VAL A 2 -9.44 -19.63 4.27
CA VAL A 2 -8.24 -19.58 5.11
C VAL A 2 -7.15 -18.68 4.48
N GLY A 3 -6.99 -18.78 3.16
CA GLY A 3 -6.01 -17.97 2.44
C GLY A 3 -5.33 -18.72 1.29
N ARG A 4 -5.31 -18.12 0.11
CA ARG A 4 -4.65 -18.72 -1.07
C ARG A 4 -3.55 -17.76 -1.57
N ARG A 5 -3.13 -17.96 -2.83
CA ARG A 5 -2.35 -16.93 -3.55
C ARG A 5 -2.43 -17.17 -5.07
N PRO A 6 -3.14 -16.28 -5.80
CA PRO A 6 -3.37 -16.43 -7.26
C PRO A 6 -2.08 -16.52 -8.10
N GLY A 7 -2.18 -17.24 -9.21
CA GLY A 7 -1.07 -17.37 -10.16
C GLY A 7 -1.45 -16.92 -11.56
N GLY A 8 -1.81 -15.64 -11.70
CA GLY A 8 -2.31 -15.13 -12.97
C GLY A 8 -1.34 -14.20 -13.69
N GLY A 9 -0.16 -13.96 -13.11
CA GLY A 9 0.84 -13.10 -13.75
C GLY A 9 0.40 -11.63 -13.87
N LEU A 10 -0.46 -11.35 -14.84
CA LEU A 10 -1.00 -9.99 -15.04
C LEU A 10 -2.33 -9.81 -14.29
N LYS A 11 -3.14 -10.86 -14.21
CA LYS A 11 -4.46 -10.79 -13.57
C LYS A 11 -4.47 -11.49 -12.21
N ASP A 12 -3.30 -11.58 -11.58
CA ASP A 12 -3.13 -12.27 -10.29
C ASP A 12 -3.64 -11.43 -9.11
N THR A 13 -3.16 -10.19 -9.02
CA THR A 13 -3.47 -9.30 -7.92
C THR A 13 -4.49 -8.22 -8.32
N LYS A 14 -5.22 -7.70 -7.35
CA LYS A 14 -6.25 -6.69 -7.61
C LYS A 14 -5.69 -5.27 -7.45
N PRO A 15 -5.93 -4.38 -8.43
CA PRO A 15 -5.46 -2.98 -8.38
C PRO A 15 -6.29 -2.12 -7.39
N VAL A 16 -5.73 -1.86 -6.22
CA VAL A 16 -6.38 -1.01 -5.21
C VAL A 16 -5.66 0.35 -5.08
N VAL A 17 -6.39 1.43 -5.31
CA VAL A 17 -5.83 2.78 -5.17
C VAL A 17 -5.68 3.19 -3.70
N VAL A 18 -4.46 3.55 -3.30
CA VAL A 18 -4.16 3.97 -1.92
C VAL A 18 -3.43 5.32 -1.90
N ARG A 19 -3.86 6.21 -1.01
CA ARG A 19 -3.25 7.53 -0.88
C ARG A 19 -2.07 7.55 0.12
N LEU A 20 -0.93 8.06 -0.31
CA LEU A 20 0.25 8.24 0.56
C LEU A 20 0.85 9.64 0.40
N TYR A 21 1.39 10.21 1.47
CA TYR A 21 1.95 11.57 1.44
C TYR A 21 3.07 11.71 0.40
N PRO A 22 3.08 12.83 -0.38
CA PRO A 22 4.07 13.07 -1.44
C PRO A 22 5.52 13.09 -0.91
N ASP A 23 5.67 13.42 0.38
CA ASP A 23 6.98 13.41 1.04
C ASP A 23 7.56 11.99 1.05
N GLU A 24 6.85 11.05 1.69
CA GLU A 24 7.25 9.65 1.72
C GLU A 24 7.43 9.09 0.31
N ILE A 25 6.49 9.40 -0.59
CA ILE A 25 6.57 8.96 -1.98
C ILE A 25 7.84 9.48 -2.68
N GLU A 26 8.21 10.74 -2.38
CA GLU A 26 9.40 11.35 -2.97
C GLU A 26 10.68 10.58 -2.56
N ALA A 27 10.86 10.39 -1.26
CA ALA A 27 11.99 9.62 -0.74
C ALA A 27 11.91 8.15 -1.19
N LEU A 28 10.68 7.64 -1.30
CA LEU A 28 10.43 6.27 -1.73
C LEU A 28 11.00 6.00 -3.13
N LYS A 29 10.43 6.66 -4.14
CA LYS A 29 10.84 6.43 -5.54
C LYS A 29 12.32 6.78 -5.77
N SER A 30 12.91 7.55 -4.87
CA SER A 30 14.35 7.85 -4.96
C SER A 30 15.21 6.62 -4.63
N ARG A 31 14.75 5.79 -3.68
CA ARG A 31 15.55 4.66 -3.19
C ARG A 31 15.02 3.29 -3.68
N VAL A 32 14.14 3.29 -4.67
CA VAL A 32 13.64 2.03 -5.25
C VAL A 32 14.58 1.51 -6.35
N PRO A 33 14.85 0.18 -6.38
CA PRO A 33 15.63 -0.44 -7.47
C PRO A 33 14.94 -0.29 -8.83
N ALA A 34 15.69 0.17 -9.83
CA ALA A 34 15.13 0.45 -11.17
C ALA A 34 14.33 -0.73 -11.75
N ASN A 35 14.75 -1.96 -11.44
CA ASN A 35 14.03 -3.16 -11.90
C ASN A 35 12.64 -3.29 -11.24
N THR A 36 12.52 -2.84 -9.99
CA THR A 36 11.26 -2.94 -9.24
C THR A 36 10.62 -1.56 -9.05
N SER A 37 9.58 -1.27 -9.83
CA SER A 37 8.90 0.03 -9.78
C SER A 37 7.91 0.12 -8.60
N MET A 38 7.20 1.24 -8.49
CA MET A 38 6.30 1.50 -7.35
C MET A 38 5.31 0.34 -7.09
N SER A 39 4.68 -0.18 -8.14
CA SER A 39 3.64 -1.21 -8.01
C SER A 39 4.13 -2.45 -7.25
N ALA A 40 5.13 -3.14 -7.79
CA ALA A 40 5.67 -4.35 -7.15
C ALA A 40 6.40 -4.02 -5.83
N TYR A 41 7.05 -2.86 -5.76
CA TYR A 41 7.78 -2.44 -4.57
C TYR A 41 6.83 -2.28 -3.37
N ILE A 42 5.72 -1.59 -3.57
CA ILE A 42 4.70 -1.43 -2.52
C ILE A 42 4.03 -2.78 -2.19
N ARG A 43 3.83 -3.61 -3.21
CA ARG A 43 3.22 -4.92 -3.01
C ARG A 43 4.00 -5.78 -2.01
N ARG A 44 5.31 -5.92 -2.26
CA ARG A 44 6.17 -6.71 -1.35
C ARG A 44 6.24 -6.07 0.05
N ILE A 45 6.12 -4.75 0.12
CA ILE A 45 6.06 -4.03 1.41
C ILE A 45 4.82 -4.45 2.23
N ILE A 46 3.63 -4.25 1.67
CA ILE A 46 2.39 -4.59 2.36
C ILE A 46 2.27 -6.12 2.57
N LEU A 47 2.74 -6.90 1.60
CA LEU A 47 2.68 -8.36 1.67
C LEU A 47 3.47 -8.87 2.88
N ASN A 48 4.73 -8.46 3.01
CA ASN A 48 5.56 -8.84 4.15
C ASN A 48 4.91 -8.43 5.48
N HIS A 49 4.21 -7.30 5.47
CA HIS A 49 3.50 -6.82 6.67
C HIS A 49 2.19 -7.61 6.89
N LEU A 50 1.63 -8.15 5.80
CA LEU A 50 0.45 -9.03 5.88
C LEU A 50 0.79 -10.36 6.57
N GLU A 51 1.87 -10.99 6.12
CA GLU A 51 2.37 -12.22 6.75
C GLU A 51 3.01 -11.92 8.11
N ASP A 52 3.40 -10.67 8.33
CA ASP A 52 3.81 -10.20 9.66
C ASP A 52 2.62 -10.28 10.65
N GLU A 53 1.59 -9.45 10.41
CA GLU A 53 0.34 -9.54 11.15
C GLU A 53 -0.58 -10.59 10.52
N MET B 1 1.77 24.86 5.33
CA MET B 1 0.80 25.05 4.25
C MET B 1 1.49 25.66 3.02
N VAL B 2 2.43 26.57 3.27
CA VAL B 2 3.30 27.11 2.21
C VAL B 2 4.77 26.70 2.46
N GLY B 3 5.19 26.74 3.72
CA GLY B 3 6.53 26.31 4.10
C GLY B 3 6.53 25.02 4.91
N ARG B 4 5.41 24.28 4.85
CA ARG B 4 5.27 23.00 5.55
C ARG B 4 4.79 21.90 4.60
N ARG B 5 4.68 20.67 5.09
CA ARG B 5 4.17 19.56 4.27
C ARG B 5 2.64 19.60 4.19
N PRO B 6 2.05 19.13 3.06
CA PRO B 6 0.59 19.20 2.85
C PRO B 6 -0.22 18.28 3.77
N GLY B 7 -0.94 18.88 4.72
CA GLY B 7 -1.84 18.11 5.58
C GLY B 7 -3.30 18.53 5.39
N GLY B 8 -3.72 18.59 4.14
CA GLY B 8 -5.06 19.07 3.81
C GLY B 8 -6.17 18.02 3.94
N GLY B 9 -5.80 16.77 4.23
CA GLY B 9 -6.79 15.71 4.40
C GLY B 9 -7.39 15.20 3.08
N LEU B 10 -7.98 16.11 2.30
CA LEU B 10 -8.59 15.75 1.02
C LEU B 10 -7.60 15.87 -0.16
N LYS B 11 -6.45 16.49 0.09
CA LYS B 11 -5.42 16.68 -0.94
C LYS B 11 -4.01 16.60 -0.34
N ASP B 12 -3.89 15.93 0.81
CA ASP B 12 -2.60 15.80 1.50
C ASP B 12 -1.77 14.63 0.95
N THR B 13 -2.45 13.62 0.43
CA THR B 13 -1.82 12.39 -0.03
C THR B 13 -2.07 12.11 -1.51
N LYS B 14 -1.08 11.52 -2.18
CA LYS B 14 -1.16 11.21 -3.61
C LYS B 14 -1.74 9.81 -3.84
N PRO B 15 -2.61 9.64 -4.86
CA PRO B 15 -3.20 8.33 -5.20
C PRO B 15 -2.23 7.39 -5.94
N VAL B 16 -1.84 6.31 -5.28
CA VAL B 16 -0.94 5.30 -5.89
C VAL B 16 -1.73 4.00 -6.21
N VAL B 17 -1.54 3.47 -7.41
CA VAL B 17 -2.21 2.22 -7.80
C VAL B 17 -1.45 0.99 -7.25
N VAL B 18 -1.90 0.48 -6.11
CA VAL B 18 -1.29 -0.69 -5.47
C VAL B 18 -1.96 -2.00 -5.94
N ARG B 19 -1.25 -3.10 -5.82
CA ARG B 19 -1.79 -4.42 -6.19
C ARG B 19 -1.49 -5.47 -5.10
N LEU B 20 -2.51 -6.21 -4.67
CA LEU B 20 -2.33 -7.26 -3.66
C LEU B 20 -3.26 -8.48 -3.95
N TYR B 21 -2.88 -9.64 -3.42
CA TYR B 21 -3.62 -10.89 -3.64
C TYR B 21 -5.00 -10.86 -2.95
N PRO B 22 -6.10 -11.06 -3.70
CA PRO B 22 -7.48 -10.90 -3.18
C PRO B 22 -7.77 -11.75 -1.92
N ASP B 23 -7.32 -12.99 -1.94
CA ASP B 23 -7.51 -13.91 -0.80
C ASP B 23 -6.74 -13.43 0.45
N GLU B 24 -5.48 -13.03 0.27
CA GLU B 24 -4.70 -12.48 1.39
C GLU B 24 -5.26 -11.11 1.83
N ILE B 25 -5.91 -10.38 0.91
CA ILE B 25 -6.66 -9.18 1.27
C ILE B 25 -7.87 -9.54 2.15
N GLU B 26 -8.50 -10.68 1.83
CA GLU B 26 -9.60 -11.20 2.65
C GLU B 26 -9.12 -11.52 4.08
N ALA B 27 -7.91 -12.07 4.18
CA ALA B 27 -7.27 -12.31 5.49
C ALA B 27 -7.07 -10.98 6.24
N LEU B 28 -6.76 -9.91 5.50
CA LEU B 28 -6.57 -8.59 6.09
C LEU B 28 -7.90 -7.98 6.56
N LYS B 29 -8.93 -8.00 5.71
CA LYS B 29 -10.23 -7.43 6.06
C LYS B 29 -10.99 -8.30 7.07
N SER B 30 -10.34 -9.34 7.56
CA SER B 30 -10.90 -10.17 8.65
C SER B 30 -10.88 -9.41 9.99
N ARG B 31 -10.06 -8.36 10.07
CA ARG B 31 -9.90 -7.59 11.31
C ARG B 31 -10.30 -6.10 11.13
N VAL B 32 -11.11 -5.80 10.12
CA VAL B 32 -11.55 -4.41 9.89
C VAL B 32 -12.98 -4.15 10.38
N PRO B 33 -13.15 -3.24 11.37
CA PRO B 33 -14.48 -2.85 11.85
C PRO B 33 -15.16 -1.82 10.93
N ALA B 34 -16.44 -1.54 11.19
CA ALA B 34 -17.22 -0.61 10.35
C ALA B 34 -16.72 0.84 10.43
N ASN B 35 -15.71 1.09 11.25
CA ASN B 35 -15.10 2.43 11.35
C ASN B 35 -13.81 2.53 10.52
N THR B 36 -13.45 1.44 9.83
CA THR B 36 -12.20 1.39 9.06
C THR B 36 -12.45 1.24 7.55
N SER B 37 -12.11 2.29 6.79
CA SER B 37 -12.20 2.24 5.32
C SER B 37 -10.91 1.67 4.71
N MET B 38 -11.05 0.90 3.62
CA MET B 38 -9.93 0.14 3.04
C MET B 38 -8.74 1.03 2.63
N SER B 39 -8.96 1.94 1.68
CA SER B 39 -7.88 2.82 1.17
C SER B 39 -7.19 3.58 2.31
N ALA B 40 -7.98 4.12 3.24
CA ALA B 40 -7.44 4.81 4.42
C ALA B 40 -6.69 3.86 5.35
N TYR B 41 -7.15 2.61 5.42
CA TYR B 41 -6.51 1.58 6.25
C TYR B 41 -5.12 1.23 5.73
N ILE B 42 -5.01 0.95 4.43
CA ILE B 42 -3.71 0.66 3.81
C ILE B 42 -2.77 1.87 3.92
N ARG B 43 -3.34 3.06 3.82
CA ARG B 43 -2.60 4.33 3.97
C ARG B 43 -1.75 4.36 5.25
N ARG B 44 -2.36 4.03 6.39
CA ARG B 44 -1.63 3.98 7.66
C ARG B 44 -0.69 2.77 7.74
N ILE B 45 -1.10 1.65 7.15
CA ILE B 45 -0.29 0.41 7.15
C ILE B 45 1.09 0.65 6.51
N ILE B 46 1.09 1.21 5.29
CA ILE B 46 2.34 1.50 4.59
C ILE B 46 3.18 2.54 5.33
N LEU B 47 2.51 3.54 5.91
CA LEU B 47 3.19 4.59 6.68
C LEU B 47 4.03 4.00 7.83
N ASN B 48 3.44 3.09 8.60
CA ASN B 48 4.15 2.41 9.71
C ASN B 48 5.48 1.80 9.25
N HIS B 49 5.53 1.35 7.99
CA HIS B 49 6.76 0.77 7.44
C HIS B 49 7.70 1.86 6.89
N LEU B 50 7.14 2.85 6.21
CA LEU B 50 7.95 3.95 5.64
C LEU B 50 8.64 4.79 6.72
N GLU B 51 8.05 4.85 7.91
CA GLU B 51 8.67 5.56 9.04
C GLU B 51 9.68 4.66 9.78
N ASP B 52 9.79 3.40 9.36
CA ASP B 52 10.66 2.43 10.03
C ASP B 52 11.79 1.96 9.09
N GLU B 53 11.44 1.17 8.07
CA GLU B 53 12.40 0.68 7.07
C GLU B 53 11.95 1.03 5.64
N MET A 1 -12.17 -18.34 2.22
CA MET A 1 -11.12 -19.36 1.94
C MET A 1 -10.15 -19.50 3.13
N VAL A 2 -9.17 -20.40 3.00
CA VAL A 2 -8.12 -20.56 4.01
C VAL A 2 -6.80 -19.91 3.56
N GLY A 3 -6.74 -19.54 2.27
CA GLY A 3 -5.53 -18.93 1.72
C GLY A 3 -5.08 -19.61 0.42
N ARG A 4 -5.78 -19.37 -0.67
CA ARG A 4 -5.43 -19.93 -1.98
C ARG A 4 -5.33 -18.84 -3.04
N ARG A 5 -4.12 -18.32 -3.24
CA ARG A 5 -3.86 -17.26 -4.22
C ARG A 5 -3.90 -17.79 -5.67
N PRO A 6 -4.40 -16.97 -6.62
CA PRO A 6 -4.41 -17.34 -8.04
C PRO A 6 -2.99 -17.31 -8.67
N GLY A 7 -2.92 -17.44 -9.99
CA GLY A 7 -1.62 -17.41 -10.67
C GLY A 7 -1.66 -16.68 -12.00
N GLY A 8 -0.53 -16.12 -12.41
CA GLY A 8 -0.45 -15.41 -13.69
C GLY A 8 0.44 -14.18 -13.64
N GLY A 9 -0.17 -13.02 -13.48
CA GLY A 9 0.58 -11.76 -13.49
C GLY A 9 -0.24 -10.57 -14.01
N LEU A 10 -1.47 -10.84 -14.47
CA LEU A 10 -2.32 -9.81 -15.08
C LEU A 10 -3.64 -9.59 -14.30
N LYS A 11 -4.46 -10.62 -14.23
CA LYS A 11 -5.82 -10.50 -13.64
C LYS A 11 -5.92 -11.17 -12.25
N ASP A 12 -4.85 -11.84 -11.85
CA ASP A 12 -4.80 -12.60 -10.58
C ASP A 12 -5.00 -11.70 -9.33
N THR A 13 -3.94 -11.01 -8.90
CA THR A 13 -4.01 -10.14 -7.71
C THR A 13 -4.85 -8.89 -7.96
N LYS A 14 -5.51 -8.40 -6.92
CA LYS A 14 -6.48 -7.30 -7.05
C LYS A 14 -5.80 -5.93 -6.92
N PRO A 15 -5.99 -5.02 -7.90
CA PRO A 15 -5.42 -3.66 -7.87
C PRO A 15 -6.20 -2.72 -6.92
N VAL A 16 -5.70 -2.56 -5.70
CA VAL A 16 -6.31 -1.65 -4.72
C VAL A 16 -5.62 -0.28 -4.73
N VAL A 17 -6.40 0.80 -4.61
CA VAL A 17 -5.85 2.15 -4.62
C VAL A 17 -5.52 2.66 -3.20
N VAL A 18 -4.24 2.87 -2.95
CA VAL A 18 -3.76 3.37 -1.65
C VAL A 18 -3.13 4.77 -1.79
N ARG A 19 -3.43 5.67 -0.86
CA ARG A 19 -2.92 7.05 -0.94
C ARG A 19 -1.76 7.28 0.04
N LEU A 20 -0.67 7.87 -0.45
CA LEU A 20 0.51 8.18 0.39
C LEU A 20 1.01 9.61 0.10
N TYR A 21 1.63 10.24 1.09
CA TYR A 21 2.09 11.64 0.96
C TYR A 21 3.21 11.80 -0.09
N PRO A 22 3.22 12.93 -0.82
CA PRO A 22 4.15 13.16 -1.94
C PRO A 22 5.61 13.13 -1.51
N ASP A 23 5.93 13.76 -0.38
CA ASP A 23 7.29 13.79 0.16
C ASP A 23 7.80 12.38 0.47
N GLU A 24 6.95 11.54 1.04
CA GLU A 24 7.31 10.14 1.32
C GLU A 24 7.60 9.38 0.02
N ILE A 25 6.70 9.52 -0.97
CA ILE A 25 6.91 8.93 -2.29
C ILE A 25 8.14 9.53 -2.98
N GLU A 26 8.45 10.79 -2.67
CA GLU A 26 9.62 11.48 -3.23
C GLU A 26 10.93 10.89 -2.67
N ALA A 27 10.94 10.59 -1.38
CA ALA A 27 12.07 9.88 -0.77
C ALA A 27 12.11 8.42 -1.21
N LEU A 28 10.93 7.85 -1.45
CA LEU A 28 10.79 6.46 -1.90
C LEU A 28 11.49 6.24 -3.25
N LYS A 29 11.18 7.07 -4.24
CA LYS A 29 11.72 6.92 -5.60
C LYS A 29 13.27 6.95 -5.63
N SER A 30 13.89 7.40 -4.54
CA SER A 30 15.36 7.41 -4.44
C SER A 30 15.90 6.06 -3.92
N ARG A 31 15.11 5.39 -3.06
CA ARG A 31 15.55 4.15 -2.42
C ARG A 31 14.99 2.89 -3.11
N VAL A 32 14.29 3.07 -4.23
CA VAL A 32 13.73 1.93 -4.98
C VAL A 32 14.73 1.41 -6.04
N PRO A 33 14.75 0.08 -6.28
CA PRO A 33 15.57 -0.53 -7.34
C PRO A 33 15.17 -0.05 -8.74
N ALA A 34 16.14 0.07 -9.65
CA ALA A 34 15.90 0.58 -11.00
C ALA A 34 14.79 -0.20 -11.74
N ASN A 35 14.70 -1.50 -11.50
CA ASN A 35 13.69 -2.35 -12.16
C ASN A 35 12.31 -2.21 -11.48
N THR A 36 12.31 -1.90 -10.19
CA THR A 36 11.07 -1.86 -9.39
C THR A 36 10.42 -0.47 -9.38
N SER A 37 9.15 -0.40 -9.76
CA SER A 37 8.39 0.86 -9.75
C SER A 37 7.81 1.16 -8.36
N MET A 38 7.22 2.35 -8.20
CA MET A 38 6.63 2.77 -6.92
C MET A 38 5.56 1.77 -6.44
N SER A 39 4.52 1.57 -7.26
CA SER A 39 3.43 0.64 -6.92
C SER A 39 3.95 -0.77 -6.64
N ALA A 40 4.87 -1.24 -7.49
CA ALA A 40 5.49 -2.56 -7.31
C ALA A 40 6.22 -2.68 -5.96
N TYR A 41 6.91 -1.61 -5.55
CA TYR A 41 7.63 -1.59 -4.28
C TYR A 41 6.67 -1.55 -3.08
N ILE A 42 5.65 -0.70 -3.17
CA ILE A 42 4.64 -0.60 -2.10
C ILE A 42 4.01 -1.97 -1.79
N ARG A 43 3.92 -2.81 -2.82
CA ARG A 43 3.35 -4.16 -2.66
C ARG A 43 4.07 -4.95 -1.57
N ARG A 44 5.41 -4.94 -1.56
CA ARG A 44 6.17 -5.73 -0.58
C ARG A 44 6.02 -5.15 0.83
N ILE A 45 5.87 -3.84 0.94
CA ILE A 45 5.71 -3.17 2.24
C ILE A 45 4.48 -3.70 2.99
N ILE A 46 3.35 -3.80 2.28
CA ILE A 46 2.13 -4.35 2.86
C ILE A 46 2.14 -5.88 2.89
N LEU A 47 2.68 -6.49 1.83
CA LEU A 47 2.77 -7.96 1.73
C LEU A 47 3.48 -8.58 2.95
N ASN A 48 4.73 -8.17 3.17
CA ASN A 48 5.52 -8.68 4.30
C ASN A 48 4.88 -8.35 5.66
N HIS A 49 3.90 -7.45 5.65
CA HIS A 49 3.16 -7.11 6.87
C HIS A 49 1.89 -7.98 7.00
N LEU A 50 1.28 -8.32 5.86
CA LEU A 50 0.07 -9.17 5.85
C LEU A 50 0.40 -10.65 6.08
N GLU A 51 1.52 -11.11 5.54
CA GLU A 51 1.97 -12.49 5.77
C GLU A 51 2.35 -12.70 7.25
N ASP A 52 2.86 -11.64 7.88
CA ASP A 52 3.20 -11.66 9.31
C ASP A 52 1.94 -11.78 10.19
N GLU A 53 0.98 -10.88 9.99
CA GLU A 53 -0.31 -10.94 10.70
C GLU A 53 -1.28 -11.87 9.98
N MET B 1 1.30 25.66 4.75
CA MET B 1 0.32 25.27 3.73
C MET B 1 0.65 25.91 2.37
N VAL B 2 1.53 26.91 2.37
CA VAL B 2 1.97 27.55 1.14
C VAL B 2 3.37 27.06 0.73
N GLY B 3 4.13 26.53 1.71
CA GLY B 3 5.45 25.98 1.44
C GLY B 3 5.90 25.00 2.51
N ARG B 4 4.94 24.26 3.08
CA ARG B 4 5.22 23.30 4.16
C ARG B 4 4.69 21.90 3.79
N ARG B 5 4.82 20.93 4.70
CA ARG B 5 4.30 19.58 4.47
C ARG B 5 2.76 19.54 4.64
N PRO B 6 2.03 18.99 3.64
CA PRO B 6 0.56 18.88 3.70
C PRO B 6 0.08 17.82 4.70
N GLY B 7 -1.24 17.64 4.77
CA GLY B 7 -1.82 16.66 5.69
C GLY B 7 -3.34 16.74 5.80
N GLY B 8 -4.03 16.13 4.85
CA GLY B 8 -5.50 16.14 4.86
C GLY B 8 -6.11 14.85 4.32
N GLY B 9 -5.42 14.21 3.38
CA GLY B 9 -5.92 12.98 2.79
C GLY B 9 -6.93 13.22 1.65
N LEU B 10 -6.86 14.41 1.06
CA LEU B 10 -7.78 14.79 -0.01
C LEU B 10 -7.10 14.70 -1.39
N LYS B 11 -6.19 15.65 -1.67
CA LYS B 11 -5.38 15.60 -2.90
C LYS B 11 -3.90 15.39 -2.56
N ASP B 12 -3.54 15.76 -1.33
CA ASP B 12 -2.16 15.66 -0.85
C ASP B 12 -1.66 14.20 -0.87
N THR B 13 -2.42 13.29 -0.28
CA THR B 13 -2.09 11.87 -0.33
C THR B 13 -2.25 11.32 -1.76
N LYS B 14 -1.13 11.15 -2.46
CA LYS B 14 -1.14 10.73 -3.87
C LYS B 14 -1.70 9.30 -4.04
N PRO B 15 -2.69 9.13 -4.93
CA PRO B 15 -3.32 7.81 -5.20
C PRO B 15 -2.41 6.86 -6.01
N VAL B 16 -1.97 5.78 -5.37
CA VAL B 16 -1.14 4.75 -6.00
C VAL B 16 -1.91 3.42 -6.14
N VAL B 17 -1.88 2.83 -7.33
CA VAL B 17 -2.58 1.56 -7.58
C VAL B 17 -1.66 0.33 -7.37
N VAL B 18 -1.90 -0.41 -6.29
CA VAL B 18 -1.08 -1.57 -5.94
C VAL B 18 -1.90 -2.88 -5.99
N ARG B 19 -1.32 -3.92 -6.58
CA ARG B 19 -2.01 -5.22 -6.67
C ARG B 19 -1.63 -6.15 -5.50
N LEU B 20 -2.61 -6.52 -4.69
CA LEU B 20 -2.39 -7.40 -3.53
C LEU B 20 -3.11 -8.75 -3.70
N TYR B 21 -2.65 -9.77 -2.98
CA TYR B 21 -3.21 -11.13 -3.10
C TYR B 21 -4.64 -11.22 -2.53
N PRO B 22 -5.61 -11.71 -3.34
CA PRO B 22 -7.03 -11.80 -2.94
C PRO B 22 -7.27 -12.55 -1.61
N ASP B 23 -6.53 -13.64 -1.42
CA ASP B 23 -6.65 -14.46 -0.21
C ASP B 23 -6.20 -13.68 1.05
N GLU B 24 -5.21 -12.82 0.90
CA GLU B 24 -4.77 -11.94 1.99
C GLU B 24 -5.73 -10.76 2.19
N ILE B 25 -6.24 -10.22 1.08
CA ILE B 25 -7.27 -9.17 1.12
C ILE B 25 -8.51 -9.68 1.86
N GLU B 26 -8.79 -10.98 1.71
CA GLU B 26 -9.89 -11.63 2.42
C GLU B 26 -9.76 -11.41 3.95
N ALA B 27 -8.54 -11.55 4.46
CA ALA B 27 -8.24 -11.29 5.88
C ALA B 27 -8.23 -9.79 6.17
N LEU B 28 -7.73 -9.01 5.21
CA LEU B 28 -7.67 -7.56 5.33
C LEU B 28 -9.06 -6.93 5.57
N LYS B 29 -10.07 -7.44 4.87
CA LYS B 29 -11.45 -6.94 5.02
C LYS B 29 -12.19 -7.63 6.18
N SER B 30 -11.49 -8.49 6.92
CA SER B 30 -12.09 -9.27 8.02
C SER B 30 -11.74 -8.70 9.41
N ARG B 31 -10.45 -8.42 9.63
CA ARG B 31 -9.98 -7.97 10.95
C ARG B 31 -10.06 -6.44 11.13
N VAL B 32 -10.68 -5.75 10.19
CA VAL B 32 -10.78 -4.27 10.27
C VAL B 32 -12.18 -3.83 10.71
N PRO B 33 -12.25 -2.74 11.52
CA PRO B 33 -13.54 -2.14 11.92
C PRO B 33 -14.34 -1.59 10.73
N ALA B 34 -15.67 -1.61 10.84
CA ALA B 34 -16.56 -1.18 9.76
C ALA B 34 -16.29 0.28 9.31
N ASN B 35 -15.73 1.09 10.20
CA ASN B 35 -15.43 2.49 9.90
C ASN B 35 -14.07 2.68 9.21
N THR B 36 -13.09 1.86 9.61
CA THR B 36 -11.70 2.02 9.14
C THR B 36 -11.57 1.90 7.61
N SER B 37 -12.25 0.90 7.03
CA SER B 37 -12.23 0.66 5.56
C SER B 37 -10.88 0.08 5.11
N MET B 38 -10.72 -0.07 3.78
CA MET B 38 -9.51 -0.70 3.21
C MET B 38 -8.34 0.29 3.06
N SER B 39 -8.48 1.22 2.12
CA SER B 39 -7.39 2.15 1.76
C SER B 39 -6.81 2.87 2.99
N ALA B 40 -7.68 3.39 3.85
CA ALA B 40 -7.26 4.07 5.07
C ALA B 40 -6.44 3.14 6.00
N TYR B 41 -6.81 1.86 6.04
CA TYR B 41 -6.09 0.88 6.88
C TYR B 41 -4.71 0.55 6.30
N ILE B 42 -4.59 0.60 4.97
CA ILE B 42 -3.30 0.37 4.32
C ILE B 42 -2.39 1.60 4.43
N ARG B 43 -2.99 2.79 4.35
CA ARG B 43 -2.24 4.05 4.45
C ARG B 43 -1.43 4.14 5.75
N ARG B 44 -2.04 3.75 6.87
CA ARG B 44 -1.34 3.73 8.17
C ARG B 44 -0.20 2.70 8.17
N ILE B 45 -0.41 1.56 7.52
CA ILE B 45 0.60 0.49 7.47
C ILE B 45 1.89 0.97 6.78
N ILE B 46 1.75 1.51 5.56
CA ILE B 46 2.91 2.01 4.81
C ILE B 46 3.55 3.23 5.51
N LEU B 47 2.72 4.13 6.03
CA LEU B 47 3.20 5.29 6.79
C LEU B 47 4.16 4.85 7.92
N ASN B 48 3.73 3.86 8.70
CA ASN B 48 4.53 3.34 9.82
C ASN B 48 5.74 2.51 9.35
N HIS B 49 6.03 2.54 8.05
CA HIS B 49 7.23 1.88 7.52
C HIS B 49 8.21 2.90 6.93
N LEU B 50 7.68 3.90 6.22
CA LEU B 50 8.52 4.97 5.64
C LEU B 50 9.18 5.83 6.73
N GLU B 51 8.55 5.91 7.91
CA GLU B 51 9.14 6.61 9.05
C GLU B 51 9.99 5.66 9.92
N ASP B 52 10.06 4.39 9.53
CA ASP B 52 10.74 3.37 10.34
C ASP B 52 12.06 2.91 9.70
N GLU B 53 11.96 2.10 8.63
CA GLU B 53 13.15 1.63 7.91
C GLU B 53 13.11 2.05 6.42
N MET A 1 -12.01 -17.66 1.78
CA MET A 1 -10.97 -18.71 1.62
C MET A 1 -10.14 -18.87 2.90
N VAL A 2 -9.47 -20.02 3.04
CA VAL A 2 -8.68 -20.32 4.25
C VAL A 2 -7.18 -20.03 4.06
N GLY A 3 -6.84 -19.28 3.01
CA GLY A 3 -5.45 -18.96 2.73
C GLY A 3 -4.88 -19.73 1.54
N ARG A 4 -4.78 -19.07 0.40
CA ARG A 4 -4.30 -19.68 -0.85
C ARG A 4 -3.43 -18.70 -1.65
N ARG A 5 -3.14 -19.03 -2.90
CA ARG A 5 -2.47 -18.11 -3.83
C ARG A 5 -2.77 -18.48 -5.29
N PRO A 6 -3.57 -17.66 -6.01
CA PRO A 6 -4.01 -17.99 -7.38
C PRO A 6 -2.91 -17.83 -8.44
N GLY A 7 -2.71 -18.87 -9.25
CA GLY A 7 -1.77 -18.81 -10.36
C GLY A 7 -2.34 -18.08 -11.56
N GLY A 8 -2.53 -16.77 -11.44
CA GLY A 8 -3.14 -15.98 -12.50
C GLY A 8 -2.13 -15.40 -13.48
N GLY A 9 -0.85 -15.42 -13.12
CA GLY A 9 0.21 -14.86 -13.97
C GLY A 9 0.09 -13.35 -14.10
N LEU A 10 -0.87 -12.89 -14.89
CA LEU A 10 -1.11 -11.46 -15.09
C LEU A 10 -2.35 -10.98 -14.30
N LYS A 11 -3.23 -11.91 -13.95
CA LYS A 11 -4.55 -11.55 -13.38
C LYS A 11 -4.75 -12.08 -11.94
N ASP A 12 -3.67 -12.29 -11.21
CA ASP A 12 -3.76 -12.66 -9.79
C ASP A 12 -3.76 -11.42 -8.87
N THR A 13 -2.70 -10.63 -8.95
CA THR A 13 -2.58 -9.41 -8.13
C THR A 13 -3.67 -8.38 -8.48
N LYS A 14 -4.69 -8.30 -7.62
CA LYS A 14 -5.81 -7.37 -7.82
C LYS A 14 -5.41 -5.92 -7.49
N PRO A 15 -5.80 -4.96 -8.35
CA PRO A 15 -5.49 -3.52 -8.15
C PRO A 15 -6.25 -2.89 -6.96
N VAL A 16 -5.57 -1.97 -6.27
CA VAL A 16 -6.17 -1.24 -5.14
C VAL A 16 -5.45 0.11 -4.94
N VAL A 17 -6.21 1.20 -4.98
CA VAL A 17 -5.64 2.55 -4.85
C VAL A 17 -5.48 2.98 -3.38
N VAL A 18 -4.24 3.25 -2.98
CA VAL A 18 -3.94 3.75 -1.63
C VAL A 18 -3.21 5.10 -1.73
N ARG A 19 -3.50 6.02 -0.81
CA ARG A 19 -2.94 7.38 -0.87
C ARG A 19 -1.82 7.61 0.16
N LEU A 20 -0.79 8.37 -0.26
CA LEU A 20 0.36 8.68 0.58
C LEU A 20 0.81 10.15 0.36
N TYR A 21 1.53 10.71 1.33
CA TYR A 21 1.96 12.13 1.25
C TYR A 21 3.09 12.35 0.24
N PRO A 22 3.09 13.52 -0.46
CA PRO A 22 4.10 13.86 -1.48
C PRO A 22 5.54 13.71 -0.96
N ASP A 23 5.80 14.23 0.23
CA ASP A 23 7.11 14.13 0.87
C ASP A 23 7.60 12.67 0.96
N GLU A 24 6.69 11.78 1.37
CA GLU A 24 7.00 10.35 1.49
C GLU A 24 7.15 9.68 0.12
N ILE A 25 6.31 10.08 -0.84
CA ILE A 25 6.42 9.58 -2.21
C ILE A 25 7.73 10.08 -2.87
N GLU A 26 8.17 11.26 -2.46
CA GLU A 26 9.47 11.80 -2.89
C GLU A 26 10.61 10.86 -2.46
N ALA A 27 10.60 10.48 -1.18
CA ALA A 27 11.55 9.50 -0.66
C ALA A 27 11.31 8.10 -1.25
N LEU A 28 10.04 7.82 -1.55
CA LEU A 28 9.64 6.53 -2.15
C LEU A 28 10.34 6.33 -3.50
N LYS A 29 10.03 7.20 -4.48
CA LYS A 29 10.63 7.10 -5.82
C LYS A 29 12.17 7.22 -5.77
N SER A 30 12.69 7.63 -4.62
CA SER A 30 14.14 7.69 -4.40
C SER A 30 14.70 6.33 -3.95
N ARG A 31 14.03 5.67 -3.00
CA ARG A 31 14.53 4.43 -2.42
C ARG A 31 14.05 3.15 -3.15
N VAL A 32 13.16 3.32 -4.14
CA VAL A 32 12.69 2.18 -4.94
C VAL A 32 13.76 1.70 -5.94
N PRO A 33 13.97 0.37 -6.05
CA PRO A 33 14.90 -0.20 -7.02
C PRO A 33 14.41 -0.08 -8.47
N ALA A 34 15.33 0.17 -9.41
CA ALA A 34 14.97 0.30 -10.83
C ALA A 34 14.22 -0.92 -11.38
N ASN A 35 14.56 -2.10 -10.87
CA ASN A 35 13.92 -3.35 -11.30
C ASN A 35 12.65 -3.66 -10.48
N THR A 36 12.05 -2.64 -9.88
CA THR A 36 10.81 -2.81 -9.11
C THR A 36 9.88 -1.61 -9.27
N SER A 37 8.67 -1.85 -9.78
CA SER A 37 7.66 -0.80 -9.92
C SER A 37 7.14 -0.33 -8.55
N MET A 38 6.53 0.84 -8.50
CA MET A 38 5.93 1.35 -7.26
C MET A 38 4.87 0.38 -6.72
N SER A 39 4.08 -0.19 -7.62
CA SER A 39 3.05 -1.18 -7.24
C SER A 39 3.68 -2.41 -6.58
N ALA A 40 4.73 -2.94 -7.18
CA ALA A 40 5.43 -4.11 -6.65
C ALA A 40 6.15 -3.80 -5.32
N TYR A 41 6.73 -2.60 -5.23
CA TYR A 41 7.44 -2.17 -4.02
C TYR A 41 6.46 -2.01 -2.83
N ILE A 42 5.41 -1.21 -3.02
CA ILE A 42 4.39 -1.05 -1.98
C ILE A 42 3.74 -2.41 -1.63
N ARG A 43 3.55 -3.25 -2.65
CA ARG A 43 3.05 -4.60 -2.46
C ARG A 43 3.87 -5.37 -1.41
N ARG A 44 5.18 -5.46 -1.63
CA ARG A 44 6.05 -6.21 -0.72
C ARG A 44 6.14 -5.53 0.66
N ILE A 45 6.00 -4.20 0.69
CA ILE A 45 5.94 -3.46 1.96
C ILE A 45 4.82 -4.00 2.87
N ILE A 46 3.59 -4.00 2.36
CA ILE A 46 2.45 -4.52 3.13
C ILE A 46 2.50 -6.06 3.23
N LEU A 47 3.01 -6.71 2.18
CA LEU A 47 3.16 -8.17 2.16
C LEU A 47 3.87 -8.68 3.41
N ASN A 48 5.04 -8.10 3.73
CA ASN A 48 5.80 -8.50 4.92
C ASN A 48 5.00 -8.29 6.22
N HIS A 49 3.95 -7.47 6.17
CA HIS A 49 3.09 -7.26 7.33
C HIS A 49 1.86 -8.21 7.30
N LEU A 50 1.44 -8.61 6.10
CA LEU A 50 0.33 -9.56 5.93
C LEU A 50 0.79 -11.00 6.24
N GLU A 51 1.95 -11.38 5.73
CA GLU A 51 2.55 -12.70 6.06
C GLU A 51 2.89 -12.77 7.56
N ASP A 52 3.09 -11.61 8.17
CA ASP A 52 3.35 -11.52 9.60
C ASP A 52 2.08 -11.83 10.41
N GLU A 53 1.06 -10.97 10.30
CA GLU A 53 -0.23 -11.21 10.96
C GLU A 53 -1.13 -12.06 10.06
N MET B 1 2.47 24.05 5.28
CA MET B 1 1.63 24.18 4.09
C MET B 1 2.26 25.16 3.09
N VAL B 2 2.49 26.40 3.54
CA VAL B 2 3.25 27.38 2.75
C VAL B 2 4.75 27.07 2.80
N GLY B 3 5.18 26.49 3.93
CA GLY B 3 6.58 26.09 4.09
C GLY B 3 6.72 24.94 5.10
N ARG B 4 5.66 24.14 5.24
CA ARG B 4 5.65 23.02 6.19
C ARG B 4 5.10 21.74 5.55
N ARG B 5 5.09 20.65 6.31
CA ARG B 5 4.50 19.38 5.85
C ARG B 5 2.98 19.51 5.64
N PRO B 6 2.42 18.72 4.72
CA PRO B 6 0.97 18.69 4.48
C PRO B 6 0.18 18.02 5.63
N GLY B 7 -1.12 18.32 5.73
CA GLY B 7 -1.94 17.75 6.79
C GLY B 7 -3.41 18.15 6.70
N GLY B 8 -4.18 17.42 5.88
CA GLY B 8 -5.61 17.69 5.74
C GLY B 8 -6.42 16.44 5.41
N GLY B 9 -5.85 15.56 4.59
CA GLY B 9 -6.51 14.32 4.21
C GLY B 9 -7.17 14.39 2.82
N LEU B 10 -7.03 15.52 2.14
CA LEU B 10 -7.70 15.72 0.85
C LEU B 10 -6.71 15.94 -0.31
N LYS B 11 -6.23 17.17 -0.50
CA LYS B 11 -5.30 17.47 -1.59
C LYS B 11 -3.83 17.20 -1.21
N ASP B 12 -3.63 16.73 0.02
CA ASP B 12 -2.29 16.46 0.55
C ASP B 12 -1.92 14.96 0.51
N THR B 13 -2.88 14.12 0.14
CA THR B 13 -2.63 12.67 0.04
C THR B 13 -2.75 12.19 -1.42
N LYS B 14 -1.61 11.86 -2.02
CA LYS B 14 -1.54 11.49 -3.45
C LYS B 14 -1.98 10.04 -3.69
N PRO B 15 -2.74 9.77 -4.78
CA PRO B 15 -3.23 8.42 -5.10
C PRO B 15 -2.16 7.51 -5.74
N VAL B 16 -1.86 6.39 -5.08
CA VAL B 16 -0.92 5.39 -5.61
C VAL B 16 -1.64 4.05 -5.88
N VAL B 17 -1.56 3.57 -7.12
CA VAL B 17 -2.21 2.31 -7.49
C VAL B 17 -1.31 1.09 -7.18
N VAL B 18 -1.76 0.27 -6.23
CA VAL B 18 -1.02 -0.93 -5.82
C VAL B 18 -1.72 -2.21 -6.32
N ARG B 19 -1.00 -3.33 -6.36
CA ARG B 19 -1.59 -4.62 -6.75
C ARG B 19 -1.25 -5.72 -5.72
N LEU B 20 -2.29 -6.35 -5.15
CA LEU B 20 -2.12 -7.32 -4.07
C LEU B 20 -2.95 -8.59 -4.35
N TYR B 21 -2.62 -9.71 -3.71
CA TYR B 21 -3.34 -10.98 -3.95
C TYR B 21 -4.79 -10.94 -3.43
N PRO B 22 -5.73 -11.64 -4.11
CA PRO B 22 -7.14 -11.71 -3.70
C PRO B 22 -7.33 -12.25 -2.28
N ASP B 23 -6.54 -13.26 -1.92
CA ASP B 23 -6.59 -13.86 -0.58
C ASP B 23 -6.12 -12.85 0.48
N GLU B 24 -5.08 -12.07 0.16
CA GLU B 24 -4.61 -11.01 1.06
C GLU B 24 -5.68 -9.92 1.23
N ILE B 25 -6.33 -9.55 0.12
CA ILE B 25 -7.42 -8.56 0.15
C ILE B 25 -8.65 -9.09 0.91
N GLU B 26 -8.93 -10.38 0.78
CA GLU B 26 -10.01 -11.02 1.54
C GLU B 26 -9.69 -11.02 3.04
N ALA B 27 -8.45 -11.37 3.38
CA ALA B 27 -7.98 -11.26 4.76
C ALA B 27 -8.03 -9.80 5.23
N LEU B 28 -7.71 -8.89 4.31
CA LEU B 28 -7.74 -7.46 4.58
C LEU B 28 -9.13 -7.00 5.05
N LYS B 29 -10.16 -7.27 4.25
CA LYS B 29 -11.54 -6.88 4.59
C LYS B 29 -12.02 -7.57 5.88
N SER B 30 -11.31 -8.62 6.29
CA SER B 30 -11.61 -9.34 7.54
C SER B 30 -10.86 -8.73 8.74
N ARG B 31 -9.76 -8.03 8.47
CA ARG B 31 -8.94 -7.43 9.55
C ARG B 31 -9.13 -5.90 9.65
N VAL B 32 -9.86 -5.31 8.70
CA VAL B 32 -10.17 -3.88 8.76
C VAL B 32 -11.31 -3.59 9.76
N PRO B 33 -11.19 -2.51 10.56
CA PRO B 33 -12.24 -2.11 11.51
C PRO B 33 -13.50 -1.57 10.80
N ALA B 34 -14.64 -1.61 11.50
CA ALA B 34 -15.94 -1.21 10.92
C ALA B 34 -16.05 0.31 10.68
N ASN B 35 -14.95 1.04 10.88
CA ASN B 35 -14.96 2.50 10.70
C ASN B 35 -13.79 2.96 9.80
N THR B 36 -13.16 2.03 9.08
CA THR B 36 -11.99 2.36 8.26
C THR B 36 -11.99 1.57 6.93
N SER B 37 -11.89 2.29 5.81
CA SER B 37 -11.84 1.66 4.48
C SER B 37 -10.44 1.10 4.20
N MET B 38 -10.39 0.06 3.35
CA MET B 38 -9.11 -0.61 2.97
C MET B 38 -7.97 0.39 2.76
N SER B 39 -8.17 1.36 1.86
CA SER B 39 -7.15 2.37 1.54
C SER B 39 -6.60 3.05 2.80
N ALA B 40 -7.48 3.39 3.74
CA ALA B 40 -7.09 4.08 4.97
C ALA B 40 -6.39 3.12 5.96
N TYR B 41 -6.76 1.84 5.90
CA TYR B 41 -6.14 0.80 6.74
C TYR B 41 -4.72 0.48 6.23
N ILE B 42 -4.57 0.42 4.92
CA ILE B 42 -3.24 0.22 4.30
C ILE B 42 -2.37 1.47 4.49
N ARG B 43 -3.02 2.65 4.48
CA ARG B 43 -2.32 3.93 4.65
C ARG B 43 -1.45 3.94 5.92
N ARG B 44 -2.01 3.54 7.06
CA ARG B 44 -1.26 3.48 8.32
C ARG B 44 -0.13 2.44 8.25
N ILE B 45 -0.34 1.36 7.50
CA ILE B 45 0.67 0.30 7.34
C ILE B 45 1.91 0.82 6.58
N ILE B 46 1.68 1.54 5.48
CA ILE B 46 2.78 2.13 4.70
C ILE B 46 3.36 3.37 5.40
N LEU B 47 2.50 4.21 5.97
CA LEU B 47 2.93 5.40 6.72
C LEU B 47 3.94 5.04 7.82
N ASN B 48 3.53 4.12 8.69
CA ASN B 48 4.39 3.67 9.80
C ASN B 48 5.62 2.88 9.31
N HIS B 49 5.66 2.58 8.01
CA HIS B 49 6.78 1.84 7.41
C HIS B 49 7.81 2.81 6.79
N LEU B 50 7.33 3.78 6.00
CA LEU B 50 8.22 4.74 5.33
C LEU B 50 8.98 5.63 6.32
N GLU B 51 8.45 5.76 7.54
CA GLU B 51 9.12 6.50 8.61
C GLU B 51 10.19 5.65 9.31
N ASP B 52 10.41 4.43 8.81
CA ASP B 52 11.38 3.50 9.41
C ASP B 52 12.38 2.99 8.35
N GLU B 53 11.92 2.08 7.48
CA GLU B 53 12.75 1.49 6.41
C GLU B 53 11.87 0.89 5.29
N MET A 1 -1.17 -18.01 5.65
CA MET A 1 -2.10 -18.63 4.67
C MET A 1 -1.59 -20.01 4.24
N VAL A 2 -2.50 -21.00 4.19
CA VAL A 2 -2.11 -22.38 3.87
C VAL A 2 -1.57 -22.50 2.43
N GLY A 3 -2.19 -21.82 1.47
CA GLY A 3 -1.68 -21.83 0.10
C GLY A 3 -2.75 -21.74 -0.98
N ARG A 4 -3.64 -20.76 -0.87
CA ARG A 4 -4.63 -20.50 -1.93
C ARG A 4 -4.14 -19.39 -2.86
N ARG A 5 -3.86 -19.75 -4.11
CA ARG A 5 -3.36 -18.79 -5.10
C ARG A 5 -3.93 -19.09 -6.50
N PRO A 6 -4.54 -18.08 -7.16
CA PRO A 6 -5.07 -18.24 -8.53
C PRO A 6 -3.98 -18.62 -9.56
N GLY A 7 -4.41 -19.12 -10.71
CA GLY A 7 -3.45 -19.61 -11.73
C GLY A 7 -2.89 -18.51 -12.62
N GLY A 8 -1.84 -17.84 -12.16
CA GLY A 8 -1.20 -16.79 -12.96
C GLY A 8 -0.20 -15.95 -12.17
N GLY A 9 -0.70 -15.11 -11.27
CA GLY A 9 0.16 -14.24 -10.48
C GLY A 9 0.22 -12.80 -10.99
N LEU A 10 -0.39 -12.55 -12.15
CA LEU A 10 -0.35 -11.21 -12.77
C LEU A 10 -1.70 -10.48 -12.64
N LYS A 11 -2.68 -10.87 -13.47
CA LYS A 11 -4.02 -10.30 -13.41
C LYS A 11 -4.77 -10.74 -12.14
N ASP A 12 -4.28 -11.81 -11.54
CA ASP A 12 -4.90 -12.42 -10.36
C ASP A 12 -4.79 -11.50 -9.12
N THR A 13 -3.69 -10.76 -9.04
CA THR A 13 -3.51 -9.78 -7.96
C THR A 13 -4.37 -8.54 -8.21
N LYS A 14 -5.28 -8.25 -7.28
CA LYS A 14 -6.30 -7.22 -7.47
C LYS A 14 -5.73 -5.79 -7.29
N PRO A 15 -6.08 -4.86 -8.20
CA PRO A 15 -5.64 -3.46 -8.12
C PRO A 15 -6.31 -2.67 -6.99
N VAL A 16 -5.54 -2.33 -5.95
CA VAL A 16 -6.03 -1.51 -4.84
C VAL A 16 -5.47 -0.07 -4.93
N VAL A 17 -6.32 0.92 -4.68
CA VAL A 17 -5.90 2.32 -4.72
C VAL A 17 -5.44 2.81 -3.33
N VAL A 18 -4.16 3.14 -3.21
CA VAL A 18 -3.61 3.62 -1.94
C VAL A 18 -3.01 5.03 -2.10
N ARG A 19 -3.03 5.82 -1.03
CA ARG A 19 -2.52 7.21 -1.07
C ARG A 19 -1.32 7.40 -0.13
N LEU A 20 -0.30 8.11 -0.63
CA LEU A 20 0.88 8.47 0.18
C LEU A 20 1.26 9.94 -0.02
N TYR A 21 1.85 10.56 1.00
CA TYR A 21 2.21 11.99 0.95
C TYR A 21 3.36 12.25 -0.05
N PRO A 22 3.16 13.21 -1.00
CA PRO A 22 4.14 13.51 -2.06
C PRO A 22 5.56 13.73 -1.52
N ASP A 23 5.67 14.44 -0.41
CA ASP A 23 6.95 14.70 0.24
C ASP A 23 7.67 13.39 0.62
N GLU A 24 6.90 12.42 1.09
CA GLU A 24 7.44 11.12 1.50
C GLU A 24 7.61 10.18 0.29
N ILE A 25 6.77 10.34 -0.73
CA ILE A 25 6.95 9.65 -2.02
C ILE A 25 8.30 10.06 -2.63
N GLU A 26 8.66 11.32 -2.42
CA GLU A 26 9.96 11.85 -2.81
C GLU A 26 11.11 11.05 -2.15
N ALA A 27 10.90 10.67 -0.89
CA ALA A 27 11.84 9.80 -0.18
C ALA A 27 11.70 8.33 -0.64
N LEU A 28 10.50 7.95 -1.05
CA LEU A 28 10.23 6.59 -1.52
C LEU A 28 11.00 6.27 -2.81
N LYS A 29 10.94 7.16 -3.79
CA LYS A 29 11.64 6.96 -5.07
C LYS A 29 13.17 6.88 -4.87
N SER A 30 13.66 7.33 -3.72
CA SER A 30 15.09 7.27 -3.40
C SER A 30 15.54 5.85 -3.04
N ARG A 31 14.60 5.01 -2.60
CA ARG A 31 14.93 3.66 -2.10
C ARG A 31 14.38 2.55 -3.01
N VAL A 32 14.05 2.89 -4.25
CA VAL A 32 13.51 1.90 -5.20
C VAL A 32 14.56 1.49 -6.26
N PRO A 33 14.67 0.16 -6.56
CA PRO A 33 15.55 -0.34 -7.63
C PRO A 33 14.99 -0.05 -9.03
N ALA A 34 15.89 0.13 -10.00
CA ALA A 34 15.50 0.44 -11.39
C ALA A 34 14.56 -0.62 -12.00
N ASN A 35 14.62 -1.84 -11.46
CA ASN A 35 13.80 -2.95 -11.98
C ASN A 35 12.41 -3.00 -11.32
N THR A 36 12.21 -2.19 -10.28
CA THR A 36 10.95 -2.24 -9.51
C THR A 36 10.25 -0.88 -9.48
N SER A 37 9.11 -0.78 -10.17
CA SER A 37 8.28 0.44 -10.16
C SER A 37 7.72 0.71 -8.75
N MET A 38 7.35 1.97 -8.47
CA MET A 38 6.83 2.35 -7.16
C MET A 38 5.63 1.49 -6.74
N SER A 39 4.68 1.31 -7.66
CA SER A 39 3.49 0.47 -7.40
C SER A 39 3.90 -0.95 -6.97
N ALA A 40 4.81 -1.55 -7.72
CA ALA A 40 5.36 -2.87 -7.37
C ALA A 40 6.09 -2.83 -6.01
N TYR A 41 6.73 -1.71 -5.72
CA TYR A 41 7.45 -1.54 -4.45
C TYR A 41 6.48 -1.42 -3.26
N ILE A 42 5.32 -0.82 -3.49
CA ILE A 42 4.28 -0.73 -2.46
C ILE A 42 3.83 -2.13 -2.01
N ARG A 43 3.82 -3.08 -2.96
CA ARG A 43 3.47 -4.48 -2.65
C ARG A 43 4.32 -5.04 -1.50
N ARG A 44 5.64 -5.03 -1.65
CA ARG A 44 6.54 -5.58 -0.62
C ARG A 44 6.40 -4.85 0.73
N ILE A 45 5.98 -3.59 0.70
CA ILE A 45 5.75 -2.82 1.94
C ILE A 45 4.60 -3.42 2.77
N ILE A 46 3.52 -3.82 2.09
CA ILE A 46 2.36 -4.41 2.77
C ILE A 46 2.43 -5.95 2.79
N LEU A 47 2.66 -6.57 1.64
CA LEU A 47 2.77 -8.04 1.51
C LEU A 47 3.67 -8.65 2.61
N ASN A 48 4.95 -8.30 2.59
CA ASN A 48 5.93 -8.85 3.55
C ASN A 48 5.61 -8.44 4.98
N HIS A 49 4.69 -7.49 5.15
CA HIS A 49 4.24 -7.05 6.47
C HIS A 49 3.03 -7.87 6.95
N LEU A 50 2.13 -8.20 6.02
CA LEU A 50 0.91 -8.97 6.35
C LEU A 50 1.21 -10.47 6.49
N GLU A 51 2.04 -11.02 5.60
CA GLU A 51 2.41 -12.45 5.68
C GLU A 51 3.35 -12.73 6.86
N ASP A 52 3.95 -11.68 7.43
CA ASP A 52 4.84 -11.84 8.58
C ASP A 52 4.02 -11.90 9.89
N GLU A 53 3.69 -10.73 10.43
CA GLU A 53 2.91 -10.61 11.67
C GLU A 53 2.72 -9.14 12.04
N MET B 1 7.35 27.26 -5.31
CA MET B 1 6.88 27.12 -3.93
C MET B 1 8.06 26.96 -2.94
N VAL B 2 7.83 27.32 -1.68
CA VAL B 2 8.86 27.20 -0.64
C VAL B 2 9.12 25.73 -0.23
N GLY B 3 8.25 24.81 -0.64
CA GLY B 3 8.39 23.40 -0.29
C GLY B 3 8.12 23.12 1.18
N ARG B 4 6.89 22.73 1.51
CA ARG B 4 6.49 22.46 2.90
C ARG B 4 6.04 21.00 3.09
N ARG B 5 5.56 20.70 4.30
CA ARG B 5 5.03 19.38 4.63
C ARG B 5 3.50 19.33 4.44
N PRO B 6 2.98 18.27 3.78
CA PRO B 6 1.53 18.10 3.58
C PRO B 6 0.83 17.48 4.81
N GLY B 7 -0.18 18.18 5.33
CA GLY B 7 -0.93 17.69 6.49
C GLY B 7 -2.11 16.81 6.11
N GLY B 8 -2.50 15.89 7.00
CA GLY B 8 -3.58 14.95 6.72
C GLY B 8 -4.89 15.62 6.31
N GLY B 9 -5.37 15.30 5.12
CA GLY B 9 -6.61 15.90 4.61
C GLY B 9 -7.14 15.21 3.34
N LEU B 10 -7.54 16.01 2.36
CA LEU B 10 -8.13 15.48 1.12
C LEU B 10 -7.16 15.56 -0.07
N LYS B 11 -6.48 16.71 -0.20
CA LYS B 11 -5.49 16.93 -1.25
C LYS B 11 -4.06 16.84 -0.70
N ASP B 12 -3.89 15.99 0.30
CA ASP B 12 -2.61 15.84 1.02
C ASP B 12 -1.71 14.76 0.38
N THR B 13 -2.33 13.80 -0.31
CA THR B 13 -1.64 12.60 -0.79
C THR B 13 -1.92 12.28 -2.26
N LYS B 14 -0.99 11.57 -2.90
CA LYS B 14 -1.15 11.13 -4.29
C LYS B 14 -1.74 9.71 -4.34
N PRO B 15 -2.76 9.49 -5.20
CA PRO B 15 -3.38 8.16 -5.37
C PRO B 15 -2.60 7.25 -6.35
N VAL B 16 -2.04 6.17 -5.84
CA VAL B 16 -1.30 5.21 -6.67
C VAL B 16 -1.93 3.80 -6.56
N VAL B 17 -1.94 3.07 -7.68
CA VAL B 17 -2.51 1.71 -7.72
C VAL B 17 -1.46 0.63 -7.39
N VAL B 18 -1.83 -0.33 -6.57
CA VAL B 18 -0.95 -1.46 -6.22
C VAL B 18 -1.70 -2.80 -6.32
N ARG B 19 -1.08 -3.78 -6.98
CA ARG B 19 -1.69 -5.11 -7.15
C ARG B 19 -1.49 -5.97 -5.89
N LEU B 20 -2.53 -6.08 -5.07
CA LEU B 20 -2.50 -6.89 -3.85
C LEU B 20 -3.23 -8.23 -4.07
N TYR B 21 -2.82 -9.28 -3.35
CA TYR B 21 -3.45 -10.59 -3.53
C TYR B 21 -4.88 -10.62 -2.98
N PRO B 22 -5.84 -11.18 -3.75
CA PRO B 22 -7.27 -11.23 -3.36
C PRO B 22 -7.48 -11.89 -1.99
N ASP B 23 -6.72 -12.95 -1.72
CA ASP B 23 -6.76 -13.64 -0.43
C ASP B 23 -6.43 -12.69 0.74
N GLU B 24 -5.42 -11.84 0.56
CA GLU B 24 -5.03 -10.86 1.59
C GLU B 24 -6.18 -9.86 1.82
N ILE B 25 -6.79 -9.39 0.73
CA ILE B 25 -7.96 -8.50 0.83
C ILE B 25 -9.15 -9.22 1.48
N GLU B 26 -9.34 -10.48 1.10
CA GLU B 26 -10.43 -11.31 1.64
C GLU B 26 -10.31 -11.46 3.16
N ALA B 27 -9.10 -11.73 3.64
CA ALA B 27 -8.83 -11.86 5.07
C ALA B 27 -8.78 -10.48 5.78
N LEU B 28 -8.31 -9.47 5.05
CA LEU B 28 -8.21 -8.11 5.60
C LEU B 28 -9.56 -7.62 6.14
N LYS B 29 -10.60 -7.71 5.32
CA LYS B 29 -11.94 -7.25 5.70
C LYS B 29 -12.51 -8.02 6.92
N SER B 30 -11.80 -9.07 7.35
CA SER B 30 -12.21 -9.84 8.54
C SER B 30 -11.56 -9.30 9.82
N ARG B 31 -10.49 -8.51 9.67
CA ARG B 31 -9.76 -7.97 10.82
C ARG B 31 -9.56 -6.44 10.75
N VAL B 32 -10.45 -5.75 10.04
CA VAL B 32 -10.41 -4.28 9.97
C VAL B 32 -11.43 -3.64 10.92
N PRO B 33 -11.13 -2.43 11.44
CA PRO B 33 -12.08 -1.66 12.28
C PRO B 33 -13.41 -1.36 11.54
N ALA B 34 -14.50 -1.34 12.30
CA ALA B 34 -15.85 -1.22 11.74
C ALA B 34 -16.06 0.08 10.94
N ASN B 35 -15.20 1.07 11.14
CA ASN B 35 -15.32 2.36 10.45
C ASN B 35 -14.10 2.65 9.55
N THR B 36 -13.28 1.65 9.28
CA THR B 36 -12.10 1.83 8.42
C THR B 36 -12.26 1.07 7.09
N SER B 37 -12.60 1.80 6.04
CA SER B 37 -12.96 1.21 4.74
C SER B 37 -11.72 0.85 3.89
N MET B 38 -11.14 -0.32 4.16
CA MET B 38 -10.06 -0.91 3.33
C MET B 38 -8.93 0.08 2.95
N SER B 39 -9.16 0.90 1.92
CA SER B 39 -8.14 1.85 1.42
C SER B 39 -7.57 2.72 2.55
N ALA B 40 -8.46 3.23 3.41
CA ALA B 40 -8.05 4.05 4.56
C ALA B 40 -7.13 3.27 5.50
N TYR B 41 -7.30 1.95 5.55
CA TYR B 41 -6.49 1.09 6.40
C TYR B 41 -5.09 0.88 5.79
N ILE B 42 -5.06 0.49 4.52
CA ILE B 42 -3.78 0.30 3.80
C ILE B 42 -2.99 1.62 3.72
N ARG B 43 -3.71 2.73 3.61
CA ARG B 43 -3.10 4.06 3.52
C ARG B 43 -2.12 4.32 4.67
N ARG B 44 -2.50 3.95 5.89
CA ARG B 44 -1.63 4.16 7.05
C ARG B 44 -0.57 3.05 7.18
N ILE B 45 -0.89 1.85 6.71
CA ILE B 45 0.05 0.71 6.80
C ILE B 45 1.37 1.02 6.09
N ILE B 46 1.30 1.48 4.84
CA ILE B 46 2.51 1.86 4.10
C ILE B 46 3.23 3.02 4.79
N LEU B 47 2.45 3.98 5.28
CA LEU B 47 2.98 5.15 5.99
C LEU B 47 3.81 4.72 7.22
N ASN B 48 3.34 3.70 7.92
CA ASN B 48 4.03 3.16 9.10
C ASN B 48 5.47 2.75 8.77
N HIS B 49 5.71 2.31 7.53
CA HIS B 49 7.07 1.93 7.12
C HIS B 49 7.93 3.17 6.84
N LEU B 50 7.31 4.24 6.34
CA LEU B 50 8.03 5.49 6.06
C LEU B 50 8.55 6.14 7.35
N GLU B 51 7.74 6.10 8.43
CA GLU B 51 8.16 6.65 9.72
C GLU B 51 9.09 5.68 10.47
N ASP B 52 8.91 4.38 10.25
CA ASP B 52 9.71 3.36 10.94
C ASP B 52 11.11 3.19 10.30
N GLU B 53 11.16 2.79 9.03
CA GLU B 53 12.44 2.52 8.35
C GLU B 53 12.32 2.74 6.82
N MET A 1 -12.00 -17.87 2.86
CA MET A 1 -11.07 -19.01 2.63
C MET A 1 -10.21 -19.29 3.87
N VAL A 2 -9.50 -20.42 3.86
CA VAL A 2 -8.61 -20.80 4.97
C VAL A 2 -7.15 -20.42 4.68
N GLY A 3 -6.89 -19.92 3.47
CA GLY A 3 -5.53 -19.54 3.08
C GLY A 3 -5.13 -20.12 1.73
N ARG A 4 -5.82 -19.68 0.68
CA ARG A 4 -5.55 -20.17 -0.68
C ARG A 4 -5.45 -19.02 -1.70
N ARG A 5 -4.39 -19.01 -2.49
CA ARG A 5 -4.21 -18.02 -3.55
C ARG A 5 -4.24 -18.70 -4.94
N PRO A 6 -4.86 -18.05 -5.95
CA PRO A 6 -5.00 -18.64 -7.29
C PRO A 6 -3.70 -18.64 -8.12
N GLY A 7 -3.79 -19.10 -9.36
CA GLY A 7 -2.62 -19.16 -10.23
C GLY A 7 -2.25 -17.79 -10.84
N GLY A 8 -1.08 -17.74 -11.47
CA GLY A 8 -0.59 -16.48 -12.05
C GLY A 8 -0.92 -16.34 -13.53
N GLY A 9 -0.68 -15.14 -14.07
CA GLY A 9 -0.91 -14.90 -15.50
C GLY A 9 -1.11 -13.42 -15.81
N LEU A 10 -2.34 -13.06 -16.16
CA LEU A 10 -2.71 -11.65 -16.39
C LEU A 10 -3.81 -11.19 -15.42
N LYS A 11 -3.99 -11.94 -14.33
CA LYS A 11 -5.07 -11.66 -13.36
C LYS A 11 -4.76 -12.25 -11.97
N ASP A 12 -3.47 -12.46 -11.69
CA ASP A 12 -3.04 -13.05 -10.41
C ASP A 12 -3.32 -12.13 -9.21
N THR A 13 -2.62 -11.01 -9.13
CA THR A 13 -2.77 -10.06 -8.02
C THR A 13 -3.85 -9.00 -8.31
N LYS A 14 -4.60 -8.65 -7.28
CA LYS A 14 -5.71 -7.70 -7.42
C LYS A 14 -5.23 -6.24 -7.21
N PRO A 15 -5.49 -5.34 -8.18
CA PRO A 15 -5.08 -3.93 -8.08
C PRO A 15 -5.93 -3.11 -7.09
N VAL A 16 -5.40 -2.87 -5.90
CA VAL A 16 -6.08 -2.04 -4.88
C VAL A 16 -5.47 -0.63 -4.81
N VAL A 17 -6.32 0.37 -4.62
CA VAL A 17 -5.84 1.77 -4.59
C VAL A 17 -5.37 2.18 -3.17
N VAL A 18 -4.07 2.44 -3.06
CA VAL A 18 -3.46 2.92 -1.81
C VAL A 18 -3.18 4.43 -1.93
N ARG A 19 -2.86 5.10 -0.80
CA ARG A 19 -2.58 6.54 -0.83
C ARG A 19 -1.40 6.91 0.10
N LEU A 20 -0.49 7.77 -0.39
CA LEU A 20 0.70 8.18 0.39
C LEU A 20 1.03 9.67 0.15
N TYR A 21 1.65 10.31 1.14
CA TYR A 21 1.98 11.75 1.07
C TYR A 21 3.05 12.04 0.00
N PRO A 22 2.80 13.06 -0.87
CA PRO A 22 3.73 13.43 -1.97
C PRO A 22 5.21 13.48 -1.57
N ASP A 23 5.55 14.33 -0.59
CA ASP A 23 6.94 14.50 -0.15
C ASP A 23 7.52 13.20 0.46
N GLU A 24 6.66 12.31 0.91
CA GLU A 24 7.09 11.00 1.42
C GLU A 24 7.17 9.97 0.28
N ILE A 25 6.39 10.19 -0.79
CA ILE A 25 6.57 9.43 -2.03
C ILE A 25 7.90 9.82 -2.69
N GLU A 26 8.30 11.07 -2.48
CA GLU A 26 9.61 11.56 -2.91
C GLU A 26 10.72 10.79 -2.18
N ALA A 27 10.60 10.69 -0.85
CA ALA A 27 11.52 9.88 -0.07
C ALA A 27 11.46 8.41 -0.50
N LEU A 28 10.25 7.95 -0.84
CA LEU A 28 10.05 6.59 -1.35
C LEU A 28 10.85 6.34 -2.63
N LYS A 29 10.72 7.23 -3.62
CA LYS A 29 11.44 7.08 -4.90
C LYS A 29 12.96 7.27 -4.73
N SER A 30 13.37 7.72 -3.55
CA SER A 30 14.80 7.84 -3.22
C SER A 30 15.36 6.52 -2.67
N ARG A 31 14.48 5.56 -2.38
CA ARG A 31 14.88 4.28 -1.80
C ARG A 31 14.40 3.09 -2.66
N VAL A 32 13.96 3.37 -3.89
CA VAL A 32 13.52 2.32 -4.82
C VAL A 32 14.60 2.01 -5.88
N PRO A 33 14.66 0.75 -6.36
CA PRO A 33 15.55 0.36 -7.45
C PRO A 33 14.94 0.62 -8.85
N ALA A 34 15.80 0.62 -9.87
CA ALA A 34 15.34 0.87 -11.26
C ALA A 34 14.52 -0.31 -11.82
N ASN A 35 14.77 -1.51 -11.28
CA ASN A 35 14.10 -2.73 -11.75
C ASN A 35 12.71 -2.92 -11.12
N THR A 36 12.35 -2.06 -10.17
CA THR A 36 11.07 -2.19 -9.44
C THR A 36 10.25 -0.89 -9.51
N SER A 37 8.96 -1.01 -9.84
CA SER A 37 8.06 0.16 -9.87
C SER A 37 7.59 0.53 -8.45
N MET A 38 7.02 1.74 -8.30
CA MET A 38 6.50 2.16 -7.00
C MET A 38 5.43 1.19 -6.48
N SER A 39 4.52 0.78 -7.37
CA SER A 39 3.48 -0.20 -7.04
C SER A 39 4.08 -1.54 -6.61
N ALA A 40 4.99 -2.08 -7.41
CA ALA A 40 5.66 -3.34 -7.10
C ALA A 40 6.54 -3.22 -5.84
N TYR A 41 7.00 -2.00 -5.55
CA TYR A 41 7.81 -1.74 -4.36
C TYR A 41 6.93 -1.77 -3.10
N ILE A 42 5.83 -1.00 -3.12
CA ILE A 42 4.85 -1.04 -2.03
C ILE A 42 4.33 -2.46 -1.81
N ARG A 43 4.21 -3.21 -2.90
CA ARG A 43 3.78 -4.61 -2.84
C ARG A 43 4.64 -5.42 -1.85
N ARG A 44 5.96 -5.19 -1.85
CA ARG A 44 6.86 -5.91 -0.93
C ARG A 44 6.62 -5.45 0.53
N ILE A 45 6.31 -4.16 0.69
CA ILE A 45 6.11 -3.58 2.03
C ILE A 45 4.87 -4.16 2.72
N ILE A 46 3.73 -4.11 2.03
CA ILE A 46 2.48 -4.62 2.59
C ILE A 46 2.45 -6.16 2.62
N LEU A 47 3.11 -6.79 1.63
CA LEU A 47 3.25 -8.26 1.59
C LEU A 47 3.72 -8.81 2.95
N ASN A 48 4.88 -8.34 3.40
CA ASN A 48 5.47 -8.81 4.66
C ASN A 48 4.72 -8.28 5.89
N HIS A 49 3.46 -7.87 5.72
CA HIS A 49 2.59 -7.53 6.85
C HIS A 49 1.26 -8.29 6.75
N LEU A 50 0.67 -8.34 5.55
CA LEU A 50 -0.60 -9.04 5.34
C LEU A 50 -0.42 -10.57 5.47
N GLU A 51 0.37 -11.19 4.59
CA GLU A 51 0.66 -12.63 4.70
C GLU A 51 1.33 -12.95 6.05
N ASP A 52 2.06 -11.97 6.58
CA ASP A 52 2.76 -12.12 7.85
C ASP A 52 1.78 -12.28 9.03
N GLU A 53 0.59 -11.69 8.91
CA GLU A 53 -0.47 -11.85 9.90
C GLU A 53 -1.44 -12.95 9.47
N MET B 1 1.27 24.69 3.80
CA MET B 1 0.28 25.29 2.90
C MET B 1 0.91 26.39 2.03
N VAL B 2 1.94 27.04 2.57
CA VAL B 2 2.72 28.04 1.81
C VAL B 2 4.07 27.45 1.35
N GLY B 3 4.34 26.22 1.81
CA GLY B 3 5.62 25.57 1.53
C GLY B 3 5.98 24.55 2.61
N ARG B 4 5.04 23.66 2.92
CA ARG B 4 5.22 22.65 3.97
C ARG B 4 4.76 21.27 3.50
N ARG B 5 4.94 20.25 4.35
CA ARG B 5 4.46 18.89 4.07
C ARG B 5 2.92 18.84 4.08
N PRO B 6 2.32 17.96 3.26
CA PRO B 6 0.86 17.80 3.21
C PRO B 6 0.31 17.01 4.43
N GLY B 7 -0.93 17.31 4.82
CA GLY B 7 -1.55 16.61 5.93
C GLY B 7 -2.88 17.23 6.36
N GLY B 8 -3.83 17.31 5.41
CA GLY B 8 -5.12 17.95 5.68
C GLY B 8 -6.26 16.95 5.96
N GLY B 9 -6.00 15.66 5.79
CA GLY B 9 -7.03 14.66 6.00
C GLY B 9 -8.03 14.56 4.84
N LEU B 10 -8.71 15.65 4.54
CA LEU B 10 -9.61 15.72 3.37
C LEU B 10 -8.81 15.73 2.06
N LYS B 11 -7.62 16.33 2.11
CA LYS B 11 -6.69 16.34 0.98
C LYS B 11 -5.23 16.33 1.47
N ASP B 12 -4.48 15.31 1.07
CA ASP B 12 -3.05 15.23 1.41
C ASP B 12 -2.30 14.14 0.62
N THR B 13 -2.78 12.90 0.70
CA THR B 13 -2.10 11.75 0.09
C THR B 13 -2.52 11.51 -1.37
N LYS B 14 -1.55 11.08 -2.19
CA LYS B 14 -1.78 10.80 -3.62
C LYS B 14 -2.25 9.35 -3.83
N PRO B 15 -3.11 9.10 -4.84
CA PRO B 15 -3.59 7.75 -5.16
C PRO B 15 -2.55 6.88 -5.88
N VAL B 16 -2.00 5.89 -5.17
CA VAL B 16 -1.05 4.93 -5.75
C VAL B 16 -1.66 3.52 -5.80
N VAL B 17 -1.97 3.04 -7.01
CA VAL B 17 -2.55 1.70 -7.18
C VAL B 17 -1.47 0.59 -7.04
N VAL B 18 -1.75 -0.39 -6.18
CA VAL B 18 -0.82 -1.49 -5.93
C VAL B 18 -1.52 -2.85 -6.11
N ARG B 19 -0.83 -3.81 -6.73
CA ARG B 19 -1.38 -5.15 -6.94
C ARG B 19 -0.98 -6.11 -5.80
N LEU B 20 -1.98 -6.55 -5.02
CA LEU B 20 -1.74 -7.44 -3.86
C LEU B 20 -2.45 -8.79 -4.05
N TYR B 21 -2.01 -9.82 -3.32
CA TYR B 21 -2.57 -11.17 -3.45
C TYR B 21 -4.00 -11.26 -2.87
N PRO B 22 -4.92 -11.98 -3.57
CA PRO B 22 -6.34 -12.11 -3.15
C PRO B 22 -6.52 -12.63 -1.71
N ASP B 23 -5.72 -13.62 -1.33
CA ASP B 23 -5.79 -14.19 0.02
C ASP B 23 -5.45 -13.15 1.10
N GLU B 24 -4.37 -12.39 0.87
CA GLU B 24 -4.00 -11.29 1.76
C GLU B 24 -5.13 -10.26 1.86
N ILE B 25 -5.67 -9.88 0.69
CA ILE B 25 -6.78 -8.92 0.63
C ILE B 25 -8.02 -9.44 1.39
N GLU B 26 -8.24 -10.75 1.38
CA GLU B 26 -9.33 -11.35 2.16
C GLU B 26 -9.06 -11.16 3.67
N ALA B 27 -7.87 -11.58 4.11
CA ALA B 27 -7.43 -11.39 5.50
C ALA B 27 -7.37 -9.90 5.87
N LEU B 28 -7.38 -9.03 4.86
CA LEU B 28 -7.43 -7.58 5.07
C LEU B 28 -8.87 -7.11 5.32
N LYS B 29 -9.71 -7.17 4.28
CA LYS B 29 -11.10 -6.69 4.36
C LYS B 29 -11.90 -7.38 5.49
N SER B 30 -11.46 -8.58 5.86
CA SER B 30 -12.13 -9.35 6.92
C SER B 30 -11.97 -8.71 8.32
N ARG B 31 -10.93 -7.90 8.49
CA ARG B 31 -10.61 -7.31 9.82
C ARG B 31 -10.44 -5.79 9.77
N VAL B 32 -10.89 -5.14 8.70
CA VAL B 32 -10.83 -3.68 8.60
C VAL B 32 -11.86 -3.02 9.53
N PRO B 33 -11.45 -1.98 10.29
CA PRO B 33 -12.37 -1.26 11.18
C PRO B 33 -13.35 -0.36 10.41
N ALA B 34 -14.62 -0.40 10.78
CA ALA B 34 -15.66 0.42 10.14
C ALA B 34 -15.31 1.92 10.21
N ASN B 35 -14.58 2.30 11.26
CA ASN B 35 -14.13 3.69 11.45
C ASN B 35 -13.19 4.15 10.31
N THR B 36 -12.25 3.29 9.93
CA THR B 36 -11.22 3.63 8.94
C THR B 36 -11.39 2.83 7.65
N SER B 37 -11.73 3.52 6.56
CA SER B 37 -11.90 2.88 5.24
C SER B 37 -10.66 2.08 4.82
N MET B 38 -10.85 1.07 3.97
CA MET B 38 -9.76 0.17 3.57
C MET B 38 -8.52 0.91 3.03
N SER B 39 -8.73 1.80 2.06
CA SER B 39 -7.61 2.58 1.48
C SER B 39 -6.91 3.44 2.54
N ALA B 40 -7.65 3.82 3.59
CA ALA B 40 -7.09 4.61 4.69
C ALA B 40 -6.39 3.71 5.72
N TYR B 41 -6.90 2.49 5.89
CA TYR B 41 -6.30 1.51 6.80
C TYR B 41 -4.90 1.11 6.32
N ILE B 42 -4.75 0.89 5.01
CA ILE B 42 -3.44 0.63 4.42
C ILE B 42 -2.57 1.89 4.45
N ARG B 43 -3.21 3.06 4.32
CA ARG B 43 -2.50 4.35 4.32
C ARG B 43 -1.68 4.54 5.62
N ARG B 44 -2.33 4.34 6.77
CA ARG B 44 -1.62 4.43 8.06
C ARG B 44 -0.51 3.39 8.18
N ILE B 45 -0.73 2.19 7.63
CA ILE B 45 0.28 1.12 7.68
C ILE B 45 1.57 1.52 6.93
N ILE B 46 1.43 1.87 5.65
CA ILE B 46 2.59 2.29 4.85
C ILE B 46 3.23 3.57 5.42
N LEU B 47 2.41 4.49 5.91
CA LEU B 47 2.89 5.72 6.55
C LEU B 47 3.88 5.39 7.68
N ASN B 48 3.51 4.43 8.52
CA ASN B 48 4.38 4.00 9.63
C ASN B 48 5.65 3.29 9.10
N HIS B 49 5.64 2.92 7.83
CA HIS B 49 6.82 2.29 7.21
C HIS B 49 7.70 3.32 6.47
N LEU B 50 7.12 4.48 6.12
CA LEU B 50 7.91 5.59 5.57
C LEU B 50 8.85 6.16 6.64
N GLU B 51 8.43 6.06 7.90
CA GLU B 51 9.28 6.40 9.05
C GLU B 51 10.04 5.15 9.54
N ASP B 52 10.23 4.19 8.64
CA ASP B 52 10.86 2.91 8.95
C ASP B 52 11.69 2.40 7.76
N GLU B 53 12.36 1.26 7.92
CA GLU B 53 13.14 0.65 6.83
C GLU B 53 12.21 0.03 5.75
N MET A 1 -11.90 -19.20 -0.50
CA MET A 1 -10.91 -20.26 -0.13
C MET A 1 -10.40 -20.10 1.32
N VAL A 2 -10.08 -21.23 1.97
CA VAL A 2 -9.59 -21.21 3.36
C VAL A 2 -8.29 -20.41 3.50
N GLY A 3 -7.45 -20.44 2.47
CA GLY A 3 -6.19 -19.70 2.50
C GLY A 3 -5.29 -20.04 1.31
N ARG A 4 -5.83 -19.90 0.11
CA ARG A 4 -5.11 -20.28 -1.12
C ARG A 4 -4.87 -19.08 -2.04
N ARG A 5 -3.73 -19.08 -2.72
CA ARG A 5 -3.32 -17.99 -3.60
C ARG A 5 -3.08 -18.48 -5.03
N PRO A 6 -3.25 -17.61 -6.05
CA PRO A 6 -3.01 -17.97 -7.46
C PRO A 6 -1.51 -18.22 -7.77
N GLY A 7 -1.17 -18.30 -9.06
CA GLY A 7 0.22 -18.54 -9.46
C GLY A 7 0.62 -17.77 -10.71
N GLY A 8 1.41 -16.71 -10.53
CA GLY A 8 1.84 -15.89 -11.67
C GLY A 8 2.26 -14.48 -11.26
N GLY A 9 1.31 -13.72 -10.71
CA GLY A 9 1.60 -12.39 -10.19
C GLY A 9 1.31 -11.26 -11.18
N LEU A 10 1.44 -11.54 -12.48
CA LEU A 10 1.25 -10.51 -13.52
C LEU A 10 -0.21 -10.11 -13.68
N LYS A 11 -1.13 -11.07 -13.49
CA LYS A 11 -2.57 -10.81 -13.64
C LYS A 11 -3.38 -11.49 -12.52
N ASP A 12 -2.69 -11.87 -11.44
CA ASP A 12 -3.30 -12.62 -10.34
C ASP A 12 -3.51 -11.76 -9.09
N THR A 13 -3.42 -10.44 -9.26
CA THR A 13 -3.53 -9.51 -8.12
C THR A 13 -4.70 -8.53 -8.29
N LYS A 14 -5.32 -8.16 -7.17
CA LYS A 14 -6.46 -7.23 -7.15
C LYS A 14 -5.99 -5.77 -6.98
N PRO A 15 -6.41 -4.86 -7.90
CA PRO A 15 -6.05 -3.44 -7.82
C PRO A 15 -6.73 -2.69 -6.65
N VAL A 16 -5.99 -1.76 -6.04
CA VAL A 16 -6.53 -0.92 -4.96
C VAL A 16 -5.82 0.44 -4.92
N VAL A 17 -6.59 1.53 -4.96
CA VAL A 17 -6.02 2.87 -4.93
C VAL A 17 -5.74 3.34 -3.48
N VAL A 18 -4.47 3.37 -3.12
CA VAL A 18 -4.03 3.83 -1.79
C VAL A 18 -3.57 5.29 -1.86
N ARG A 19 -3.36 5.94 -0.72
CA ARG A 19 -2.79 7.30 -0.71
C ARG A 19 -1.59 7.39 0.23
N LEU A 20 -0.52 8.05 -0.24
CA LEU A 20 0.68 8.29 0.58
C LEU A 20 1.17 9.74 0.39
N TYR A 21 1.79 10.31 1.43
CA TYR A 21 2.23 11.71 1.38
C TYR A 21 3.24 11.95 0.24
N PRO A 22 2.97 12.95 -0.63
CA PRO A 22 3.78 13.23 -1.84
C PRO A 22 5.29 13.29 -1.56
N ASP A 23 5.68 13.96 -0.48
CA ASP A 23 7.09 14.11 -0.12
C ASP A 23 7.73 12.76 0.24
N GLU A 24 6.92 11.84 0.80
CA GLU A 24 7.41 10.49 1.12
C GLU A 24 7.48 9.62 -0.14
N ILE A 25 6.52 9.81 -1.06
CA ILE A 25 6.57 9.14 -2.37
C ILE A 25 7.85 9.55 -3.12
N GLU A 26 8.23 10.82 -2.97
CA GLU A 26 9.49 11.34 -3.51
C GLU A 26 10.68 10.49 -3.04
N ALA A 27 10.70 10.15 -1.76
CA ALA A 27 11.74 9.29 -1.19
C ALA A 27 11.54 7.81 -1.59
N LEU A 28 10.28 7.41 -1.74
CA LEU A 28 9.93 6.04 -2.14
C LEU A 28 10.58 5.66 -3.48
N LYS A 29 10.28 6.42 -4.53
CA LYS A 29 10.83 6.16 -5.86
C LYS A 29 12.36 6.37 -5.89
N SER A 30 12.88 7.05 -4.86
CA SER A 30 14.34 7.26 -4.73
C SER A 30 15.04 6.03 -4.14
N ARG A 31 14.41 5.38 -3.17
CA ARG A 31 15.01 4.21 -2.50
C ARG A 31 14.82 2.90 -3.32
N VAL A 32 13.89 2.90 -4.27
CA VAL A 32 13.60 1.70 -5.07
C VAL A 32 14.42 1.67 -6.38
N PRO A 33 14.92 0.48 -6.78
CA PRO A 33 15.62 0.32 -8.07
C PRO A 33 14.73 0.67 -9.27
N ALA A 34 15.34 1.18 -10.35
CA ALA A 34 14.60 1.60 -11.54
C ALA A 34 13.72 0.47 -12.12
N ASN A 35 14.16 -0.77 -11.95
CA ASN A 35 13.41 -1.94 -12.43
C ASN A 35 12.20 -2.25 -11.53
N THR A 36 12.30 -1.90 -10.25
CA THR A 36 11.22 -2.17 -9.28
C THR A 36 10.21 -1.03 -9.25
N SER A 37 9.09 -1.19 -9.95
CA SER A 37 8.02 -0.18 -9.97
C SER A 37 7.42 0.03 -8.57
N MET A 38 6.95 1.26 -8.31
CA MET A 38 6.38 1.61 -6.99
C MET A 38 5.30 0.62 -6.56
N SER A 39 4.39 0.28 -7.48
CA SER A 39 3.33 -0.71 -7.20
C SER A 39 3.92 -2.04 -6.73
N ALA A 40 5.00 -2.48 -7.37
CA ALA A 40 5.66 -3.74 -7.02
C ALA A 40 6.37 -3.64 -5.67
N TYR A 41 6.96 -2.50 -5.38
CA TYR A 41 7.66 -2.29 -4.11
C TYR A 41 6.66 -2.21 -2.94
N ILE A 42 5.60 -1.42 -3.10
CA ILE A 42 4.54 -1.35 -2.09
C ILE A 42 3.88 -2.73 -1.95
N ARG A 43 3.78 -3.48 -3.05
CA ARG A 43 3.24 -4.83 -3.03
C ARG A 43 4.06 -5.73 -2.09
N ARG A 44 5.38 -5.79 -2.28
CA ARG A 44 6.24 -6.61 -1.41
C ARG A 44 6.27 -6.09 0.04
N ILE A 45 5.88 -4.82 0.24
CA ILE A 45 5.74 -4.27 1.59
C ILE A 45 4.52 -4.86 2.31
N ILE A 46 3.35 -4.70 1.71
CA ILE A 46 2.10 -5.22 2.29
C ILE A 46 2.04 -6.75 2.23
N LEU A 47 2.58 -7.33 1.15
CA LEU A 47 2.61 -8.79 0.94
C LEU A 47 3.27 -9.52 2.13
N ASN A 48 4.55 -9.24 2.33
CA ASN A 48 5.33 -9.87 3.40
C ASN A 48 4.78 -9.53 4.80
N HIS A 49 3.80 -8.62 4.85
CA HIS A 49 3.17 -8.21 6.10
C HIS A 49 1.73 -8.77 6.21
N LEU A 50 1.12 -9.05 5.07
CA LEU A 50 -0.28 -9.50 5.01
C LEU A 50 -0.41 -11.00 5.30
N GLU A 51 0.22 -11.83 4.45
CA GLU A 51 0.27 -13.28 4.72
C GLU A 51 0.98 -13.56 6.05
N ASP A 52 1.80 -12.60 6.49
CA ASP A 52 2.41 -12.64 7.82
C ASP A 52 1.36 -12.44 8.92
N GLU A 53 0.65 -11.31 8.87
CA GLU A 53 -0.40 -11.01 9.87
C GLU A 53 -1.80 -11.18 9.27
N MET B 1 11.36 18.53 8.68
CA MET B 1 10.24 19.33 8.16
C MET B 1 8.97 19.10 8.98
N VAL B 2 8.24 20.18 9.26
CA VAL B 2 7.05 20.13 10.15
C VAL B 2 5.88 19.31 9.57
N GLY B 3 6.08 18.67 8.41
CA GLY B 3 5.05 17.84 7.81
C GLY B 3 3.71 18.55 7.62
N ARG B 4 3.74 19.71 6.98
CA ARG B 4 2.52 20.52 6.77
C ARG B 4 1.55 19.84 5.78
N ARG B 5 0.25 19.99 6.01
CA ARG B 5 -0.78 19.32 5.20
C ARG B 5 -1.37 20.26 4.13
N PRO B 6 -1.26 19.89 2.84
CA PRO B 6 -1.82 20.69 1.74
C PRO B 6 -3.33 20.45 1.51
N GLY B 7 -3.99 21.40 0.85
CA GLY B 7 -5.41 21.26 0.53
C GLY B 7 -6.30 21.02 1.74
N GLY B 8 -6.04 21.74 2.83
CA GLY B 8 -6.83 21.61 4.04
C GLY B 8 -6.81 20.19 4.64
N GLY B 9 -5.78 19.42 4.31
CA GLY B 9 -5.62 18.08 4.87
C GLY B 9 -6.42 17.00 4.12
N LEU B 10 -7.39 17.41 3.32
CA LEU B 10 -8.24 16.46 2.58
C LEU B 10 -7.40 15.67 1.56
N LYS B 11 -6.57 16.38 0.80
CA LYS B 11 -5.65 15.74 -0.14
C LYS B 11 -4.21 15.75 0.40
N ASP B 12 -4.07 15.42 1.69
CA ASP B 12 -2.77 15.34 2.36
C ASP B 12 -1.87 14.27 1.71
N THR B 13 -2.51 13.30 1.06
CA THR B 13 -1.80 12.15 0.48
C THR B 13 -2.20 11.92 -0.99
N LYS B 14 -1.21 11.57 -1.81
CA LYS B 14 -1.42 11.33 -3.25
C LYS B 14 -1.83 9.87 -3.54
N PRO B 15 -2.74 9.66 -4.51
CA PRO B 15 -3.25 8.32 -4.86
C PRO B 15 -2.24 7.47 -5.69
N VAL B 16 -1.92 6.28 -5.17
CA VAL B 16 -1.09 5.30 -5.87
C VAL B 16 -1.82 3.95 -5.99
N VAL B 17 -1.94 3.42 -7.21
CA VAL B 17 -2.68 2.18 -7.44
C VAL B 17 -1.80 0.93 -7.22
N VAL B 18 -2.01 0.28 -6.08
CA VAL B 18 -1.24 -0.92 -5.72
C VAL B 18 -2.07 -2.20 -5.99
N ARG B 19 -1.40 -3.35 -6.03
CA ARG B 19 -2.09 -4.62 -6.30
C ARG B 19 -1.63 -5.73 -5.33
N LEU B 20 -2.60 -6.44 -4.74
CA LEU B 20 -2.32 -7.54 -3.80
C LEU B 20 -3.28 -8.72 -4.04
N TYR B 21 -2.95 -9.90 -3.52
CA TYR B 21 -3.76 -11.11 -3.75
C TYR B 21 -5.09 -11.07 -2.98
N PRO B 22 -6.18 -11.56 -3.61
CA PRO B 22 -7.55 -11.52 -3.03
C PRO B 22 -7.65 -12.21 -1.65
N ASP B 23 -6.85 -13.26 -1.46
CA ASP B 23 -6.83 -14.01 -0.19
C ASP B 23 -6.49 -13.08 0.99
N GLU B 24 -5.40 -12.32 0.84
CA GLU B 24 -4.91 -11.41 1.87
C GLU B 24 -5.84 -10.19 2.03
N ILE B 25 -6.22 -9.57 0.91
CA ILE B 25 -7.09 -8.39 0.93
C ILE B 25 -8.42 -8.66 1.64
N GLU B 26 -9.07 -9.79 1.30
CA GLU B 26 -10.33 -10.17 1.94
C GLU B 26 -10.19 -10.28 3.46
N ALA B 27 -9.28 -11.15 3.90
CA ALA B 27 -9.02 -11.36 5.33
C ALA B 27 -8.65 -10.05 6.04
N LEU B 28 -7.92 -9.18 5.33
CA LEU B 28 -7.49 -7.89 5.88
C LEU B 28 -8.67 -7.00 6.25
N LYS B 29 -9.52 -6.67 5.26
CA LYS B 29 -10.68 -5.80 5.49
C LYS B 29 -11.81 -6.54 6.22
N SER B 30 -11.66 -7.85 6.39
CA SER B 30 -12.66 -8.67 7.09
C SER B 30 -12.56 -8.51 8.62
N ARG B 31 -11.52 -7.82 9.09
CA ARG B 31 -11.31 -7.63 10.54
C ARG B 31 -11.39 -6.15 10.96
N VAL B 32 -11.35 -5.24 9.98
CA VAL B 32 -11.31 -3.79 10.28
C VAL B 32 -12.71 -3.22 10.56
N PRO B 33 -12.79 -2.19 11.44
CA PRO B 33 -14.07 -1.51 11.76
C PRO B 33 -14.46 -0.41 10.76
N ALA B 34 -15.44 0.42 11.13
CA ALA B 34 -15.95 1.49 10.25
C ALA B 34 -14.96 2.65 10.11
N ASN B 35 -14.46 3.17 11.24
CA ASN B 35 -13.51 4.30 11.25
C ASN B 35 -12.21 3.96 10.50
N THR B 36 -12.02 2.68 10.15
CA THR B 36 -10.84 2.24 9.41
C THR B 36 -11.21 1.82 7.98
N SER B 37 -10.98 2.70 7.01
CA SER B 37 -11.27 2.41 5.60
C SER B 37 -10.12 1.67 4.92
N MET B 38 -10.40 1.07 3.74
CA MET B 38 -9.43 0.21 3.05
C MET B 38 -8.09 0.92 2.78
N SER B 39 -8.10 1.92 1.91
CA SER B 39 -6.85 2.61 1.51
C SER B 39 -6.20 3.35 2.70
N ALA B 40 -7.02 3.82 3.63
CA ALA B 40 -6.51 4.46 4.85
C ALA B 40 -5.74 3.47 5.73
N TYR B 41 -6.28 2.25 5.84
CA TYR B 41 -5.63 1.19 6.61
C TYR B 41 -4.30 0.77 5.97
N ILE B 42 -4.31 0.62 4.64
CA ILE B 42 -3.07 0.31 3.90
C ILE B 42 -2.01 1.41 4.12
N ARG B 43 -2.46 2.67 4.09
CA ARG B 43 -1.56 3.80 4.31
C ARG B 43 -0.84 3.71 5.66
N ARG B 44 -1.61 3.47 6.73
CA ARG B 44 -1.02 3.40 8.09
C ARG B 44 -0.11 2.17 8.25
N ILE B 45 -0.26 1.18 7.36
CA ILE B 45 0.62 0.00 7.36
C ILE B 45 1.96 0.31 6.65
N ILE B 46 1.88 0.80 5.42
CA ILE B 46 3.09 1.14 4.64
C ILE B 46 3.87 2.29 5.31
N LEU B 47 3.15 3.21 5.96
CA LEU B 47 3.77 4.31 6.69
C LEU B 47 4.80 3.79 7.71
N ASN B 48 4.35 2.89 8.59
CA ASN B 48 5.22 2.28 9.60
C ASN B 48 6.36 1.44 8.97
N HIS B 49 6.33 1.28 7.65
CA HIS B 49 7.41 0.60 6.93
C HIS B 49 8.43 1.62 6.42
N LEU B 50 7.95 2.70 5.81
CA LEU B 50 8.84 3.76 5.30
C LEU B 50 9.61 4.45 6.43
N GLU B 51 8.95 4.69 7.56
CA GLU B 51 9.60 5.30 8.73
C GLU B 51 10.40 4.27 9.56
N ASP B 52 10.56 3.06 9.02
CA ASP B 52 11.25 1.97 9.73
C ASP B 52 12.19 1.19 8.79
N GLU B 53 11.61 0.38 7.90
CA GLU B 53 12.38 -0.42 6.94
C GLU B 53 12.54 0.30 5.58
N MET A 1 -11.20 -18.33 2.18
CA MET A 1 -11.18 -19.33 1.07
C MET A 1 -10.01 -20.33 1.23
N VAL A 2 -10.24 -21.60 0.87
CA VAL A 2 -9.23 -22.65 1.05
C VAL A 2 -8.26 -22.77 -0.13
N GLY A 3 -8.78 -22.66 -1.36
CA GLY A 3 -7.93 -22.85 -2.54
C GLY A 3 -8.38 -22.04 -3.76
N ARG A 4 -8.06 -20.75 -3.77
CA ARG A 4 -8.35 -19.88 -4.92
C ARG A 4 -7.11 -19.08 -5.31
N ARG A 5 -6.56 -19.35 -6.50
CA ARG A 5 -5.33 -18.70 -6.97
C ARG A 5 -5.54 -17.91 -8.27
N PRO A 6 -4.75 -16.83 -8.47
CA PRO A 6 -4.90 -15.93 -9.62
C PRO A 6 -4.26 -16.45 -10.93
N GLY A 7 -4.10 -15.56 -11.91
CA GLY A 7 -3.58 -15.96 -13.22
C GLY A 7 -2.08 -15.72 -13.40
N GLY A 8 -1.27 -16.48 -12.68
CA GLY A 8 0.18 -16.42 -12.81
C GLY A 8 0.79 -15.06 -12.45
N GLY A 9 1.20 -14.30 -13.47
CA GLY A 9 1.89 -13.03 -13.25
C GLY A 9 1.10 -11.83 -13.79
N LEU A 10 0.34 -12.03 -14.87
CA LEU A 10 -0.47 -10.96 -15.45
C LEU A 10 -1.50 -10.45 -14.44
N LYS A 11 -2.52 -11.27 -14.18
CA LYS A 11 -3.48 -10.98 -13.11
C LYS A 11 -3.11 -11.77 -11.84
N ASP A 12 -1.97 -11.40 -11.26
CA ASP A 12 -1.43 -12.08 -10.08
C ASP A 12 -2.07 -11.54 -8.79
N THR A 13 -2.47 -10.29 -8.82
CA THR A 13 -3.01 -9.60 -7.64
C THR A 13 -4.07 -8.57 -8.04
N LYS A 14 -4.87 -8.14 -7.06
CA LYS A 14 -5.97 -7.19 -7.31
C LYS A 14 -5.48 -5.74 -7.16
N PRO A 15 -5.58 -4.92 -8.23
CA PRO A 15 -5.18 -3.50 -8.19
C PRO A 15 -6.13 -2.66 -7.30
N VAL A 16 -5.61 -2.23 -6.16
CA VAL A 16 -6.34 -1.36 -5.23
C VAL A 16 -5.67 0.03 -5.11
N VAL A 17 -6.49 1.08 -5.07
CA VAL A 17 -5.95 2.46 -4.98
C VAL A 17 -5.70 2.87 -3.52
N VAL A 18 -4.44 3.11 -3.19
CA VAL A 18 -4.05 3.57 -1.85
C VAL A 18 -3.52 5.02 -1.89
N ARG A 19 -3.95 5.85 -0.96
CA ARG A 19 -3.51 7.25 -0.91
C ARG A 19 -2.26 7.41 -0.01
N LEU A 20 -1.16 7.88 -0.59
CA LEU A 20 0.10 8.06 0.16
C LEU A 20 0.65 9.50 0.01
N TYR A 21 1.41 9.96 1.01
CA TYR A 21 1.90 11.35 1.04
C TYR A 21 3.02 11.59 0.00
N PRO A 22 2.88 12.64 -0.84
CA PRO A 22 3.79 12.90 -1.98
C PRO A 22 5.28 13.02 -1.56
N ASP A 23 5.54 13.75 -0.49
CA ASP A 23 6.90 13.91 0.03
C ASP A 23 7.60 12.56 0.23
N GLU A 24 6.89 11.64 0.87
CA GLU A 24 7.42 10.31 1.18
C GLU A 24 7.44 9.41 -0.06
N ILE A 25 6.58 9.70 -1.04
CA ILE A 25 6.63 9.01 -2.34
C ILE A 25 7.94 9.34 -3.08
N GLU A 26 8.34 10.62 -3.08
CA GLU A 26 9.61 11.02 -3.68
C GLU A 26 10.79 10.44 -2.89
N ALA A 27 10.66 10.39 -1.57
CA ALA A 27 11.64 9.73 -0.71
C ALA A 27 11.76 8.24 -1.07
N LEU A 28 10.62 7.61 -1.37
CA LEU A 28 10.57 6.20 -1.79
C LEU A 28 11.42 5.96 -3.04
N LYS A 29 11.11 6.67 -4.13
CA LYS A 29 11.82 6.48 -5.40
C LYS A 29 13.30 6.93 -5.31
N SER A 30 13.66 7.53 -4.18
CA SER A 30 15.05 7.96 -3.93
C SER A 30 15.87 6.87 -3.25
N ARG A 31 15.19 5.92 -2.58
CA ARG A 31 15.86 4.85 -1.83
C ARG A 31 15.74 3.49 -2.53
N VAL A 32 14.87 3.41 -3.54
CA VAL A 32 14.66 2.15 -4.28
C VAL A 32 15.46 2.12 -5.59
N PRO A 33 15.74 0.93 -6.14
CA PRO A 33 16.39 0.80 -7.46
C PRO A 33 15.40 1.07 -8.60
N ALA A 34 15.82 1.84 -9.61
CA ALA A 34 14.96 2.25 -10.72
C ALA A 34 14.45 1.05 -11.55
N ASN A 35 14.91 -0.15 -11.21
CA ASN A 35 14.53 -1.36 -11.94
C ASN A 35 13.08 -1.79 -11.66
N THR A 36 12.59 -1.51 -10.46
CA THR A 36 11.27 -2.00 -10.02
C THR A 36 10.26 -0.86 -9.81
N SER A 37 9.06 -1.01 -10.38
CA SER A 37 7.99 -0.01 -10.25
C SER A 37 7.32 -0.05 -8.86
N MET A 38 6.73 1.07 -8.45
CA MET A 38 6.09 1.20 -7.13
C MET A 38 5.05 0.09 -6.88
N SER A 39 4.21 -0.18 -7.88
CA SER A 39 3.15 -1.19 -7.77
C SER A 39 3.71 -2.61 -7.54
N ALA A 40 5.01 -2.78 -7.75
CA ALA A 40 5.69 -4.05 -7.51
C ALA A 40 6.49 -4.02 -6.19
N TYR A 41 7.24 -2.94 -5.98
CA TYR A 41 8.05 -2.79 -4.76
C TYR A 41 7.18 -2.83 -3.49
N ILE A 42 6.14 -1.99 -3.45
CA ILE A 42 5.24 -1.93 -2.30
C ILE A 42 4.49 -3.26 -2.10
N ARG A 43 4.34 -4.01 -3.18
CA ARG A 43 3.59 -5.28 -3.15
C ARG A 43 4.22 -6.30 -2.20
N ARG A 44 5.55 -6.34 -2.15
CA ARG A 44 6.24 -7.27 -1.24
C ARG A 44 6.23 -6.76 0.20
N ILE A 45 6.16 -5.43 0.37
CA ILE A 45 6.08 -4.82 1.70
C ILE A 45 4.78 -5.23 2.41
N ILE A 46 3.65 -5.07 1.73
CA ILE A 46 2.34 -5.47 2.27
C ILE A 46 2.23 -7.00 2.39
N LEU A 47 2.67 -7.73 1.36
CA LEU A 47 2.65 -9.19 1.35
C LEU A 47 3.29 -9.77 2.62
N ASN A 48 4.55 -9.41 2.86
CA ASN A 48 5.30 -9.91 4.02
C ASN A 48 4.77 -9.32 5.35
N HIS A 49 3.95 -8.28 5.27
CA HIS A 49 3.41 -7.63 6.47
C HIS A 49 2.04 -8.23 6.87
N LEU A 50 1.26 -8.68 5.89
CA LEU A 50 -0.05 -9.30 6.15
C LEU A 50 0.09 -10.76 6.65
N GLU A 51 0.96 -11.53 6.00
CA GLU A 51 1.25 -12.90 6.45
C GLU A 51 1.88 -12.89 7.86
N ASP A 52 2.65 -11.83 8.14
CA ASP A 52 3.22 -11.61 9.47
C ASP A 52 2.12 -11.24 10.48
N GLU A 53 1.49 -10.09 10.25
CA GLU A 53 0.38 -9.62 11.08
C GLU A 53 -0.97 -9.97 10.46
N MET B 1 6.76 19.92 -6.59
CA MET B 1 5.79 20.42 -7.58
C MET B 1 5.92 21.95 -7.75
N VAL B 2 5.64 22.70 -6.67
CA VAL B 2 5.69 24.17 -6.69
C VAL B 2 6.30 24.72 -5.39
N GLY B 3 7.14 23.93 -4.74
CA GLY B 3 7.71 24.32 -3.46
C GLY B 3 6.75 24.12 -2.29
N ARG B 4 5.57 24.77 -2.38
CA ARG B 4 4.55 24.65 -1.33
C ARG B 4 4.04 23.20 -1.17
N ARG B 5 4.00 22.74 0.07
CA ARG B 5 3.56 21.37 0.40
C ARG B 5 2.05 21.33 0.64
N PRO B 6 1.36 20.25 0.22
CA PRO B 6 -0.11 20.13 0.35
C PRO B 6 -0.58 20.01 1.81
N GLY B 7 -1.75 20.57 2.11
CA GLY B 7 -2.30 20.52 3.46
C GLY B 7 -3.33 19.41 3.65
N GLY B 8 -3.43 18.90 4.88
CA GLY B 8 -4.35 17.82 5.19
C GLY B 8 -5.83 18.22 5.02
N GLY B 9 -6.65 17.26 4.62
CA GLY B 9 -8.08 17.50 4.44
C GLY B 9 -8.64 16.83 3.20
N LEU B 10 -8.34 17.38 2.03
CA LEU B 10 -8.84 16.84 0.76
C LEU B 10 -7.69 16.29 -0.11
N LYS B 11 -6.72 17.16 -0.44
CA LYS B 11 -5.59 16.78 -1.29
C LYS B 11 -4.36 16.41 -0.44
N ASP B 12 -4.61 15.80 0.70
CA ASP B 12 -3.57 15.40 1.66
C ASP B 12 -2.57 14.38 1.06
N THR B 13 -3.06 13.50 0.19
CA THR B 13 -2.25 12.41 -0.34
C THR B 13 -2.54 12.13 -1.83
N LYS B 14 -1.59 11.48 -2.49
CA LYS B 14 -1.71 11.11 -3.91
C LYS B 14 -2.31 9.68 -4.06
N PRO B 15 -3.23 9.48 -5.02
CA PRO B 15 -3.81 8.15 -5.30
C PRO B 15 -2.82 7.23 -6.04
N VAL B 16 -2.23 6.27 -5.32
CA VAL B 16 -1.28 5.33 -5.91
C VAL B 16 -1.94 3.96 -6.17
N VAL B 17 -1.74 3.41 -7.37
CA VAL B 17 -2.29 2.09 -7.72
C VAL B 17 -1.36 0.96 -7.23
N VAL B 18 -1.78 0.28 -6.17
CA VAL B 18 -1.01 -0.84 -5.59
C VAL B 18 -1.73 -2.17 -5.79
N ARG B 19 -0.98 -3.26 -5.96
CA ARG B 19 -1.59 -4.59 -6.12
C ARG B 19 -1.52 -5.41 -4.82
N LEU B 20 -2.67 -5.96 -4.39
CA LEU B 20 -2.77 -6.74 -3.16
C LEU B 20 -3.32 -8.16 -3.44
N TYR B 21 -2.85 -9.16 -2.68
CA TYR B 21 -3.28 -10.55 -2.90
C TYR B 21 -4.69 -10.82 -2.35
N PRO B 22 -5.50 -11.64 -3.06
CA PRO B 22 -6.90 -11.92 -2.69
C PRO B 22 -7.07 -12.44 -1.24
N ASP B 23 -6.24 -13.41 -0.86
CA ASP B 23 -6.24 -13.94 0.52
C ASP B 23 -6.15 -12.81 1.56
N GLU B 24 -5.20 -11.90 1.32
CA GLU B 24 -4.93 -10.80 2.25
C GLU B 24 -6.11 -9.81 2.31
N ILE B 25 -6.74 -9.57 1.16
CA ILE B 25 -7.92 -8.70 1.12
C ILE B 25 -9.07 -9.24 1.99
N GLU B 26 -9.39 -10.52 1.80
CA GLU B 26 -10.49 -11.17 2.54
C GLU B 26 -10.20 -11.23 4.05
N ALA B 27 -8.94 -11.52 4.39
CA ALA B 27 -8.50 -11.58 5.80
C ALA B 27 -8.45 -10.19 6.43
N LEU B 28 -7.95 -9.21 5.68
CA LEU B 28 -7.81 -7.83 6.15
C LEU B 28 -9.15 -7.27 6.63
N LYS B 29 -10.11 -7.14 5.71
CA LYS B 29 -11.41 -6.54 6.03
C LYS B 29 -12.20 -7.37 7.06
N SER B 30 -11.74 -8.59 7.32
CA SER B 30 -12.36 -9.45 8.33
C SER B 30 -11.92 -9.05 9.74
N ARG B 31 -10.67 -8.60 9.88
CA ARG B 31 -10.11 -8.27 11.21
C ARG B 31 -10.30 -6.78 11.55
N VAL B 32 -10.36 -5.92 10.53
CA VAL B 32 -10.44 -4.46 10.73
C VAL B 32 -11.79 -4.04 11.36
N PRO B 33 -11.78 -2.99 12.20
CA PRO B 33 -13.03 -2.42 12.75
C PRO B 33 -13.93 -1.79 11.66
N ALA B 34 -15.23 -2.04 11.74
CA ALA B 34 -16.18 -1.61 10.71
C ALA B 34 -16.19 -0.08 10.50
N ASN B 35 -15.77 0.67 11.52
CA ASN B 35 -15.74 2.13 11.44
C ASN B 35 -14.50 2.66 10.68
N THR B 36 -13.58 1.76 10.37
CA THR B 36 -12.32 2.15 9.69
C THR B 36 -12.31 1.71 8.22
N SER B 37 -12.22 2.68 7.31
CA SER B 37 -12.16 2.38 5.88
C SER B 37 -10.83 1.69 5.49
N MET B 38 -10.92 0.67 4.65
CA MET B 38 -9.74 -0.09 4.20
C MET B 38 -8.73 0.82 3.49
N SER B 39 -9.24 1.75 2.67
CA SER B 39 -8.38 2.70 1.94
C SER B 39 -7.43 3.45 2.88
N ALA B 40 -7.99 4.09 3.90
CA ALA B 40 -7.19 4.80 4.91
C ALA B 40 -6.40 3.83 5.80
N TYR B 41 -6.94 2.63 6.00
CA TYR B 41 -6.29 1.62 6.85
C TYR B 41 -4.94 1.18 6.26
N ILE B 42 -4.92 0.92 4.94
CA ILE B 42 -3.67 0.55 4.26
C ILE B 42 -2.60 1.66 4.41
N ARG B 43 -3.05 2.92 4.38
CA ARG B 43 -2.15 4.07 4.56
C ARG B 43 -1.34 3.92 5.87
N ARG B 44 -2.04 3.77 6.99
CA ARG B 44 -1.39 3.69 8.31
C ARG B 44 -0.59 2.37 8.50
N ILE B 45 -0.67 1.46 7.52
CA ILE B 45 0.13 0.23 7.55
C ILE B 45 1.49 0.44 6.85
N ILE B 46 1.45 1.00 5.64
CA ILE B 46 2.67 1.24 4.87
C ILE B 46 3.40 2.52 5.33
N LEU B 47 2.63 3.48 5.83
CA LEU B 47 3.18 4.78 6.29
C LEU B 47 4.23 4.58 7.40
N ASN B 48 3.87 3.79 8.41
CA ASN B 48 4.78 3.49 9.54
C ASN B 48 6.13 2.93 9.05
N HIS B 49 6.13 2.26 7.90
CA HIS B 49 7.34 1.64 7.36
C HIS B 49 8.42 2.70 7.03
N LEU B 50 7.99 3.92 6.71
CA LEU B 50 8.93 5.01 6.39
C LEU B 50 9.83 5.36 7.58
N GLU B 51 9.33 5.12 8.79
CA GLU B 51 10.11 5.36 10.02
C GLU B 51 10.42 4.03 10.75
N ASP B 52 9.93 2.92 10.19
CA ASP B 52 10.20 1.59 10.73
C ASP B 52 11.45 0.96 10.07
N GLU B 53 11.60 1.19 8.76
CA GLU B 53 12.75 0.69 8.01
C GLU B 53 12.85 1.40 6.64
N MET A 1 -0.37 -28.49 -0.93
CA MET A 1 -0.52 -27.08 -0.49
C MET A 1 -1.88 -26.52 -0.93
N VAL A 2 -2.22 -25.32 -0.46
CA VAL A 2 -3.49 -24.67 -0.82
C VAL A 2 -3.49 -24.16 -2.28
N GLY A 3 -2.34 -23.65 -2.73
CA GLY A 3 -2.22 -23.16 -4.10
C GLY A 3 -2.40 -21.64 -4.22
N ARG A 4 -1.36 -20.88 -3.88
CA ARG A 4 -1.40 -19.42 -3.94
C ARG A 4 -1.05 -18.89 -5.35
N ARG A 5 -1.63 -17.74 -5.72
CA ARG A 5 -1.31 -17.05 -6.98
C ARG A 5 -1.74 -17.86 -8.23
N PRO A 6 -2.91 -17.53 -8.81
CA PRO A 6 -3.35 -18.09 -10.09
C PRO A 6 -3.00 -17.20 -11.30
N GLY A 7 -3.31 -17.68 -12.51
CA GLY A 7 -3.12 -16.88 -13.71
C GLY A 7 -1.66 -16.71 -14.14
N GLY A 8 -0.75 -17.39 -13.45
CA GLY A 8 0.66 -17.39 -13.84
C GLY A 8 1.34 -16.02 -13.79
N GLY A 9 0.77 -15.09 -13.02
CA GLY A 9 1.35 -13.74 -12.93
C GLY A 9 0.60 -12.70 -13.73
N LEU A 10 -0.58 -13.07 -14.25
CA LEU A 10 -1.42 -12.12 -15.01
C LEU A 10 -2.62 -11.64 -14.18
N LYS A 11 -3.52 -12.56 -13.84
CA LYS A 11 -4.76 -12.22 -13.13
C LYS A 11 -4.74 -12.71 -11.67
N ASP A 12 -3.55 -12.78 -11.08
CA ASP A 12 -3.36 -13.23 -9.70
C ASP A 12 -3.78 -12.17 -8.67
N THR A 13 -3.24 -10.97 -8.82
CA THR A 13 -3.45 -9.87 -7.87
C THR A 13 -4.29 -8.74 -8.46
N LYS A 14 -5.17 -8.15 -7.65
CA LYS A 14 -6.10 -7.12 -8.13
C LYS A 14 -5.57 -5.70 -7.84
N PRO A 15 -5.73 -4.76 -8.80
CA PRO A 15 -5.24 -3.38 -8.65
C PRO A 15 -6.06 -2.55 -7.63
N VAL A 16 -5.53 -2.39 -6.43
CA VAL A 16 -6.15 -1.57 -5.38
C VAL A 16 -5.47 -0.19 -5.29
N VAL A 17 -6.28 0.87 -5.19
CA VAL A 17 -5.74 2.23 -5.12
C VAL A 17 -5.53 2.68 -3.67
N VAL A 18 -4.27 2.74 -3.24
CA VAL A 18 -3.92 3.22 -1.89
C VAL A 18 -3.21 4.60 -1.98
N ARG A 19 -3.54 5.50 -1.07
CA ARG A 19 -2.99 6.86 -1.10
C ARG A 19 -1.91 7.08 -0.02
N LEU A 20 -0.82 7.74 -0.41
CA LEU A 20 0.27 8.06 0.52
C LEU A 20 0.73 9.52 0.35
N TYR A 21 1.40 10.07 1.36
CA TYR A 21 1.81 11.47 1.36
C TYR A 21 2.80 11.80 0.22
N PRO A 22 2.48 12.82 -0.61
CA PRO A 22 3.29 13.17 -1.81
C PRO A 22 4.78 13.32 -1.53
N ASP A 23 5.13 14.20 -0.60
CA ASP A 23 6.52 14.49 -0.25
C ASP A 23 7.28 13.22 0.17
N GLU A 24 6.62 12.36 0.95
CA GLU A 24 7.24 11.15 1.48
C GLU A 24 7.35 10.05 0.40
N ILE A 25 6.43 10.04 -0.57
CA ILE A 25 6.55 9.17 -1.73
C ILE A 25 7.79 9.56 -2.55
N GLU A 26 7.99 10.87 -2.70
CA GLU A 26 9.18 11.41 -3.38
C GLU A 26 10.48 10.94 -2.70
N ALA A 27 10.47 10.90 -1.37
CA ALA A 27 11.60 10.40 -0.59
C ALA A 27 11.73 8.87 -0.70
N LEU A 28 10.60 8.17 -0.70
CA LEU A 28 10.57 6.70 -0.79
C LEU A 28 11.14 6.20 -2.13
N LYS A 29 10.69 6.80 -3.23
CA LYS A 29 11.08 6.37 -4.58
C LYS A 29 12.57 6.57 -4.87
N SER A 30 13.32 7.07 -3.88
CA SER A 30 14.77 7.18 -3.97
C SER A 30 15.45 5.82 -3.76
N ARG A 31 14.99 5.07 -2.77
CA ARG A 31 15.61 3.79 -2.39
C ARG A 31 14.85 2.57 -2.96
N VAL A 32 13.98 2.79 -3.94
CA VAL A 32 13.26 1.70 -4.58
C VAL A 32 14.08 1.08 -5.72
N PRO A 33 13.98 -0.24 -5.94
CA PRO A 33 14.70 -0.93 -7.02
C PRO A 33 14.27 -0.44 -8.42
N ALA A 34 15.22 0.11 -9.17
CA ALA A 34 14.94 0.65 -10.51
C ALA A 34 14.14 -0.33 -11.39
N ASN A 35 14.42 -1.62 -11.23
CA ASN A 35 13.73 -2.68 -11.98
C ASN A 35 12.23 -2.74 -11.61
N THR A 36 11.93 -2.61 -10.33
CA THR A 36 10.55 -2.74 -9.82
C THR A 36 9.85 -1.38 -9.71
N SER A 37 8.76 -1.21 -10.47
CA SER A 37 7.94 0.00 -10.39
C SER A 37 7.38 0.21 -8.98
N MET A 38 7.21 1.48 -8.58
CA MET A 38 6.72 1.80 -7.23
C MET A 38 5.38 1.12 -6.93
N SER A 39 4.46 1.17 -7.90
CA SER A 39 3.13 0.53 -7.75
C SER A 39 3.24 -0.98 -7.51
N ALA A 40 4.33 -1.59 -7.95
CA ALA A 40 4.59 -3.00 -7.71
C ALA A 40 5.43 -3.21 -6.44
N TYR A 41 6.21 -2.18 -6.08
CA TYR A 41 7.08 -2.23 -4.90
C TYR A 41 6.27 -2.18 -3.59
N ILE A 42 5.17 -1.42 -3.60
CA ILE A 42 4.28 -1.32 -2.43
C ILE A 42 3.83 -2.71 -1.94
N ARG A 43 3.65 -3.64 -2.87
CA ARG A 43 3.26 -5.01 -2.54
C ARG A 43 4.24 -5.67 -1.56
N ARG A 44 5.51 -5.84 -1.98
CA ARG A 44 6.52 -6.51 -1.14
C ARG A 44 6.74 -5.79 0.21
N ILE A 45 6.26 -4.55 0.32
CA ILE A 45 6.28 -3.83 1.59
C ILE A 45 5.23 -4.42 2.56
N ILE A 46 3.96 -4.35 2.15
CA ILE A 46 2.85 -4.76 3.01
C ILE A 46 2.68 -6.28 3.06
N LEU A 47 2.83 -6.96 1.92
CA LEU A 47 2.67 -8.43 1.82
C LEU A 47 3.36 -9.17 2.98
N ASN A 48 4.67 -8.98 3.11
CA ASN A 48 5.44 -9.66 4.16
C ASN A 48 4.91 -9.32 5.56
N HIS A 49 4.28 -8.15 5.70
CA HIS A 49 3.75 -7.70 6.99
C HIS A 49 2.31 -8.20 7.23
N LEU A 50 1.57 -8.44 6.15
CA LEU A 50 0.21 -9.01 6.25
C LEU A 50 0.25 -10.46 6.73
N GLU A 51 1.12 -11.28 6.13
CA GLU A 51 1.33 -12.66 6.58
C GLU A 51 2.16 -12.70 7.88
N ASP A 52 2.78 -11.57 8.22
CA ASP A 52 3.47 -11.41 9.49
C ASP A 52 2.48 -11.33 10.67
N GLU A 53 1.49 -10.45 10.54
CA GLU A 53 0.48 -10.24 11.61
C GLU A 53 -0.50 -11.41 11.71
N MET B 1 3.02 24.23 -1.66
CA MET B 1 1.60 24.19 -2.02
C MET B 1 1.37 23.36 -3.29
N VAL B 2 2.17 23.61 -4.33
CA VAL B 2 2.03 22.89 -5.60
C VAL B 2 2.46 21.42 -5.49
N GLY B 3 1.53 20.57 -5.03
CA GLY B 3 1.85 19.16 -4.80
C GLY B 3 2.84 18.94 -3.66
N ARG B 4 2.98 19.96 -2.81
CA ARG B 4 3.93 19.90 -1.68
C ARG B 4 3.19 20.07 -0.34
N ARG B 5 3.83 19.59 0.74
CA ARG B 5 3.26 19.70 2.09
C ARG B 5 1.97 18.87 2.27
N PRO B 6 2.05 17.72 2.97
CA PRO B 6 0.88 16.87 3.25
C PRO B 6 -0.18 17.59 4.11
N GLY B 7 -1.28 18.01 3.50
CA GLY B 7 -2.34 18.72 4.22
C GLY B 7 -3.03 17.87 5.29
N GLY B 8 -2.98 16.54 5.15
CA GLY B 8 -3.60 15.67 6.13
C GLY B 8 -3.69 14.21 5.68
N GLY B 9 -4.50 13.95 4.65
CA GLY B 9 -4.63 12.58 4.13
C GLY B 9 -5.87 12.36 3.27
N LEU B 10 -7.01 12.89 3.71
CA LEU B 10 -8.31 12.67 3.03
C LEU B 10 -8.24 12.97 1.53
N LYS B 11 -7.62 14.08 1.17
CA LYS B 11 -7.49 14.51 -0.24
C LYS B 11 -6.03 14.90 -0.53
N ASP B 12 -5.24 14.94 0.53
CA ASP B 12 -3.91 15.55 0.52
C ASP B 12 -2.81 14.49 0.26
N THR B 13 -3.16 13.44 -0.46
CA THR B 13 -2.25 12.32 -0.72
C THR B 13 -2.30 11.89 -2.19
N LYS B 14 -1.26 11.17 -2.64
CA LYS B 14 -1.18 10.69 -4.03
C LYS B 14 -1.74 9.26 -4.16
N PRO B 15 -2.66 9.02 -5.11
CA PRO B 15 -3.25 7.70 -5.34
C PRO B 15 -2.29 6.74 -6.09
N VAL B 16 -1.92 5.64 -5.44
CA VAL B 16 -1.03 4.63 -6.03
C VAL B 16 -1.79 3.32 -6.28
N VAL B 17 -1.81 2.87 -7.54
CA VAL B 17 -2.50 1.62 -7.91
C VAL B 17 -1.58 0.40 -7.73
N VAL B 18 -1.76 -0.33 -6.63
CA VAL B 18 -0.95 -1.50 -6.32
C VAL B 18 -1.73 -2.81 -6.48
N ARG B 19 -1.15 -3.78 -7.20
CA ARG B 19 -1.78 -5.10 -7.35
C ARG B 19 -1.64 -5.94 -6.07
N LEU B 20 -2.71 -5.96 -5.27
CA LEU B 20 -2.73 -6.61 -3.96
C LEU B 20 -3.22 -8.08 -4.06
N TYR B 21 -2.71 -8.95 -3.20
CA TYR B 21 -3.13 -10.36 -3.18
C TYR B 21 -4.60 -10.50 -2.73
N PRO B 22 -5.36 -11.43 -3.35
CA PRO B 22 -6.73 -11.75 -2.91
C PRO B 22 -6.79 -12.11 -1.42
N ASP B 23 -5.74 -12.79 -0.95
CA ASP B 23 -5.63 -13.14 0.48
C ASP B 23 -5.54 -11.89 1.36
N GLU B 24 -4.69 -10.95 0.95
CA GLU B 24 -4.54 -9.68 1.68
C GLU B 24 -5.86 -8.90 1.71
N ILE B 25 -6.51 -8.79 0.54
CA ILE B 25 -7.84 -8.17 0.43
C ILE B 25 -8.85 -8.87 1.36
N GLU B 26 -8.78 -10.21 1.36
CA GLU B 26 -9.66 -11.05 2.19
C GLU B 26 -9.44 -10.80 3.69
N ALA B 27 -8.17 -10.71 4.10
CA ALA B 27 -7.83 -10.43 5.50
C ALA B 27 -8.12 -8.96 5.86
N LEU B 28 -7.94 -8.07 4.88
CA LEU B 28 -8.18 -6.64 5.08
C LEU B 28 -9.64 -6.36 5.47
N LYS B 29 -10.57 -6.79 4.61
CA LYS B 29 -12.01 -6.58 4.84
C LYS B 29 -12.49 -7.20 6.18
N SER B 30 -11.64 -8.06 6.76
CA SER B 30 -11.94 -8.69 8.05
C SER B 30 -11.47 -7.83 9.24
N ARG B 31 -10.19 -7.44 9.22
CA ARG B 31 -9.58 -6.73 10.35
C ARG B 31 -9.89 -5.23 10.37
N VAL B 32 -10.35 -4.67 9.25
CA VAL B 32 -10.72 -3.24 9.20
C VAL B 32 -11.98 -2.96 10.03
N PRO B 33 -11.93 -1.96 10.93
CA PRO B 33 -13.09 -1.55 11.72
C PRO B 33 -14.00 -0.57 10.95
N ALA B 34 -15.27 -0.48 11.35
CA ALA B 34 -16.24 0.42 10.71
C ALA B 34 -15.77 1.89 10.75
N ASN B 35 -14.91 2.20 11.72
CA ASN B 35 -14.40 3.57 11.91
C ASN B 35 -13.16 3.86 11.05
N THR B 36 -12.69 2.88 10.29
CA THR B 36 -11.49 3.04 9.45
C THR B 36 -11.66 2.39 8.07
N SER B 37 -11.70 3.20 7.02
CA SER B 37 -11.82 2.69 5.65
C SER B 37 -10.56 1.90 5.22
N MET B 38 -10.70 1.07 4.19
CA MET B 38 -9.60 0.20 3.74
C MET B 38 -8.34 0.98 3.37
N SER B 39 -8.48 1.97 2.48
CA SER B 39 -7.35 2.82 2.07
C SER B 39 -6.72 3.52 3.28
N ALA B 40 -7.56 4.10 4.14
CA ALA B 40 -7.11 4.74 5.37
C ALA B 40 -6.34 3.75 6.28
N TYR B 41 -6.77 2.49 6.29
CA TYR B 41 -6.10 1.47 7.10
C TYR B 41 -4.72 1.11 6.51
N ILE B 42 -4.63 1.02 5.19
CA ILE B 42 -3.34 0.74 4.54
C ILE B 42 -2.39 1.95 4.67
N ARG B 43 -2.95 3.16 4.63
CA ARG B 43 -2.16 4.39 4.77
C ARG B 43 -1.33 4.38 6.07
N ARG B 44 -1.98 4.07 7.19
CA ARG B 44 -1.31 4.04 8.50
C ARG B 44 -0.28 2.89 8.58
N ILE B 45 -0.47 1.84 7.78
CA ILE B 45 0.49 0.73 7.73
C ILE B 45 1.79 1.18 7.03
N ILE B 46 1.67 1.61 5.77
CA ILE B 46 2.83 2.07 4.99
C ILE B 46 3.49 3.30 5.63
N LEU B 47 2.68 4.14 6.28
CA LEU B 47 3.19 5.31 7.01
C LEU B 47 4.26 4.89 8.04
N ASN B 48 3.87 3.98 8.94
CA ASN B 48 4.80 3.46 9.95
C ASN B 48 6.04 2.79 9.31
N HIS B 49 5.89 2.31 8.07
CA HIS B 49 7.03 1.76 7.32
C HIS B 49 8.00 2.88 6.89
N LEU B 50 7.45 3.98 6.37
CA LEU B 50 8.27 5.13 5.94
C LEU B 50 9.08 5.71 7.11
N GLU B 51 8.42 5.93 8.25
CA GLU B 51 9.05 6.54 9.42
C GLU B 51 9.78 5.52 10.32
N ASP B 52 10.21 4.39 9.75
CA ASP B 52 10.87 3.34 10.53
C ASP B 52 11.73 2.41 9.64
N GLU B 53 11.08 1.75 8.67
CA GLU B 53 11.75 0.77 7.80
C GLU B 53 12.34 1.43 6.53
N MET A 1 -4.55 -19.68 2.06
CA MET A 1 -5.67 -19.15 1.24
C MET A 1 -6.97 -19.93 1.53
N VAL A 2 -8.12 -19.40 1.09
CA VAL A 2 -9.41 -20.07 1.31
C VAL A 2 -9.73 -21.03 0.16
N GLY A 3 -9.16 -20.78 -1.01
CA GLY A 3 -9.30 -21.71 -2.14
C GLY A 3 -9.79 -21.06 -3.43
N ARG A 4 -8.89 -20.38 -4.13
CA ARG A 4 -9.20 -19.76 -5.43
C ARG A 4 -8.04 -19.93 -6.42
N ARG A 5 -8.35 -19.88 -7.72
CA ARG A 5 -7.32 -19.92 -8.76
C ARG A 5 -7.14 -18.54 -9.42
N PRO A 6 -6.08 -17.80 -9.04
CA PRO A 6 -5.76 -16.50 -9.64
C PRO A 6 -5.08 -16.63 -11.03
N GLY A 7 -4.39 -15.57 -11.45
CA GLY A 7 -3.63 -15.61 -12.70
C GLY A 7 -2.19 -16.08 -12.50
N GLY A 8 -1.24 -15.14 -12.50
CA GLY A 8 0.17 -15.49 -12.33
C GLY A 8 1.12 -14.43 -12.86
N GLY A 9 1.19 -13.28 -12.18
CA GLY A 9 2.06 -12.19 -12.61
C GLY A 9 1.45 -11.34 -13.71
N LEU A 10 0.12 -11.30 -13.77
CA LEU A 10 -0.61 -10.55 -14.81
C LEU A 10 -1.64 -9.61 -14.20
N LYS A 11 -2.71 -10.19 -13.63
CA LYS A 11 -3.81 -9.41 -13.02
C LYS A 11 -4.41 -10.17 -11.84
N ASP A 12 -3.60 -11.06 -11.26
CA ASP A 12 -4.00 -11.85 -10.08
C ASP A 12 -4.03 -11.01 -8.81
N THR A 13 -3.14 -10.02 -8.73
CA THR A 13 -3.11 -9.09 -7.60
C THR A 13 -4.14 -7.97 -7.79
N LYS A 14 -5.19 -7.98 -6.96
CA LYS A 14 -6.28 -7.00 -7.05
C LYS A 14 -5.77 -5.56 -6.88
N PRO A 15 -6.15 -4.64 -7.80
CA PRO A 15 -5.73 -3.22 -7.74
C PRO A 15 -6.39 -2.43 -6.59
N VAL A 16 -5.63 -2.20 -5.52
CA VAL A 16 -6.10 -1.42 -4.37
C VAL A 16 -5.56 0.03 -4.43
N VAL A 17 -6.49 0.99 -4.49
CA VAL A 17 -6.11 2.41 -4.55
C VAL A 17 -5.56 2.90 -3.19
N VAL A 18 -4.23 3.00 -3.10
CA VAL A 18 -3.57 3.44 -1.87
C VAL A 18 -2.97 4.86 -2.04
N ARG A 19 -3.28 5.74 -1.11
CA ARG A 19 -2.81 7.14 -1.17
C ARG A 19 -1.61 7.38 -0.23
N LEU A 20 -0.53 7.95 -0.75
CA LEU A 20 0.67 8.25 0.04
C LEU A 20 1.06 9.74 -0.05
N TYR A 21 1.62 10.29 1.02
CA TYR A 21 2.01 11.71 1.05
C TYR A 21 3.08 12.04 0.00
N PRO A 22 2.80 13.02 -0.89
CA PRO A 22 3.73 13.39 -1.99
C PRO A 22 5.14 13.76 -1.48
N ASP A 23 5.21 14.26 -0.25
CA ASP A 23 6.49 14.57 0.38
C ASP A 23 7.33 13.30 0.58
N GLU A 24 6.67 12.24 1.06
CA GLU A 24 7.32 10.95 1.28
C GLU A 24 7.60 10.22 -0.04
N ILE A 25 6.70 10.40 -1.02
CA ILE A 25 6.90 9.85 -2.36
C ILE A 25 8.24 10.35 -2.96
N GLU A 26 8.63 11.58 -2.59
CA GLU A 26 9.91 12.14 -3.00
C GLU A 26 11.07 11.29 -2.46
N ALA A 27 10.96 10.90 -1.18
CA ALA A 27 11.94 10.01 -0.55
C ALA A 27 11.82 8.58 -1.08
N LEU A 28 10.61 8.19 -1.46
CA LEU A 28 10.33 6.84 -1.98
C LEU A 28 11.06 6.59 -3.31
N LYS A 29 10.89 7.50 -4.27
CA LYS A 29 11.54 7.37 -5.59
C LYS A 29 13.07 7.28 -5.47
N SER A 30 13.61 7.73 -4.34
CA SER A 30 15.07 7.73 -4.12
C SER A 30 15.55 6.48 -3.38
N ARG A 31 14.64 5.71 -2.80
CA ARG A 31 15.00 4.50 -2.05
C ARG A 31 14.57 3.20 -2.77
N VAL A 32 14.02 3.34 -3.97
CA VAL A 32 13.61 2.17 -4.77
C VAL A 32 14.80 1.59 -5.56
N PRO A 33 14.93 0.25 -5.60
CA PRO A 33 15.95 -0.42 -6.42
C PRO A 33 15.63 -0.37 -7.92
N ALA A 34 16.66 -0.34 -8.76
CA ALA A 34 16.48 -0.24 -10.22
C ALA A 34 15.53 -1.31 -10.78
N ASN A 35 15.49 -2.48 -10.13
CA ASN A 35 14.68 -3.61 -10.62
C ASN A 35 13.20 -3.49 -10.18
N THR A 36 12.92 -2.70 -9.15
CA THR A 36 11.57 -2.60 -8.59
C THR A 36 10.95 -1.21 -8.76
N SER A 37 9.75 -1.15 -9.33
CA SER A 37 9.00 0.11 -9.47
C SER A 37 8.35 0.52 -8.14
N MET A 38 7.94 1.78 -8.02
CA MET A 38 7.36 2.31 -6.77
C MET A 38 6.12 1.52 -6.32
N SER A 39 5.22 1.21 -7.27
CA SER A 39 4.01 0.45 -6.95
C SER A 39 4.34 -0.96 -6.45
N ALA A 40 5.23 -1.64 -7.17
CA ALA A 40 5.71 -2.97 -6.75
C ALA A 40 6.44 -2.90 -5.40
N TYR A 41 7.13 -1.79 -5.16
CA TYR A 41 7.84 -1.55 -3.91
C TYR A 41 6.86 -1.54 -2.73
N ILE A 42 5.81 -0.72 -2.83
CA ILE A 42 4.75 -0.68 -1.81
C ILE A 42 4.03 -2.04 -1.71
N ARG A 43 3.86 -2.71 -2.85
CA ARG A 43 3.19 -4.01 -2.88
C ARG A 43 3.89 -5.03 -1.97
N ARG A 44 5.19 -5.20 -2.15
CA ARG A 44 5.97 -6.17 -1.35
C ARG A 44 6.03 -5.76 0.14
N ILE A 45 5.96 -4.45 0.42
CA ILE A 45 5.92 -3.97 1.80
C ILE A 45 4.71 -4.54 2.55
N ILE A 46 3.51 -4.31 2.02
CA ILE A 46 2.28 -4.80 2.65
C ILE A 46 2.19 -6.33 2.59
N LEU A 47 2.51 -6.90 1.42
CA LEU A 47 2.46 -8.37 1.24
C LEU A 47 3.31 -9.10 2.29
N ASN A 48 4.54 -8.63 2.49
CA ASN A 48 5.44 -9.22 3.50
C ASN A 48 4.91 -8.96 4.92
N HIS A 49 4.17 -7.86 5.11
CA HIS A 49 3.57 -7.56 6.41
C HIS A 49 2.39 -8.50 6.70
N LEU A 50 1.68 -8.92 5.64
CA LEU A 50 0.58 -9.89 5.79
C LEU A 50 1.11 -11.23 6.33
N GLU A 51 2.14 -11.78 5.68
CA GLU A 51 2.76 -13.02 6.15
C GLU A 51 3.49 -12.81 7.49
N ASP A 52 3.96 -11.58 7.73
CA ASP A 52 4.57 -11.22 9.03
C ASP A 52 3.58 -11.44 10.19
N GLU A 53 2.32 -11.07 9.96
CA GLU A 53 1.25 -11.30 10.94
C GLU A 53 0.47 -12.59 10.62
N MET B 1 13.47 18.45 -0.68
CA MET B 1 12.77 18.01 -1.89
C MET B 1 12.98 19.02 -3.03
N VAL B 2 12.58 18.66 -4.24
CA VAL B 2 12.68 19.57 -5.39
C VAL B 2 11.49 20.55 -5.44
N GLY B 3 10.35 20.10 -4.92
CA GLY B 3 9.15 20.93 -4.87
C GLY B 3 7.91 20.15 -4.45
N ARG B 4 7.56 20.23 -3.16
CA ARG B 4 6.41 19.47 -2.63
C ARG B 4 5.41 20.34 -1.85
N ARG B 5 4.16 20.32 -2.31
CA ARG B 5 3.04 20.95 -1.60
C ARG B 5 1.78 20.08 -1.74
N PRO B 6 1.40 19.34 -0.68
CA PRO B 6 0.24 18.44 -0.72
C PRO B 6 -1.10 19.19 -0.89
N GLY B 7 -1.45 20.01 0.10
CA GLY B 7 -2.72 20.71 0.09
C GLY B 7 -3.33 20.83 1.48
N GLY B 8 -4.00 19.77 1.94
CA GLY B 8 -4.60 19.79 3.27
C GLY B 8 -5.61 18.67 3.51
N GLY B 9 -6.78 19.03 4.01
CA GLY B 9 -7.81 18.04 4.38
C GLY B 9 -8.29 17.18 3.21
N LEU B 10 -8.28 17.73 2.00
CA LEU B 10 -8.73 16.98 0.82
C LEU B 10 -7.54 16.32 0.10
N LYS B 11 -6.70 17.14 -0.53
CA LYS B 11 -5.48 16.63 -1.17
C LYS B 11 -4.32 16.54 -0.17
N ASP B 12 -4.29 15.44 0.58
CA ASP B 12 -3.22 15.17 1.55
C ASP B 12 -2.26 14.11 1.00
N THR B 13 -2.82 13.11 0.35
CA THR B 13 -2.07 11.94 -0.12
C THR B 13 -2.41 11.60 -1.58
N LYS B 14 -1.38 11.32 -2.38
CA LYS B 14 -1.55 11.00 -3.80
C LYS B 14 -1.83 9.51 -4.02
N PRO B 15 -2.84 9.16 -4.85
CA PRO B 15 -3.22 7.76 -5.09
C PRO B 15 -2.27 7.03 -6.06
N VAL B 16 -1.78 5.87 -5.64
CA VAL B 16 -0.94 5.00 -6.49
C VAL B 16 -1.57 3.60 -6.59
N VAL B 17 -1.38 2.93 -7.73
CA VAL B 17 -1.98 1.62 -7.97
C VAL B 17 -1.17 0.48 -7.30
N VAL B 18 -1.49 0.22 -6.03
CA VAL B 18 -0.92 -0.92 -5.31
C VAL B 18 -1.81 -2.15 -5.49
N ARG B 19 -1.27 -3.36 -5.33
CA ARG B 19 -2.03 -4.58 -5.62
C ARG B 19 -1.78 -5.69 -4.58
N LEU B 20 -2.83 -6.46 -4.28
CA LEU B 20 -2.73 -7.58 -3.32
C LEU B 20 -3.68 -8.73 -3.73
N TYR B 21 -3.37 -9.95 -3.30
CA TYR B 21 -4.16 -11.15 -3.69
C TYR B 21 -5.54 -11.20 -3.02
N PRO B 22 -6.57 -11.70 -3.74
CA PRO B 22 -7.98 -11.73 -3.27
C PRO B 22 -8.17 -12.36 -1.87
N ASP B 23 -7.80 -13.63 -1.73
CA ASP B 23 -7.92 -14.35 -0.45
C ASP B 23 -7.28 -13.55 0.71
N GLU B 24 -6.11 -12.98 0.47
CA GLU B 24 -5.38 -12.21 1.48
C GLU B 24 -6.11 -10.91 1.84
N ILE B 25 -6.71 -10.26 0.83
CA ILE B 25 -7.55 -9.07 1.08
C ILE B 25 -8.82 -9.45 1.85
N GLU B 26 -9.41 -10.60 1.49
CA GLU B 26 -10.61 -11.11 2.15
C GLU B 26 -10.33 -11.42 3.63
N ALA B 27 -9.12 -11.89 3.92
CA ALA B 27 -8.67 -12.08 5.31
C ALA B 27 -8.44 -10.72 6.01
N LEU B 28 -7.86 -9.77 5.27
CA LEU B 28 -7.62 -8.41 5.77
C LEU B 28 -8.94 -7.75 6.24
N LYS B 29 -9.92 -7.68 5.33
CA LYS B 29 -11.22 -7.06 5.64
C LYS B 29 -12.02 -7.85 6.70
N SER B 30 -11.44 -8.95 7.20
CA SER B 30 -12.05 -9.71 8.30
C SER B 30 -11.55 -9.20 9.66
N ARG B 31 -10.34 -8.65 9.68
CA ARG B 31 -9.71 -8.18 10.93
C ARG B 31 -9.71 -6.64 11.02
N VAL B 32 -10.56 -5.98 10.24
CA VAL B 32 -10.64 -4.52 10.27
C VAL B 32 -11.66 -4.03 11.33
N PRO B 33 -11.30 -3.00 12.11
CA PRO B 33 -12.22 -2.38 13.09
C PRO B 33 -13.43 -1.72 12.40
N ALA B 34 -14.56 -1.64 13.11
CA ALA B 34 -15.81 -1.12 12.55
C ALA B 34 -15.66 0.29 11.96
N ASN B 35 -14.68 1.05 12.46
CA ASN B 35 -14.47 2.44 12.02
C ASN B 35 -13.38 2.55 10.92
N THR B 36 -12.66 1.47 10.66
CA THR B 36 -11.49 1.52 9.76
C THR B 36 -11.68 0.64 8.51
N SER B 37 -11.76 1.28 7.35
CA SER B 37 -11.90 0.57 6.06
C SER B 37 -10.54 0.13 5.50
N MET B 38 -10.56 -0.81 4.55
CA MET B 38 -9.33 -1.39 3.97
C MET B 38 -8.38 -0.33 3.41
N SER B 39 -8.89 0.56 2.56
CA SER B 39 -8.07 1.61 1.91
C SER B 39 -7.36 2.50 2.95
N ALA B 40 -8.14 3.03 3.90
CA ALA B 40 -7.60 3.87 4.97
C ALA B 40 -6.60 3.10 5.85
N TYR B 41 -6.89 1.82 6.09
CA TYR B 41 -6.04 0.97 6.92
C TYR B 41 -4.66 0.75 6.27
N ILE B 42 -4.66 0.22 5.04
CA ILE B 42 -3.41 -0.02 4.29
C ILE B 42 -2.58 1.27 4.16
N ARG B 43 -3.27 2.40 3.97
CA ARG B 43 -2.59 3.70 3.82
C ARG B 43 -1.67 4.00 5.01
N ARG B 44 -2.13 3.73 6.22
CA ARG B 44 -1.31 4.00 7.41
C ARG B 44 -0.31 2.86 7.67
N ILE B 45 -0.63 1.66 7.21
CA ILE B 45 0.28 0.51 7.37
C ILE B 45 1.64 0.78 6.70
N ILE B 46 1.61 1.26 5.45
CA ILE B 46 2.84 1.64 4.76
C ILE B 46 3.53 2.83 5.43
N LEU B 47 2.75 3.84 5.82
CA LEU B 47 3.26 5.02 6.54
C LEU B 47 4.06 4.60 7.78
N ASN B 48 3.43 3.83 8.66
CA ASN B 48 4.07 3.34 9.88
C ASN B 48 5.35 2.54 9.58
N HIS B 49 5.45 1.97 8.38
CA HIS B 49 6.63 1.18 8.00
C HIS B 49 7.69 2.05 7.29
N LEU B 50 7.26 3.14 6.64
CA LEU B 50 8.19 4.09 6.03
C LEU B 50 8.97 4.86 7.10
N GLU B 51 8.29 5.24 8.18
CA GLU B 51 8.94 5.85 9.35
C GLU B 51 9.62 4.79 10.22
N ASP B 52 9.52 3.52 9.81
CA ASP B 52 10.13 2.41 10.53
C ASP B 52 11.52 2.07 9.94
N GLU B 53 11.55 1.77 8.63
CA GLU B 53 12.82 1.53 7.92
C GLU B 53 13.19 2.72 7.03
N MET A 1 -8.06 -27.01 -2.54
CA MET A 1 -8.23 -25.54 -2.32
C MET A 1 -9.26 -24.96 -3.29
N VAL A 2 -10.24 -24.22 -2.76
CA VAL A 2 -11.41 -23.76 -3.54
C VAL A 2 -11.11 -22.49 -4.39
N GLY A 3 -10.07 -22.54 -5.21
CA GLY A 3 -9.79 -21.44 -6.14
C GLY A 3 -8.74 -20.45 -5.64
N ARG A 4 -8.36 -20.55 -4.37
CA ARG A 4 -7.31 -19.68 -3.81
C ARG A 4 -5.93 -20.00 -4.43
N ARG A 5 -4.91 -19.26 -3.99
CA ARG A 5 -3.54 -19.43 -4.46
C ARG A 5 -3.39 -19.09 -5.96
N PRO A 6 -2.94 -17.86 -6.27
CA PRO A 6 -2.73 -17.41 -7.66
C PRO A 6 -1.56 -18.12 -8.37
N GLY A 7 -1.23 -17.64 -9.58
CA GLY A 7 -0.14 -18.23 -10.36
C GLY A 7 1.06 -17.29 -10.56
N GLY A 8 0.83 -15.98 -10.46
CA GLY A 8 1.92 -15.02 -10.65
C GLY A 8 1.74 -13.72 -9.85
N GLY A 9 1.00 -12.78 -10.42
CA GLY A 9 0.83 -11.48 -9.77
C GLY A 9 0.00 -10.49 -10.59
N LEU A 10 0.33 -10.35 -11.88
CA LEU A 10 -0.34 -9.35 -12.75
C LEU A 10 -1.86 -9.57 -12.81
N LYS A 11 -2.30 -10.52 -13.63
CA LYS A 11 -3.73 -10.88 -13.75
C LYS A 11 -4.30 -11.35 -12.39
N ASP A 12 -3.42 -11.88 -11.56
CA ASP A 12 -3.81 -12.54 -10.32
C ASP A 12 -4.30 -11.55 -9.24
N THR A 13 -3.54 -10.49 -9.01
CA THR A 13 -3.84 -9.52 -7.92
C THR A 13 -5.04 -8.64 -8.25
N LYS A 14 -5.70 -8.13 -7.21
CA LYS A 14 -6.84 -7.22 -7.35
C LYS A 14 -6.42 -5.77 -7.07
N PRO A 15 -6.92 -4.80 -7.88
CA PRO A 15 -6.56 -3.37 -7.74
C PRO A 15 -7.17 -2.70 -6.49
N VAL A 16 -6.33 -1.97 -5.74
CA VAL A 16 -6.77 -1.18 -4.58
C VAL A 16 -5.99 0.13 -4.49
N VAL A 17 -6.71 1.25 -4.35
CA VAL A 17 -6.08 2.58 -4.36
C VAL A 17 -5.74 3.06 -2.94
N VAL A 18 -4.44 3.16 -2.65
CA VAL A 18 -3.97 3.63 -1.35
C VAL A 18 -3.51 5.10 -1.43
N ARG A 19 -3.60 5.82 -0.32
CA ARG A 19 -3.24 7.24 -0.27
C ARG A 19 -2.01 7.49 0.63
N LEU A 20 -0.94 8.03 0.06
CA LEU A 20 0.30 8.31 0.80
C LEU A 20 0.74 9.78 0.65
N TYR A 21 1.45 10.31 1.65
CA TYR A 21 1.84 11.73 1.67
C TYR A 21 2.97 12.05 0.67
N PRO A 22 2.81 13.12 -0.15
CA PRO A 22 3.81 13.52 -1.16
C PRO A 22 5.23 13.68 -0.58
N ASP A 23 5.31 14.37 0.56
CA ASP A 23 6.59 14.61 1.26
C ASP A 23 7.40 13.31 1.42
N GLU A 24 6.70 12.19 1.62
CA GLU A 24 7.34 10.89 1.81
C GLU A 24 7.44 10.11 0.48
N ILE A 25 6.50 10.35 -0.44
CA ILE A 25 6.53 9.73 -1.77
C ILE A 25 7.77 10.17 -2.56
N GLU A 26 8.15 11.45 -2.41
CA GLU A 26 9.35 11.99 -3.06
C GLU A 26 10.60 11.18 -2.67
N ALA A 27 10.67 10.79 -1.40
CA ALA A 27 11.76 9.93 -0.90
C ALA A 27 11.56 8.47 -1.32
N LEU A 28 10.29 8.04 -1.37
CA LEU A 28 9.95 6.67 -1.76
C LEU A 28 10.54 6.31 -3.14
N LYS A 29 10.46 7.25 -4.08
CA LYS A 29 10.99 7.03 -5.43
C LYS A 29 12.52 7.19 -5.51
N SER A 30 13.19 7.21 -4.36
CA SER A 30 14.66 7.21 -4.30
C SER A 30 15.19 5.81 -3.93
N ARG A 31 14.50 5.18 -2.98
CA ARG A 31 14.86 3.84 -2.48
C ARG A 31 14.48 2.72 -3.46
N VAL A 32 13.53 2.97 -4.36
CA VAL A 32 13.07 1.95 -5.32
C VAL A 32 14.09 1.70 -6.44
N PRO A 33 14.39 0.42 -6.75
CA PRO A 33 15.27 0.04 -7.89
C PRO A 33 14.60 0.23 -9.26
N ALA A 34 15.36 -0.09 -10.33
CA ALA A 34 14.86 0.03 -11.71
C ALA A 34 13.71 -0.97 -11.98
N ASN A 35 13.94 -2.24 -11.63
CA ASN A 35 12.91 -3.27 -11.78
C ASN A 35 11.74 -3.02 -10.82
N THR A 36 11.97 -3.24 -9.53
CA THR A 36 10.93 -3.02 -8.52
C THR A 36 10.64 -1.52 -8.33
N SER A 37 9.73 -0.98 -9.16
CA SER A 37 9.38 0.45 -9.10
C SER A 37 8.41 0.75 -7.94
N MET A 38 7.94 2.00 -7.88
CA MET A 38 7.12 2.47 -6.74
C MET A 38 5.91 1.56 -6.44
N SER A 39 5.02 1.39 -7.41
CA SER A 39 3.80 0.58 -7.20
C SER A 39 4.13 -0.88 -6.86
N ALA A 40 5.09 -1.46 -7.57
CA ALA A 40 5.54 -2.83 -7.28
C ALA A 40 6.20 -2.92 -5.89
N TYR A 41 6.84 -1.82 -5.47
CA TYR A 41 7.52 -1.76 -4.18
C TYR A 41 6.50 -1.75 -3.03
N ILE A 42 5.43 -0.98 -3.18
CA ILE A 42 4.33 -1.00 -2.21
C ILE A 42 3.68 -2.40 -2.14
N ARG A 43 3.66 -3.08 -3.28
CA ARG A 43 3.08 -4.43 -3.37
C ARG A 43 3.84 -5.43 -2.47
N ARG A 44 5.17 -5.41 -2.53
CA ARG A 44 5.99 -6.28 -1.67
C ARG A 44 5.93 -5.85 -0.19
N ILE A 45 5.73 -4.56 0.06
CA ILE A 45 5.58 -4.05 1.44
C ILE A 45 4.35 -4.66 2.12
N ILE A 46 3.19 -4.58 1.46
CA ILE A 46 1.95 -5.15 2.00
C ILE A 46 2.00 -6.69 2.00
N LEU A 47 2.62 -7.28 0.96
CA LEU A 47 2.77 -8.74 0.87
C LEU A 47 3.47 -9.32 2.10
N ASN A 48 4.71 -8.89 2.34
CA ASN A 48 5.49 -9.35 3.49
C ASN A 48 4.77 -9.06 4.82
N HIS A 49 3.89 -8.06 4.82
CA HIS A 49 3.12 -7.69 6.01
C HIS A 49 1.94 -8.67 6.23
N LEU A 50 1.27 -9.05 5.14
CA LEU A 50 0.12 -9.96 5.22
C LEU A 50 0.54 -11.39 5.62
N GLU A 51 1.70 -11.82 5.14
CA GLU A 51 2.24 -13.15 5.53
C GLU A 51 2.94 -13.09 6.90
N ASP A 52 2.92 -11.91 7.52
CA ASP A 52 3.40 -11.75 8.89
C ASP A 52 2.23 -11.85 9.88
N GLU A 53 1.22 -11.00 9.68
CA GLU A 53 0.00 -11.04 10.49
C GLU A 53 -1.05 -11.97 9.87
N MET B 1 10.87 22.87 -4.32
CA MET B 1 10.29 21.58 -3.99
C MET B 1 9.37 21.06 -5.09
N VAL B 2 9.36 19.75 -5.32
CA VAL B 2 8.48 19.15 -6.33
C VAL B 2 7.30 18.40 -5.67
N GLY B 3 7.60 17.54 -4.70
CA GLY B 3 6.55 16.80 -4.00
C GLY B 3 6.58 17.03 -2.49
N ARG B 4 6.41 18.28 -2.06
CA ARG B 4 6.50 18.65 -0.64
C ARG B 4 5.33 19.53 -0.19
N ARG B 5 4.96 19.40 1.08
CA ARG B 5 3.90 20.20 1.71
C ARG B 5 2.59 20.18 0.89
N PRO B 6 1.74 19.15 1.11
CA PRO B 6 0.44 19.04 0.42
C PRO B 6 -0.61 20.07 0.89
N GLY B 7 -0.77 20.21 2.21
CA GLY B 7 -1.72 21.18 2.76
C GLY B 7 -3.16 20.68 2.88
N GLY B 8 -3.66 20.60 4.12
CA GLY B 8 -5.06 20.24 4.35
C GLY B 8 -5.28 18.75 4.63
N GLY B 9 -6.54 18.31 4.51
CA GLY B 9 -6.88 16.90 4.76
C GLY B 9 -7.56 16.22 3.57
N LEU B 10 -7.53 16.86 2.41
CA LEU B 10 -8.11 16.27 1.18
C LEU B 10 -7.00 15.88 0.19
N LYS B 11 -6.18 16.85 -0.21
CA LYS B 11 -5.04 16.61 -1.10
C LYS B 11 -3.75 16.40 -0.29
N ASP B 12 -3.92 15.95 0.96
CA ASP B 12 -2.80 15.66 1.86
C ASP B 12 -2.02 14.43 1.37
N THR B 13 -2.69 13.60 0.58
CA THR B 13 -2.12 12.34 0.10
C THR B 13 -2.36 12.15 -1.41
N LYS B 14 -1.37 11.58 -2.11
CA LYS B 14 -1.50 11.25 -3.54
C LYS B 14 -2.03 9.82 -3.71
N PRO B 15 -3.27 9.66 -4.23
CA PRO B 15 -3.86 8.33 -4.50
C PRO B 15 -3.08 7.53 -5.56
N VAL B 16 -2.54 6.37 -5.16
CA VAL B 16 -1.85 5.46 -6.07
C VAL B 16 -2.47 4.05 -6.02
N VAL B 17 -2.62 3.41 -7.18
CA VAL B 17 -3.28 2.10 -7.26
C VAL B 17 -2.29 0.93 -7.13
N VAL B 18 -2.30 0.29 -5.96
CA VAL B 18 -1.47 -0.90 -5.71
C VAL B 18 -2.34 -2.17 -5.87
N ARG B 19 -1.72 -3.35 -5.93
CA ARG B 19 -2.47 -4.60 -6.12
C ARG B 19 -2.01 -5.71 -5.17
N LEU B 20 -2.97 -6.40 -4.54
CA LEU B 20 -2.68 -7.49 -3.60
C LEU B 20 -3.38 -8.79 -4.03
N TYR B 21 -2.91 -9.93 -3.53
CA TYR B 21 -3.42 -11.25 -3.93
C TYR B 21 -4.82 -11.53 -3.31
N PRO B 22 -5.70 -12.23 -4.07
CA PRO B 22 -7.09 -12.49 -3.64
C PRO B 22 -7.20 -13.11 -2.24
N ASP B 23 -6.42 -14.16 -1.99
CA ASP B 23 -6.36 -14.82 -0.67
C ASP B 23 -6.23 -13.80 0.47
N GLU B 24 -5.16 -13.01 0.40
CA GLU B 24 -4.78 -12.09 1.46
C GLU B 24 -5.77 -10.92 1.60
N ILE B 25 -6.36 -10.50 0.48
CA ILE B 25 -7.42 -9.48 0.50
C ILE B 25 -8.71 -10.03 1.15
N GLU B 26 -9.04 -11.28 0.81
CA GLU B 26 -10.25 -11.94 1.30
C GLU B 26 -10.28 -11.99 2.84
N ALA B 27 -9.12 -12.25 3.45
CA ALA B 27 -9.00 -12.27 4.91
C ALA B 27 -8.80 -10.85 5.49
N LEU B 28 -7.92 -10.07 4.87
CA LEU B 28 -7.59 -8.70 5.36
C LEU B 28 -8.83 -7.81 5.51
N LYS B 29 -9.77 -7.91 4.56
CA LYS B 29 -10.96 -7.06 4.57
C LYS B 29 -11.89 -7.34 5.77
N SER B 30 -11.63 -8.43 6.51
CA SER B 30 -12.44 -8.76 7.69
C SER B 30 -11.91 -8.04 8.95
N ARG B 31 -10.60 -7.85 9.04
CA ARG B 31 -9.97 -7.23 10.21
C ARG B 31 -9.90 -5.70 10.10
N VAL B 32 -10.80 -5.10 9.31
CA VAL B 32 -10.87 -3.64 9.18
C VAL B 32 -11.86 -3.02 10.18
N PRO B 33 -11.46 -1.94 10.87
CA PRO B 33 -12.33 -1.21 11.81
C PRO B 33 -13.42 -0.39 11.08
N ALA B 34 -14.60 -0.27 11.72
CA ALA B 34 -15.73 0.46 11.14
C ALA B 34 -15.36 1.90 10.71
N ASN B 35 -14.51 2.56 11.48
CA ASN B 35 -14.12 3.94 11.22
C ASN B 35 -12.84 4.03 10.36
N THR B 36 -12.36 2.90 9.84
CA THR B 36 -11.14 2.87 9.03
C THR B 36 -11.36 2.08 7.74
N SER B 37 -11.54 2.79 6.63
CA SER B 37 -11.74 2.16 5.32
C SER B 37 -10.46 1.50 4.80
N MET B 38 -10.58 0.70 3.74
CA MET B 38 -9.43 -0.04 3.19
C MET B 38 -8.24 0.88 2.86
N SER B 39 -8.53 2.00 2.21
CA SER B 39 -7.49 2.98 1.83
C SER B 39 -6.67 3.44 3.05
N ALA B 40 -7.36 3.93 4.09
CA ALA B 40 -6.70 4.37 5.32
C ALA B 40 -6.03 3.20 6.06
N TYR B 41 -6.66 2.03 6.01
CA TYR B 41 -6.13 0.83 6.67
C TYR B 41 -4.77 0.44 6.07
N ILE B 42 -4.69 0.43 4.74
CA ILE B 42 -3.43 0.15 4.04
C ILE B 42 -2.43 1.30 4.25
N ARG B 43 -2.94 2.54 4.36
CA ARG B 43 -2.10 3.71 4.62
C ARG B 43 -1.31 3.51 5.93
N ARG B 44 -1.99 3.14 7.00
CA ARG B 44 -1.34 2.92 8.30
C ARG B 44 -0.58 1.57 8.34
N ILE B 45 -0.41 0.96 7.17
CA ILE B 45 0.44 -0.23 7.03
C ILE B 45 1.75 0.12 6.29
N ILE B 46 1.63 0.70 5.10
CA ILE B 46 2.81 1.10 4.32
C ILE B 46 3.52 2.32 4.93
N LEU B 47 2.75 3.29 5.40
CA LEU B 47 3.30 4.50 6.04
C LEU B 47 4.19 4.12 7.23
N ASN B 48 3.67 3.25 8.08
CA ASN B 48 4.38 2.80 9.28
C ASN B 48 5.65 2.00 8.93
N HIS B 49 5.75 1.52 7.69
CA HIS B 49 6.96 0.83 7.24
C HIS B 49 7.94 1.78 6.56
N LEU B 50 7.44 2.93 6.08
CA LEU B 50 8.31 3.96 5.50
C LEU B 50 9.25 4.52 6.58
N GLU B 51 8.70 4.77 7.76
CA GLU B 51 9.49 5.14 8.95
C GLU B 51 10.24 3.92 9.53
N ASP B 52 9.64 2.75 9.43
CA ASP B 52 10.21 1.49 9.92
C ASP B 52 11.55 1.18 9.24
N GLU B 53 11.48 0.86 7.95
CA GLU B 53 12.67 0.62 7.12
C GLU B 53 12.33 0.79 5.62
N MET A 1 -16.96 -18.81 -5.56
CA MET A 1 -16.09 -18.07 -4.61
C MET A 1 -15.49 -16.81 -5.26
N VAL A 2 -15.68 -15.65 -4.63
CA VAL A 2 -15.19 -14.38 -5.18
C VAL A 2 -13.74 -14.07 -4.71
N GLY A 3 -12.79 -14.30 -5.61
CA GLY A 3 -11.39 -13.98 -5.32
C GLY A 3 -10.67 -15.07 -4.53
N ARG A 4 -10.45 -16.23 -5.16
CA ARG A 4 -9.73 -17.33 -4.51
C ARG A 4 -8.77 -18.05 -5.49
N ARG A 5 -7.57 -18.32 -5.00
CA ARG A 5 -6.51 -19.00 -5.78
C ARG A 5 -6.11 -18.22 -7.04
N PRO A 6 -5.06 -17.39 -6.94
CA PRO A 6 -4.47 -16.70 -8.12
C PRO A 6 -3.58 -17.65 -8.95
N GLY A 7 -3.63 -17.51 -10.28
CA GLY A 7 -2.86 -18.39 -11.16
C GLY A 7 -1.69 -17.69 -11.84
N GLY A 8 -0.82 -17.07 -11.06
CA GLY A 8 0.31 -16.33 -11.61
C GLY A 8 0.79 -15.19 -10.70
N GLY A 9 -0.12 -14.25 -10.41
CA GLY A 9 0.21 -13.15 -9.50
C GLY A 9 0.11 -11.77 -10.16
N LEU A 10 0.65 -11.65 -11.37
CA LEU A 10 0.65 -10.37 -12.10
C LEU A 10 -0.80 -9.90 -12.40
N LYS A 11 -1.50 -10.67 -13.23
CA LYS A 11 -2.90 -10.34 -13.58
C LYS A 11 -3.89 -10.80 -12.49
N ASP A 12 -3.43 -11.70 -11.64
CA ASP A 12 -4.30 -12.33 -10.63
C ASP A 12 -4.35 -11.55 -9.29
N THR A 13 -4.27 -10.23 -9.36
CA THR A 13 -4.29 -9.41 -8.14
C THR A 13 -5.24 -8.22 -8.26
N LYS A 14 -6.05 -8.01 -7.22
CA LYS A 14 -7.09 -6.97 -7.21
C LYS A 14 -6.51 -5.59 -6.85
N PRO A 15 -6.99 -4.52 -7.52
CA PRO A 15 -6.53 -3.15 -7.26
C PRO A 15 -7.16 -2.49 -6.03
N VAL A 16 -6.36 -1.71 -5.31
CA VAL A 16 -6.85 -0.89 -4.19
C VAL A 16 -6.19 0.50 -4.23
N VAL A 17 -6.99 1.55 -4.20
CA VAL A 17 -6.47 2.92 -4.32
C VAL A 17 -5.95 3.46 -2.98
N VAL A 18 -4.62 3.54 -2.85
CA VAL A 18 -3.99 4.12 -1.68
C VAL A 18 -3.42 5.51 -1.99
N ARG A 19 -3.57 6.44 -1.05
CA ARG A 19 -3.15 7.83 -1.26
C ARG A 19 -2.09 8.27 -0.23
N LEU A 20 -0.86 8.48 -0.71
CA LEU A 20 0.27 8.83 0.16
C LEU A 20 0.75 10.28 -0.12
N TYR A 21 1.45 10.88 0.85
CA TYR A 21 1.93 12.26 0.69
C TYR A 21 3.15 12.33 -0.26
N PRO A 22 3.22 13.38 -1.12
CA PRO A 22 4.31 13.52 -2.11
C PRO A 22 5.71 13.59 -1.47
N ASP A 23 5.81 14.27 -0.33
CA ASP A 23 7.06 14.39 0.40
C ASP A 23 7.55 13.03 0.93
N GLU A 24 6.66 12.03 0.92
CA GLU A 24 7.02 10.67 1.31
C GLU A 24 7.27 9.80 0.07
N ILE A 25 6.48 10.00 -0.97
CA ILE A 25 6.70 9.34 -2.26
C ILE A 25 8.08 9.70 -2.82
N GLU A 26 8.53 10.93 -2.53
CA GLU A 26 9.89 11.39 -2.85
C GLU A 26 10.95 10.39 -2.32
N ALA A 27 10.81 10.00 -1.06
CA ALA A 27 11.70 9.01 -0.46
C ALA A 27 11.50 7.63 -1.09
N LEU A 28 10.25 7.27 -1.34
CA LEU A 28 9.91 5.99 -1.98
C LEU A 28 10.73 5.76 -3.27
N LYS A 29 10.56 6.66 -4.24
CA LYS A 29 11.24 6.56 -5.54
C LYS A 29 12.73 6.97 -5.44
N SER A 30 13.24 7.09 -4.21
CA SER A 30 14.66 7.39 -3.98
C SER A 30 15.39 6.18 -3.37
N ARG A 31 14.72 5.48 -2.45
CA ARG A 31 15.31 4.33 -1.75
C ARG A 31 15.16 3.01 -2.53
N VAL A 32 14.39 3.05 -3.62
CA VAL A 32 14.17 1.85 -4.44
C VAL A 32 15.23 1.72 -5.55
N PRO A 33 15.59 0.48 -5.92
CA PRO A 33 16.47 0.21 -7.08
C PRO A 33 15.75 0.46 -8.41
N ALA A 34 16.51 0.81 -9.45
CA ALA A 34 15.95 1.21 -10.75
C ALA A 34 15.06 0.13 -11.39
N ASN A 35 15.37 -1.14 -11.13
CA ASN A 35 14.63 -2.25 -11.73
C ASN A 35 13.35 -2.60 -10.94
N THR A 36 13.13 -1.95 -9.80
CA THR A 36 11.93 -2.19 -8.99
C THR A 36 10.94 -1.02 -9.11
N SER A 37 9.72 -1.33 -9.53
CA SER A 37 8.67 -0.31 -9.71
C SER A 37 8.17 0.22 -8.37
N MET A 38 7.85 1.51 -8.31
CA MET A 38 7.34 2.15 -7.09
C MET A 38 6.09 1.44 -6.56
N SER A 39 5.14 1.17 -7.45
CA SER A 39 3.91 0.44 -7.10
C SER A 39 4.22 -0.99 -6.65
N ALA A 40 5.11 -1.66 -7.37
CA ALA A 40 5.55 -3.01 -7.00
C ALA A 40 6.22 -3.03 -5.62
N TYR A 41 6.93 -1.95 -5.29
CA TYR A 41 7.58 -1.83 -3.98
C TYR A 41 6.52 -1.69 -2.88
N ILE A 42 5.51 -0.84 -3.10
CA ILE A 42 4.38 -0.72 -2.18
C ILE A 42 3.64 -2.07 -2.05
N ARG A 43 3.51 -2.78 -3.17
CA ARG A 43 2.88 -4.10 -3.20
C ARG A 43 3.59 -5.10 -2.28
N ARG A 44 4.92 -5.16 -2.37
CA ARG A 44 5.70 -6.05 -1.48
C ARG A 44 5.77 -5.50 -0.05
N ILE A 45 5.66 -4.17 0.09
CA ILE A 45 5.59 -3.54 1.42
C ILE A 45 4.40 -4.06 2.23
N ILE A 46 3.20 -3.96 1.65
CA ILE A 46 1.99 -4.47 2.32
C ILE A 46 1.99 -6.00 2.40
N LEU A 47 2.44 -6.66 1.34
CA LEU A 47 2.52 -8.12 1.30
C LEU A 47 3.32 -8.67 2.50
N ASN A 48 4.56 -8.20 2.63
CA ASN A 48 5.41 -8.59 3.77
C ASN A 48 4.72 -8.32 5.11
N HIS A 49 4.14 -7.13 5.25
CA HIS A 49 3.51 -6.71 6.50
C HIS A 49 2.29 -7.59 6.85
N LEU A 50 1.52 -7.97 5.84
CA LEU A 50 0.32 -8.79 6.05
C LEU A 50 0.66 -10.24 6.42
N GLU A 51 1.59 -10.86 5.70
CA GLU A 51 2.00 -12.24 6.00
C GLU A 51 2.82 -12.32 7.29
N ASP A 52 3.59 -11.26 7.58
CA ASP A 52 4.36 -11.18 8.82
C ASP A 52 3.44 -10.99 10.03
N GLU A 53 2.57 -9.98 9.97
CA GLU A 53 1.59 -9.74 11.03
C GLU A 53 0.20 -10.25 10.62
N MET B 1 6.09 25.30 -4.44
CA MET B 1 5.48 24.02 -4.10
C MET B 1 4.43 23.60 -5.14
N VAL B 2 4.88 22.99 -6.24
CA VAL B 2 3.98 22.48 -7.27
C VAL B 2 3.07 21.37 -6.70
N GLY B 3 3.60 20.62 -5.75
CA GLY B 3 2.85 19.57 -5.06
C GLY B 3 3.60 19.05 -3.85
N ARG B 4 4.02 19.96 -2.97
CA ARG B 4 4.85 19.61 -1.81
C ARG B 4 4.36 20.32 -0.54
N ARG B 5 4.83 19.85 0.63
CA ARG B 5 4.50 20.46 1.93
C ARG B 5 3.02 20.25 2.29
N PRO B 6 2.70 19.18 3.06
CA PRO B 6 1.33 18.88 3.50
C PRO B 6 0.76 19.95 4.47
N GLY B 7 -0.46 20.39 4.21
CA GLY B 7 -1.13 21.35 5.09
C GLY B 7 -2.48 21.81 4.56
N GLY B 8 -3.26 20.88 4.02
CA GLY B 8 -4.59 21.21 3.48
C GLY B 8 -5.71 20.36 4.07
N GLY B 9 -5.57 19.04 4.00
CA GLY B 9 -6.59 18.13 4.51
C GLY B 9 -6.89 16.98 3.55
N LEU B 10 -7.64 17.26 2.49
CA LEU B 10 -8.05 16.23 1.52
C LEU B 10 -7.49 16.52 0.10
N LYS B 11 -6.35 17.22 0.05
CA LYS B 11 -5.77 17.64 -1.22
C LYS B 11 -4.26 17.37 -1.30
N ASP B 12 -3.69 16.88 -0.20
CA ASP B 12 -2.24 16.73 -0.06
C ASP B 12 -1.72 15.45 -0.72
N THR B 13 -2.47 14.36 -0.58
CA THR B 13 -2.02 13.04 -1.01
C THR B 13 -2.10 12.84 -2.53
N LYS B 14 -1.30 11.89 -3.03
CA LYS B 14 -1.34 11.48 -4.43
C LYS B 14 -1.91 10.06 -4.55
N PRO B 15 -2.91 9.84 -5.41
CA PRO B 15 -3.52 8.51 -5.60
C PRO B 15 -2.64 7.55 -6.42
N VAL B 16 -2.04 6.56 -5.74
CA VAL B 16 -1.21 5.55 -6.40
C VAL B 16 -1.87 4.17 -6.34
N VAL B 17 -1.80 3.44 -7.45
CA VAL B 17 -2.45 2.12 -7.55
C VAL B 17 -1.55 0.97 -7.08
N VAL B 18 -2.06 0.18 -6.14
CA VAL B 18 -1.37 -1.03 -5.67
C VAL B 18 -2.33 -2.23 -5.69
N ARG B 19 -1.81 -3.43 -5.92
CA ARG B 19 -2.65 -4.64 -6.03
C ARG B 19 -2.15 -5.78 -5.14
N LEU B 20 -3.09 -6.47 -4.50
CA LEU B 20 -2.77 -7.57 -3.56
C LEU B 20 -3.45 -8.89 -3.99
N TYR B 21 -3.01 -10.01 -3.41
CA TYR B 21 -3.49 -11.34 -3.79
C TYR B 21 -4.88 -11.66 -3.19
N PRO B 22 -5.79 -12.26 -4.01
CA PRO B 22 -7.20 -12.50 -3.64
C PRO B 22 -7.41 -13.06 -2.22
N ASP B 23 -6.86 -14.26 -1.95
CA ASP B 23 -7.01 -14.90 -0.64
C ASP B 23 -6.62 -13.96 0.51
N GLU B 24 -5.45 -13.34 0.38
CA GLU B 24 -4.93 -12.43 1.41
C GLU B 24 -5.78 -11.16 1.54
N ILE B 25 -6.51 -10.81 0.48
CA ILE B 25 -7.43 -9.66 0.52
C ILE B 25 -8.69 -9.96 1.35
N GLU B 26 -9.25 -11.16 1.22
CA GLU B 26 -10.39 -11.55 2.04
C GLU B 26 -9.97 -11.68 3.52
N ALA B 27 -8.76 -12.18 3.74
CA ALA B 27 -8.17 -12.19 5.08
C ALA B 27 -7.96 -10.76 5.60
N LEU B 28 -7.50 -9.88 4.71
CA LEU B 28 -7.34 -8.45 5.02
C LEU B 28 -8.65 -7.84 5.53
N LYS B 29 -9.70 -7.90 4.70
CA LYS B 29 -11.01 -7.32 5.05
C LYS B 29 -11.67 -8.06 6.24
N SER B 30 -11.03 -9.12 6.71
CA SER B 30 -11.48 -9.83 7.92
C SER B 30 -10.86 -9.21 9.19
N ARG B 31 -9.60 -8.78 9.08
CA ARG B 31 -8.87 -8.22 10.23
C ARG B 31 -8.96 -6.68 10.28
N VAL B 32 -9.82 -6.09 9.46
CA VAL B 32 -10.04 -4.64 9.50
C VAL B 32 -11.12 -4.25 10.54
N PRO B 33 -10.94 -3.11 11.22
CA PRO B 33 -11.94 -2.62 12.20
C PRO B 33 -13.28 -2.24 11.54
N ALA B 34 -14.38 -2.47 12.25
CA ALA B 34 -15.73 -2.23 11.71
C ALA B 34 -15.98 -0.75 11.33
N ASN B 35 -15.08 0.15 11.76
CA ASN B 35 -15.23 1.59 11.47
C ASN B 35 -14.05 2.13 10.64
N THR B 36 -13.19 1.24 10.15
CA THR B 36 -12.02 1.65 9.36
C THR B 36 -12.03 1.03 7.96
N SER B 37 -12.16 1.88 6.94
CA SER B 37 -12.18 1.43 5.54
C SER B 37 -10.81 0.88 5.10
N MET B 38 -10.84 -0.07 4.17
CA MET B 38 -9.63 -0.76 3.70
C MET B 38 -8.57 0.21 3.16
N SER B 39 -9.01 1.29 2.51
CA SER B 39 -8.06 2.29 1.98
C SER B 39 -7.24 2.94 3.10
N ALA B 40 -7.93 3.49 4.10
CA ALA B 40 -7.27 4.08 5.27
C ALA B 40 -6.42 3.03 6.03
N TYR B 41 -6.93 1.80 6.07
CA TYR B 41 -6.22 0.68 6.72
C TYR B 41 -4.84 0.44 6.08
N ILE B 42 -4.83 0.13 4.79
CA ILE B 42 -3.58 -0.06 4.03
C ILE B 42 -2.75 1.24 4.02
N ARG B 43 -3.43 2.38 4.02
CA ARG B 43 -2.79 3.70 3.99
C ARG B 43 -1.80 3.88 5.15
N ARG B 44 -2.20 3.44 6.35
CA ARG B 44 -1.32 3.53 7.52
C ARG B 44 -0.32 2.37 7.57
N ILE B 45 -0.66 1.25 6.92
CA ILE B 45 0.25 0.09 6.84
C ILE B 45 1.54 0.44 6.08
N ILE B 46 1.40 1.16 4.96
CA ILE B 46 2.58 1.63 4.22
C ILE B 46 3.30 2.74 4.99
N LEU B 47 2.54 3.66 5.59
CA LEU B 47 3.11 4.73 6.42
C LEU B 47 4.01 4.16 7.54
N ASN B 48 3.43 3.30 8.37
CA ASN B 48 4.17 2.63 9.46
C ASN B 48 5.26 1.67 8.93
N HIS B 49 5.44 1.63 7.61
CA HIS B 49 6.52 0.86 6.99
C HIS B 49 7.66 1.80 6.55
N LEU B 50 7.29 2.92 5.94
CA LEU B 50 8.27 3.91 5.47
C LEU B 50 9.00 4.61 6.63
N GLU B 51 8.30 4.79 7.76
CA GLU B 51 8.92 5.35 8.97
C GLU B 51 9.61 4.26 9.82
N ASP B 52 9.39 3.00 9.47
CA ASP B 52 9.92 1.87 10.23
C ASP B 52 11.14 1.23 9.52
N GLU B 53 10.91 0.58 8.39
CA GLU B 53 12.00 -0.05 7.61
C GLU B 53 12.10 0.54 6.19
N MET A 1 -3.33 -23.89 1.44
CA MET A 1 -3.82 -23.29 2.71
C MET A 1 -5.33 -23.54 2.88
N VAL A 2 -5.95 -22.89 3.87
CA VAL A 2 -7.40 -23.05 4.10
C VAL A 2 -8.24 -22.25 3.09
N GLY A 3 -7.59 -21.37 2.32
CA GLY A 3 -8.31 -20.60 1.30
C GLY A 3 -7.54 -19.37 0.82
N ARG A 4 -6.46 -19.60 0.06
CA ARG A 4 -5.65 -18.50 -0.52
C ARG A 4 -4.59 -19.03 -1.52
N ARG A 5 -3.80 -18.11 -2.07
CA ARG A 5 -2.70 -18.44 -2.99
C ARG A 5 -3.21 -18.82 -4.40
N PRO A 6 -3.26 -17.86 -5.34
CA PRO A 6 -3.72 -18.08 -6.70
C PRO A 6 -2.58 -18.40 -7.70
N GLY A 7 -2.85 -19.31 -8.63
CA GLY A 7 -1.88 -19.61 -9.69
C GLY A 7 -1.88 -18.53 -10.79
N GLY A 8 -1.54 -17.30 -10.41
CA GLY A 8 -1.65 -16.17 -11.33
C GLY A 8 -0.34 -15.74 -11.98
N GLY A 9 -0.15 -14.42 -12.06
CA GLY A 9 0.98 -13.85 -12.79
C GLY A 9 0.58 -12.55 -13.48
N LEU A 10 -0.68 -12.49 -13.92
CA LEU A 10 -1.27 -11.27 -14.47
C LEU A 10 -2.46 -10.80 -13.61
N LYS A 11 -3.28 -11.75 -13.17
CA LYS A 11 -4.45 -11.44 -12.32
C LYS A 11 -4.22 -11.82 -10.84
N ASP A 12 -2.98 -12.19 -10.52
CA ASP A 12 -2.64 -12.63 -9.16
C ASP A 12 -2.77 -11.47 -8.16
N THR A 13 -2.39 -10.28 -8.60
CA THR A 13 -2.44 -9.08 -7.77
C THR A 13 -3.42 -8.04 -8.35
N LYS A 14 -4.37 -7.60 -7.51
CA LYS A 14 -5.34 -6.59 -7.92
C LYS A 14 -4.77 -5.17 -7.73
N PRO A 15 -4.93 -4.29 -8.73
CA PRO A 15 -4.46 -2.89 -8.64
C PRO A 15 -5.32 -2.04 -7.69
N VAL A 16 -4.94 -2.02 -6.41
CA VAL A 16 -5.67 -1.26 -5.38
C VAL A 16 -5.12 0.17 -5.24
N VAL A 17 -5.96 1.17 -5.45
CA VAL A 17 -5.55 2.57 -5.36
C VAL A 17 -5.72 3.13 -3.93
N VAL A 18 -4.61 3.52 -3.32
CA VAL A 18 -4.62 4.17 -1.99
C VAL A 18 -4.13 5.62 -2.09
N ARG A 19 -3.96 6.29 -0.95
CA ARG A 19 -3.49 7.68 -0.93
C ARG A 19 -2.34 7.88 0.07
N LEU A 20 -1.28 8.56 -0.38
CA LEU A 20 -0.12 8.88 0.46
C LEU A 20 0.31 10.34 0.24
N TYR A 21 1.04 10.91 1.20
CA TYR A 21 1.45 12.33 1.12
C TYR A 21 2.58 12.56 0.10
N PRO A 22 2.48 13.65 -0.71
CA PRO A 22 3.39 13.92 -1.84
C PRO A 22 4.88 13.80 -1.51
N ASP A 23 5.30 14.41 -0.39
CA ASP A 23 6.71 14.36 0.03
C ASP A 23 7.17 12.91 0.26
N GLU A 24 6.36 12.16 1.01
CA GLU A 24 6.68 10.76 1.34
C GLU A 24 6.69 9.87 0.09
N ILE A 25 5.83 10.18 -0.88
CA ILE A 25 5.83 9.46 -2.16
C ILE A 25 7.18 9.65 -2.90
N GLU A 26 7.75 10.84 -2.78
CA GLU A 26 9.09 11.10 -3.35
C GLU A 26 10.17 10.39 -2.51
N ALA A 27 10.03 10.43 -1.19
CA ALA A 27 10.90 9.65 -0.31
C ALA A 27 10.82 8.15 -0.66
N LEU A 28 9.64 7.73 -1.12
CA LEU A 28 9.41 6.37 -1.58
C LEU A 28 10.21 6.06 -2.86
N LYS A 29 10.00 6.85 -3.91
CA LYS A 29 10.71 6.64 -5.19
C LYS A 29 12.23 6.78 -5.03
N SER A 30 12.66 7.34 -3.91
CA SER A 30 14.09 7.43 -3.59
C SER A 30 14.64 6.10 -3.04
N ARG A 31 13.77 5.33 -2.36
CA ARG A 31 14.18 4.06 -1.74
C ARG A 31 13.71 2.82 -2.54
N VAL A 32 13.30 3.03 -3.79
CA VAL A 32 12.90 1.92 -4.67
C VAL A 32 14.06 1.48 -5.59
N PRO A 33 14.18 0.16 -5.86
CA PRO A 33 15.15 -0.36 -6.85
C PRO A 33 14.76 0.03 -8.30
N ALA A 34 15.76 0.43 -9.09
CA ALA A 34 15.51 0.92 -10.47
C ALA A 34 14.70 -0.06 -11.34
N ASN A 35 14.90 -1.36 -11.14
CA ASN A 35 14.17 -2.38 -11.91
C ASN A 35 12.79 -2.66 -11.31
N THR A 36 12.59 -2.28 -10.05
CA THR A 36 11.33 -2.51 -9.34
C THR A 36 10.40 -1.30 -9.46
N SER A 37 9.37 -1.41 -10.28
CA SER A 37 8.49 -0.28 -10.59
C SER A 37 7.59 0.13 -9.41
N MET A 38 8.17 0.89 -8.47
CA MET A 38 7.45 1.51 -7.32
C MET A 38 6.34 0.63 -6.71
N SER A 39 5.20 0.51 -7.41
CA SER A 39 4.07 -0.31 -6.94
C SER A 39 4.54 -1.71 -6.51
N ALA A 40 5.45 -2.29 -7.29
CA ALA A 40 6.02 -3.60 -6.96
C ALA A 40 6.82 -3.57 -5.64
N TYR A 41 7.49 -2.45 -5.38
CA TYR A 41 8.23 -2.27 -4.13
C TYR A 41 7.27 -2.19 -2.93
N ILE A 42 6.18 -1.46 -3.09
CA ILE A 42 5.14 -1.41 -2.06
C ILE A 42 4.49 -2.80 -1.87
N ARG A 43 4.32 -3.53 -2.97
CA ARG A 43 3.79 -4.89 -2.91
C ARG A 43 4.65 -5.80 -2.02
N ARG A 44 5.96 -5.85 -2.29
CA ARG A 44 6.87 -6.67 -1.48
C ARG A 44 6.97 -6.15 -0.03
N ILE A 45 6.43 -4.97 0.21
CA ILE A 45 6.32 -4.41 1.58
C ILE A 45 5.06 -4.93 2.28
N ILE A 46 3.89 -4.65 1.70
CA ILE A 46 2.61 -5.01 2.30
C ILE A 46 2.39 -6.53 2.31
N LEU A 47 2.91 -7.23 1.29
CA LEU A 47 2.78 -8.70 1.20
C LEU A 47 3.19 -9.40 2.51
N ASN A 48 4.42 -9.15 2.95
CA ASN A 48 4.95 -9.77 4.18
C ASN A 48 4.18 -9.32 5.44
N HIS A 49 3.29 -8.34 5.28
CA HIS A 49 2.46 -7.85 6.38
C HIS A 49 1.05 -8.49 6.34
N LEU A 50 0.46 -8.56 5.15
CA LEU A 50 -0.92 -9.04 5.01
C LEU A 50 -1.02 -10.58 4.95
N GLU A 51 -0.17 -11.23 4.14
CA GLU A 51 -0.14 -12.70 4.09
C GLU A 51 0.01 -13.28 5.51
N ASP A 52 0.78 -12.58 6.35
CA ASP A 52 0.96 -12.94 7.75
C ASP A 52 -0.29 -12.55 8.56
N GLU A 53 -0.55 -11.24 8.63
CA GLU A 53 -1.72 -10.70 9.33
C GLU A 53 -2.98 -10.83 8.45
N MET B 1 11.30 23.68 -2.42
CA MET B 1 10.72 24.55 -3.46
C MET B 1 10.45 25.96 -2.87
N VAL B 2 9.26 26.13 -2.27
CA VAL B 2 8.88 27.41 -1.63
C VAL B 2 8.03 27.16 -0.38
N GLY B 3 8.09 25.93 0.15
CA GLY B 3 7.30 25.58 1.32
C GLY B 3 5.94 24.97 0.97
N ARG B 4 5.87 24.27 -0.18
CA ARG B 4 4.63 23.61 -0.61
C ARG B 4 4.42 22.30 0.18
N ARG B 5 3.96 22.45 1.41
CA ARG B 5 3.82 21.32 2.34
C ARG B 5 2.38 20.80 2.43
N PRO B 6 2.21 19.51 2.78
CA PRO B 6 0.87 18.95 3.03
C PRO B 6 0.28 19.40 4.37
N GLY B 7 -0.84 20.12 4.34
CA GLY B 7 -1.46 20.64 5.56
C GLY B 7 -2.97 20.42 5.60
N GLY B 8 -3.42 19.47 6.41
CA GLY B 8 -4.84 19.15 6.51
C GLY B 8 -5.08 17.64 6.59
N GLY B 9 -4.50 16.90 5.63
CA GLY B 9 -4.61 15.44 5.65
C GLY B 9 -5.64 14.89 4.66
N LEU B 10 -6.32 15.77 3.93
CA LEU B 10 -7.35 15.35 2.96
C LEU B 10 -6.88 15.58 1.51
N LYS B 11 -6.91 16.85 1.08
CA LYS B 11 -6.41 17.24 -0.25
C LYS B 11 -4.92 16.89 -0.42
N ASP B 12 -4.24 16.74 0.70
CA ASP B 12 -2.79 16.61 0.76
C ASP B 12 -2.32 15.16 0.51
N THR B 13 -3.12 14.40 -0.24
CA THR B 13 -2.81 12.99 -0.53
C THR B 13 -2.91 12.68 -2.02
N LYS B 14 -1.89 12.02 -2.58
CA LYS B 14 -1.88 11.65 -3.99
C LYS B 14 -2.23 10.16 -4.15
N PRO B 15 -2.92 9.79 -5.26
CA PRO B 15 -3.37 8.40 -5.48
C PRO B 15 -2.24 7.45 -5.92
N VAL B 16 -1.89 6.50 -5.05
CA VAL B 16 -0.88 5.49 -5.36
C VAL B 16 -1.54 4.12 -5.60
N VAL B 17 -1.40 3.58 -6.81
CA VAL B 17 -2.00 2.29 -7.15
C VAL B 17 -1.02 1.13 -6.91
N VAL B 18 -1.30 0.33 -5.88
CA VAL B 18 -0.44 -0.81 -5.53
C VAL B 18 -1.12 -2.16 -5.86
N ARG B 19 -0.32 -3.12 -6.31
CA ARG B 19 -0.82 -4.47 -6.60
C ARG B 19 -0.83 -5.37 -5.34
N LEU B 20 -2.01 -5.71 -4.86
CA LEU B 20 -2.17 -6.55 -3.67
C LEU B 20 -2.97 -7.84 -4.00
N TYR B 21 -2.61 -8.96 -3.36
CA TYR B 21 -3.28 -10.25 -3.62
C TYR B 21 -4.70 -10.27 -3.05
N PRO B 22 -5.69 -10.80 -3.81
CA PRO B 22 -7.09 -10.86 -3.37
C PRO B 22 -7.27 -11.61 -2.04
N ASP B 23 -6.41 -12.59 -1.79
CA ASP B 23 -6.42 -13.34 -0.53
C ASP B 23 -6.13 -12.42 0.66
N GLU B 24 -5.16 -11.53 0.46
CA GLU B 24 -4.76 -10.57 1.49
C GLU B 24 -5.85 -9.50 1.70
N ILE B 25 -6.43 -9.03 0.59
CA ILE B 25 -7.59 -8.12 0.65
C ILE B 25 -8.73 -8.78 1.46
N GLU B 26 -8.95 -10.07 1.21
CA GLU B 26 -9.95 -10.86 1.94
C GLU B 26 -9.63 -10.88 3.46
N ALA B 27 -8.40 -11.27 3.80
CA ALA B 27 -7.95 -11.34 5.19
C ALA B 27 -7.94 -9.96 5.86
N LEU B 28 -7.71 -8.92 5.06
CA LEU B 28 -7.69 -7.53 5.56
C LEU B 28 -9.05 -7.14 6.17
N LYS B 29 -10.07 -6.98 5.30
CA LYS B 29 -11.41 -6.57 5.75
C LYS B 29 -12.01 -7.57 6.76
N SER B 30 -11.52 -8.81 6.73
CA SER B 30 -11.96 -9.86 7.66
C SER B 30 -11.66 -9.50 9.12
N ARG B 31 -10.50 -8.89 9.39
CA ARG B 31 -10.08 -8.64 10.78
C ARG B 31 -10.03 -7.16 11.16
N VAL B 32 -9.82 -6.26 10.19
CA VAL B 32 -9.70 -4.82 10.50
C VAL B 32 -11.03 -4.21 10.98
N PRO B 33 -10.97 -3.25 11.93
CA PRO B 33 -12.17 -2.61 12.50
C PRO B 33 -12.93 -1.74 11.48
N ALA B 34 -14.26 -1.76 11.56
CA ALA B 34 -15.12 -1.03 10.61
C ALA B 34 -15.03 0.50 10.76
N ASN B 35 -14.14 0.97 11.64
CA ASN B 35 -13.92 2.41 11.83
C ASN B 35 -13.03 2.99 10.72
N THR B 36 -12.21 2.14 10.11
CA THR B 36 -11.28 2.57 9.05
C THR B 36 -11.36 1.65 7.84
N SER B 37 -11.77 2.20 6.70
CA SER B 37 -11.88 1.43 5.45
C SER B 37 -10.51 0.92 4.96
N MET B 38 -10.51 -0.20 4.24
CA MET B 38 -9.29 -0.84 3.74
C MET B 38 -8.34 0.16 3.05
N SER B 39 -8.91 1.01 2.18
CA SER B 39 -8.13 2.02 1.46
C SER B 39 -7.33 2.92 2.41
N ALA B 40 -7.98 3.37 3.48
CA ALA B 40 -7.33 4.23 4.47
C ALA B 40 -6.44 3.41 5.43
N TYR B 41 -6.73 2.11 5.56
CA TYR B 41 -5.97 1.24 6.44
C TYR B 41 -4.59 0.89 5.84
N ILE B 42 -4.58 0.49 4.56
CA ILE B 42 -3.32 0.23 3.84
C ILE B 42 -2.40 1.46 3.90
N ARG B 43 -3.01 2.64 3.90
CA ARG B 43 -2.29 3.91 4.02
C ARG B 43 -1.36 3.91 5.25
N ARG B 44 -1.85 3.48 6.41
CA ARG B 44 -1.03 3.46 7.63
C ARG B 44 -0.01 2.31 7.61
N ILE B 45 -0.37 1.20 6.95
CA ILE B 45 0.53 0.05 6.82
C ILE B 45 1.80 0.43 6.04
N ILE B 46 1.64 1.20 4.96
CA ILE B 46 2.80 1.69 4.20
C ILE B 46 3.44 2.90 4.90
N LEU B 47 2.62 3.76 5.48
CA LEU B 47 3.10 4.95 6.22
C LEU B 47 4.18 4.57 7.24
N ASN B 48 3.84 3.65 8.16
CA ASN B 48 4.78 3.21 9.19
C ASN B 48 5.95 2.40 8.61
N HIS B 49 5.93 2.15 7.31
CA HIS B 49 7.06 1.49 6.64
C HIS B 49 7.92 2.53 5.89
N LEU B 50 7.34 3.70 5.61
CA LEU B 50 8.12 4.81 5.03
C LEU B 50 9.00 5.48 6.09
N GLU B 51 8.45 5.64 7.30
CA GLU B 51 9.23 6.16 8.44
C GLU B 51 10.11 5.06 9.08
N ASP B 52 10.09 3.86 8.48
CA ASP B 52 10.81 2.72 9.03
C ASP B 52 11.52 1.93 7.91
N GLU B 53 12.18 0.84 8.26
CA GLU B 53 12.88 -0.02 7.30
C GLU B 53 11.89 -0.94 6.53
N MET A 1 -7.85 -19.25 0.43
CA MET A 1 -6.82 -20.27 0.09
C MET A 1 -6.11 -20.79 1.35
N VAL A 2 -5.74 -22.07 1.34
CA VAL A 2 -5.03 -22.69 2.46
C VAL A 2 -3.52 -22.37 2.43
N GLY A 3 -3.05 -21.78 1.33
CA GLY A 3 -1.64 -21.44 1.20
C GLY A 3 -1.18 -21.37 -0.25
N ARG A 4 -1.70 -22.25 -1.09
CA ARG A 4 -1.38 -22.24 -2.53
C ARG A 4 -1.82 -20.94 -3.20
N ARG A 5 -0.86 -20.27 -3.83
CA ARG A 5 -1.09 -18.97 -4.49
C ARG A 5 -1.20 -19.14 -6.03
N PRO A 6 -2.13 -18.41 -6.68
CA PRO A 6 -2.32 -18.47 -8.14
C PRO A 6 -1.11 -17.94 -8.92
N GLY A 7 -1.05 -18.24 -10.23
CA GLY A 7 0.07 -17.80 -11.06
C GLY A 7 -0.36 -16.99 -12.28
N GLY A 8 0.45 -16.00 -12.65
CA GLY A 8 0.15 -15.18 -13.82
C GLY A 8 1.08 -13.98 -13.98
N GLY A 9 1.00 -13.03 -13.05
CA GLY A 9 1.77 -11.80 -13.14
C GLY A 9 0.89 -10.57 -13.43
N LEU A 10 -0.42 -10.77 -13.49
CA LEU A 10 -1.38 -9.71 -13.83
C LEU A 10 -2.63 -9.77 -12.95
N LYS A 11 -3.51 -10.73 -13.25
CA LYS A 11 -4.82 -10.85 -12.60
C LYS A 11 -4.80 -11.81 -11.40
N ASP A 12 -3.63 -12.35 -11.07
CA ASP A 12 -3.46 -13.19 -9.88
C ASP A 12 -3.53 -12.35 -8.60
N THR A 13 -2.90 -11.18 -8.64
CA THR A 13 -2.98 -10.20 -7.55
C THR A 13 -3.81 -8.98 -7.99
N LYS A 14 -4.96 -8.78 -7.34
CA LYS A 14 -5.93 -7.75 -7.76
C LYS A 14 -5.45 -6.33 -7.41
N PRO A 15 -5.66 -5.35 -8.32
CA PRO A 15 -5.20 -3.97 -8.13
C PRO A 15 -6.13 -3.10 -7.24
N VAL A 16 -5.68 -2.81 -6.04
CA VAL A 16 -6.39 -1.90 -5.12
C VAL A 16 -5.66 -0.54 -5.03
N VAL A 17 -6.39 0.53 -4.74
CA VAL A 17 -5.78 1.87 -4.66
C VAL A 17 -5.59 2.34 -3.21
N VAL A 18 -4.51 3.10 -2.95
CA VAL A 18 -4.22 3.66 -1.63
C VAL A 18 -3.51 5.01 -1.73
N ARG A 19 -4.12 6.05 -1.16
CA ARG A 19 -3.53 7.40 -1.17
C ARG A 19 -2.34 7.51 -0.19
N LEU A 20 -1.13 7.63 -0.75
CA LEU A 20 0.10 7.75 0.05
C LEU A 20 0.54 9.22 0.18
N TYR A 21 1.31 9.51 1.24
CA TYR A 21 1.76 10.88 1.53
C TYR A 21 2.77 11.39 0.47
N PRO A 22 2.52 12.58 -0.10
CA PRO A 22 3.26 13.08 -1.28
C PRO A 22 4.79 13.21 -1.08
N ASP A 23 5.21 14.11 -0.21
CA ASP A 23 6.63 14.36 0.03
C ASP A 23 7.35 13.11 0.59
N GLU A 24 6.61 12.23 1.25
CA GLU A 24 7.20 10.98 1.77
C GLU A 24 7.47 9.99 0.62
N ILE A 25 6.70 10.10 -0.47
CA ILE A 25 7.00 9.36 -1.70
C ILE A 25 8.34 9.82 -2.31
N GLU A 26 8.62 11.12 -2.18
CA GLU A 26 9.88 11.70 -2.64
C GLU A 26 11.09 11.02 -1.96
N ALA A 27 11.07 10.98 -0.63
CA ALA A 27 12.11 10.32 0.14
C ALA A 27 12.20 8.82 -0.20
N LEU A 28 11.04 8.19 -0.39
CA LEU A 28 10.99 6.76 -0.71
C LEU A 28 11.63 6.44 -2.08
N LYS A 29 11.20 7.16 -3.13
CA LYS A 29 11.72 6.92 -4.49
C LYS A 29 13.23 7.21 -4.59
N SER A 30 13.77 7.89 -3.58
CA SER A 30 15.21 8.20 -3.52
C SER A 30 16.06 6.93 -3.30
N ARG A 31 15.40 5.83 -2.93
CA ARG A 31 16.13 4.57 -2.62
C ARG A 31 15.41 3.33 -3.19
N VAL A 32 14.63 3.50 -4.26
CA VAL A 32 13.92 2.37 -4.89
C VAL A 32 14.67 1.84 -6.13
N PRO A 33 14.44 0.55 -6.49
CA PRO A 33 15.05 -0.06 -7.69
C PRO A 33 14.47 0.49 -9.01
N ALA A 34 15.19 0.26 -10.11
CA ALA A 34 14.83 0.82 -11.42
C ALA A 34 13.74 -0.01 -12.14
N ASN A 35 13.83 -1.34 -12.08
CA ASN A 35 12.91 -2.20 -12.81
C ASN A 35 11.66 -2.57 -11.97
N THR A 36 11.37 -1.77 -10.96
CA THR A 36 10.23 -2.02 -10.07
C THR A 36 9.36 -0.77 -9.88
N SER A 37 8.08 -0.86 -10.24
CA SER A 37 7.14 0.25 -10.06
C SER A 37 6.63 0.30 -8.61
N MET A 38 6.00 1.40 -8.24
CA MET A 38 5.41 1.54 -6.91
C MET A 38 4.33 0.46 -6.66
N SER A 39 3.69 0.01 -7.74
CA SER A 39 2.67 -1.04 -7.66
C SER A 39 3.27 -2.36 -7.14
N ALA A 40 4.43 -2.72 -7.67
CA ALA A 40 5.12 -3.95 -7.25
C ALA A 40 5.86 -3.75 -5.91
N TYR A 41 6.44 -2.57 -5.73
CA TYR A 41 7.17 -2.24 -4.50
C TYR A 41 6.24 -2.24 -3.27
N ILE A 42 5.19 -1.42 -3.30
CA ILE A 42 4.23 -1.36 -2.21
C ILE A 42 3.58 -2.73 -1.95
N ARG A 43 3.46 -3.54 -3.01
CA ARG A 43 2.89 -4.89 -2.89
C ARG A 43 3.70 -5.76 -1.93
N ARG A 44 5.03 -5.73 -2.03
CA ARG A 44 5.87 -6.53 -1.12
C ARG A 44 5.71 -6.04 0.33
N ILE A 45 5.55 -4.72 0.50
CA ILE A 45 5.37 -4.13 1.83
C ILE A 45 4.12 -4.69 2.53
N ILE A 46 2.96 -4.53 1.87
CA ILE A 46 1.70 -5.03 2.42
C ILE A 46 1.70 -6.56 2.54
N LEU A 47 2.26 -7.24 1.53
CA LEU A 47 2.33 -8.70 1.53
C LEU A 47 3.04 -9.24 2.80
N ASN A 48 4.20 -8.66 3.13
CA ASN A 48 4.91 -9.03 4.36
C ASN A 48 4.03 -8.80 5.61
N HIS A 49 3.22 -7.74 5.59
CA HIS A 49 2.33 -7.44 6.71
C HIS A 49 1.23 -8.52 6.86
N LEU A 50 0.71 -9.00 5.74
CA LEU A 50 -0.34 -10.04 5.75
C LEU A 50 0.23 -11.41 6.15
N GLU A 51 1.37 -11.80 5.56
CA GLU A 51 2.01 -13.08 5.91
C GLU A 51 2.57 -13.05 7.35
N ASP A 52 2.83 -11.85 7.86
CA ASP A 52 3.23 -11.68 9.25
C ASP A 52 2.04 -11.90 10.19
N GLU A 53 0.93 -11.24 9.91
CA GLU A 53 -0.31 -11.43 10.67
C GLU A 53 -1.27 -12.35 9.90
N MET B 1 10.80 26.86 6.57
CA MET B 1 9.90 26.04 5.76
C MET B 1 10.18 26.19 4.25
N VAL B 2 10.65 25.12 3.63
CA VAL B 2 10.94 25.12 2.19
C VAL B 2 10.02 24.14 1.42
N GLY B 3 9.54 23.11 2.09
CA GLY B 3 8.70 22.11 1.43
C GLY B 3 7.83 21.27 2.36
N ARG B 4 7.63 21.73 3.59
CA ARG B 4 6.75 21.02 4.54
C ARG B 4 5.38 21.72 4.67
N ARG B 5 4.36 20.92 4.95
CA ARG B 5 2.97 21.40 5.06
C ARG B 5 2.41 21.89 3.71
N PRO B 6 1.76 20.99 2.94
CA PRO B 6 1.11 21.34 1.66
C PRO B 6 -0.29 21.96 1.85
N GLY B 7 -1.26 21.15 2.25
CA GLY B 7 -2.63 21.63 2.41
C GLY B 7 -3.26 21.26 3.76
N GLY B 8 -3.66 20.00 3.90
CA GLY B 8 -4.31 19.56 5.14
C GLY B 8 -4.83 18.12 5.08
N GLY B 9 -4.06 17.23 4.46
CA GLY B 9 -4.42 15.81 4.38
C GLY B 9 -5.59 15.51 3.45
N LEU B 10 -6.06 16.51 2.70
CA LEU B 10 -7.22 16.35 1.81
C LEU B 10 -6.79 16.13 0.34
N LYS B 11 -6.11 17.11 -0.23
CA LYS B 11 -5.59 17.01 -1.60
C LYS B 11 -4.10 16.64 -1.59
N ASP B 12 -3.58 16.41 -0.40
CA ASP B 12 -2.16 16.13 -0.19
C ASP B 12 -1.76 14.73 -0.67
N THR B 13 -2.39 13.70 -0.09
CA THR B 13 -2.03 12.31 -0.38
C THR B 13 -2.41 11.89 -1.81
N LYS B 14 -1.46 11.25 -2.51
CA LYS B 14 -1.66 10.84 -3.91
C LYS B 14 -2.08 9.35 -4.01
N PRO B 15 -3.19 9.06 -4.73
CA PRO B 15 -3.67 7.67 -4.93
C PRO B 15 -2.67 6.78 -5.71
N VAL B 16 -2.04 5.86 -4.99
CA VAL B 16 -1.10 4.90 -5.59
C VAL B 16 -1.80 3.55 -5.88
N VAL B 17 -1.51 2.96 -7.03
CA VAL B 17 -2.07 1.66 -7.41
C VAL B 17 -1.16 0.51 -6.92
N VAL B 18 -1.74 -0.47 -6.23
CA VAL B 18 -0.98 -1.62 -5.72
C VAL B 18 -1.79 -2.92 -5.90
N ARG B 19 -1.11 -4.06 -5.98
CA ARG B 19 -1.77 -5.37 -6.17
C ARG B 19 -1.73 -6.22 -4.88
N LEU B 20 -2.79 -7.00 -4.64
CA LEU B 20 -2.85 -7.92 -3.49
C LEU B 20 -3.69 -9.17 -3.83
N TYR B 21 -3.42 -10.29 -3.15
CA TYR B 21 -4.15 -11.54 -3.40
C TYR B 21 -5.62 -11.44 -2.93
N PRO B 22 -6.58 -11.95 -3.74
CA PRO B 22 -8.02 -11.88 -3.43
C PRO B 22 -8.37 -12.38 -2.01
N ASP B 23 -7.89 -13.57 -1.68
CA ASP B 23 -8.15 -14.18 -0.37
C ASP B 23 -7.64 -13.29 0.78
N GLU B 24 -6.44 -12.73 0.61
CA GLU B 24 -5.83 -11.88 1.63
C GLU B 24 -6.54 -10.51 1.71
N ILE B 25 -7.06 -10.03 0.58
CA ILE B 25 -7.92 -8.84 0.57
C ILE B 25 -9.17 -9.09 1.43
N GLU B 26 -9.77 -10.26 1.25
CA GLU B 26 -10.95 -10.67 2.01
C GLU B 26 -10.62 -10.89 3.50
N ALA B 27 -9.50 -11.56 3.76
CA ALA B 27 -9.05 -11.81 5.13
C ALA B 27 -8.76 -10.49 5.87
N LEU B 28 -8.19 -9.52 5.15
CA LEU B 28 -7.88 -8.20 5.72
C LEU B 28 -9.15 -7.46 6.14
N LYS B 29 -10.13 -7.35 5.22
CA LYS B 29 -11.38 -6.66 5.53
C LYS B 29 -12.16 -7.36 6.66
N SER B 30 -11.81 -8.62 6.92
CA SER B 30 -12.42 -9.41 8.00
C SER B 30 -11.83 -9.07 9.38
N ARG B 31 -10.83 -8.18 9.41
CA ARG B 31 -10.16 -7.82 10.67
C ARG B 31 -9.86 -6.31 10.78
N VAL B 32 -10.51 -5.49 9.95
CA VAL B 32 -10.32 -4.03 9.99
C VAL B 32 -11.42 -3.33 10.81
N PRO B 33 -11.13 -2.13 11.36
CA PRO B 33 -12.11 -1.32 12.12
C PRO B 33 -13.20 -0.73 11.20
N ALA B 34 -14.44 -0.73 11.68
CA ALA B 34 -15.60 -0.27 10.89
C ALA B 34 -15.50 1.22 10.53
N ASN B 35 -14.62 1.96 11.21
CA ASN B 35 -14.44 3.40 10.95
C ASN B 35 -13.42 3.68 9.83
N THR B 36 -12.61 2.68 9.48
CA THR B 36 -11.53 2.87 8.51
C THR B 36 -11.60 1.86 7.36
N SER B 37 -11.82 2.36 6.14
CA SER B 37 -11.83 1.51 4.95
C SER B 37 -10.46 0.91 4.67
N MET B 38 -10.42 -0.14 3.83
CA MET B 38 -9.18 -0.86 3.55
C MET B 38 -8.09 0.05 2.95
N SER B 39 -8.46 0.85 1.95
CA SER B 39 -7.50 1.77 1.31
C SER B 39 -6.88 2.74 2.33
N ALA B 40 -7.75 3.40 3.11
CA ALA B 40 -7.32 4.31 4.17
C ALA B 40 -6.46 3.60 5.22
N TYR B 41 -6.73 2.31 5.44
CA TYR B 41 -5.99 1.51 6.41
C TYR B 41 -4.60 1.13 5.87
N ILE B 42 -4.54 0.72 4.61
CA ILE B 42 -3.25 0.42 3.95
C ILE B 42 -2.32 1.64 4.02
N ARG B 43 -2.91 2.83 3.87
CA ARG B 43 -2.18 4.10 3.99
C ARG B 43 -1.32 4.14 5.26
N ARG B 44 -1.94 3.86 6.41
CA ARG B 44 -1.23 3.90 7.69
C ARG B 44 -0.37 2.65 7.92
N ILE B 45 -0.70 1.55 7.22
CA ILE B 45 0.12 0.33 7.27
C ILE B 45 1.49 0.57 6.62
N ILE B 46 1.48 1.08 5.39
CA ILE B 46 2.72 1.38 4.67
C ILE B 46 3.44 2.61 5.25
N LEU B 47 2.68 3.45 5.96
CA LEU B 47 3.25 4.61 6.66
C LEU B 47 4.44 4.21 7.58
N ASN B 48 4.26 3.11 8.31
CA ASN B 48 5.31 2.59 9.20
C ASN B 48 6.62 2.33 8.43
N HIS B 49 6.48 1.97 7.16
CA HIS B 49 7.62 1.67 6.29
C HIS B 49 8.51 2.92 6.06
N LEU B 50 7.93 4.12 6.27
CA LEU B 50 8.66 5.37 6.06
C LEU B 50 9.27 5.93 7.35
N GLU B 51 8.97 5.31 8.50
CA GLU B 51 9.48 5.78 9.80
C GLU B 51 10.43 4.75 10.45
N ASP B 52 10.64 3.60 9.80
CA ASP B 52 11.58 2.59 10.31
C ASP B 52 12.87 2.57 9.48
N GLU B 53 12.74 2.31 8.17
CA GLU B 53 13.89 2.33 7.25
C GLU B 53 14.08 3.72 6.63
#